data_4X3V
#
_entry.id   4X3V
#
_cell.length_a   71.880
_cell.length_b   110.498
_cell.length_c   216.721
_cell.angle_alpha   90.00
_cell.angle_beta   90.00
_cell.angle_gamma   90.00
#
_symmetry.space_group_name_H-M   'P 21 21 21'
#
loop_
_entity.id
_entity.type
_entity.pdbx_description
1 polymer 'Ribonucleoside-diphosphate reductase large subunit'
2 non-polymer "THYMIDINE-5'-TRIPHOSPHATE"
3 non-polymer N~6~-{N-[(1,3-dioxo-1,3-dihydro-2H-isoindol-2-yl)acetyl]-2-methyl-D-alanyl}-D-lysine
#
_entity_poly.entity_id   1
_entity_poly.type   'polypeptide(L)'
_entity_poly.pdbx_seq_one_letter_code
;MHVIKRDGRQERVMFDKITSRIQKLCYGLNMDFVDPAQITMKVIQGLYSGVTTVELDTLAAETAATLTTKHPDYAILAAR
IAVSNLHKETKKVFSDVMEDLYNYINPHNGKHSPMVAKSTLDIVLANKDRLNSAIIYDRDFSYNYFGFKTLERSYLLKIN
GKVAERPQHMLMRVSVGIHKEDIDAAIETYNLLSERWFTHASPTLFNAGTNRPQLSSCFLLSMKDDSIEGIYDTLKQCAL
ISKSAGGIGVAVSCIRATGSYIAGTNGNSNGLVPMLRVYNNTARYVDQGGNKRPGAFAIYLEPWHLDIFEFLDLKKNTGK
EEQRARDLFFALWIPDLFMKRVETNQDWSLMCPNECPGLDEVWGEEFEKLYASYEKQGRVRKVVKAQQLWYAIIESQTET
GTPYMLYKDSCNRKSNQQNLGTIKCSNLCTEIVEYTSKDEVAVCNLASLALNMYVTSEHTYDFKKLAEVTKVVVRNLNKI
IDINYYPVPEACLSNKRHRPIGIGVQGLADAFILMRYPFESAEAQLLNKQIFETIYYGALEASCDLAKEQGPYETYEGSP
VSKGILQYDMWNVTPTDLWDWKVLKEKIAKYGIRNSLLIAPMPTASTAQILGNNESIEPYTSNIYTRRVLSGEFQIVNPH
LLKDLTERGLWHEEMKNQIIACNGSIQSIPEIPDDLKQLYKTVWEISQKTVLKMAAERGAFIDQSQSLNIHIAEPNYGKL
TSMHFYGWKQGLKTGMYYLRTRPAANPIQFTLNKEKLKDKEKVSKEEEEKERNTAAMVCSLENRDECLMCGS
;
_entity_poly.pdbx_strand_id   A,B
#
# COMPACT_ATOMS: atom_id res chain seq x y z
N MET A 14 -36.80 41.14 24.38
CA MET A 14 -37.02 42.53 23.99
C MET A 14 -35.74 43.14 23.44
N PHE A 15 -35.88 44.07 22.50
CA PHE A 15 -34.76 44.80 21.92
C PHE A 15 -33.88 45.46 22.98
N ASP A 16 -34.53 46.11 23.95
CA ASP A 16 -33.83 46.79 25.03
C ASP A 16 -33.30 45.81 26.08
N LYS A 17 -33.53 44.52 25.85
CA LYS A 17 -33.04 43.49 26.75
C LYS A 17 -31.76 42.85 26.21
N ILE A 18 -31.65 42.81 24.88
CA ILE A 18 -30.46 42.24 24.25
C ILE A 18 -29.34 43.26 24.17
N THR A 19 -29.66 44.48 23.75
CA THR A 19 -28.67 45.55 23.67
C THR A 19 -27.96 45.78 25.02
N SER A 20 -28.63 45.42 26.12
CA SER A 20 -28.04 45.53 27.45
C SER A 20 -27.06 44.40 27.71
N ARG A 21 -27.51 43.21 27.32
CA ARG A 21 -26.78 41.97 27.20
C ARG A 21 -25.57 42.10 26.27
N ILE A 22 -25.57 43.14 25.43
CA ILE A 22 -24.55 43.28 24.39
C ILE A 22 -23.32 44.16 24.75
N GLN A 23 -23.43 45.41 25.22
CA GLN A 23 -22.13 46.06 25.46
C GLN A 23 -21.73 45.70 26.88
N LYS A 24 -22.40 44.71 27.45
CA LYS A 24 -21.91 44.13 28.70
C LYS A 24 -20.73 43.23 28.33
N LEU A 25 -20.22 43.44 27.12
CA LEU A 25 -19.09 42.72 26.55
C LEU A 25 -18.31 43.60 25.58
N CYS A 26 -18.74 44.85 25.39
CA CYS A 26 -18.09 45.73 24.42
C CYS A 26 -17.01 46.62 25.04
N TYR A 27 -16.54 46.24 26.23
CA TYR A 27 -15.39 46.91 26.81
C TYR A 27 -14.15 46.64 25.96
N GLY A 28 -13.29 47.64 25.84
CA GLY A 28 -12.05 47.46 25.09
C GLY A 28 -12.25 47.58 23.58
N LEU A 29 -13.49 47.48 23.15
CA LEU A 29 -13.83 47.66 21.75
C LEU A 29 -14.09 49.13 21.50
N ASN A 30 -13.20 49.76 20.75
CA ASN A 30 -13.28 51.20 20.53
C ASN A 30 -14.66 51.52 19.96
N MET A 31 -15.57 51.85 20.84
CA MET A 31 -16.98 51.92 20.47
C MET A 31 -17.46 52.97 19.40
N ASP A 32 -16.60 53.70 18.69
CA ASP A 32 -17.13 54.53 17.53
C ASP A 32 -17.58 53.67 16.33
N PHE A 33 -16.79 52.86 15.65
CA PHE A 33 -17.44 52.21 14.49
C PHE A 33 -17.94 50.81 14.84
N VAL A 34 -18.18 50.64 16.14
CA VAL A 34 -18.95 49.54 16.67
C VAL A 34 -20.25 50.09 17.28
N ASP A 35 -21.32 49.35 17.08
CA ASP A 35 -22.68 49.70 17.49
C ASP A 35 -23.49 48.44 17.78
N PRO A 36 -23.86 48.27 19.05
CA PRO A 36 -24.53 47.09 19.63
C PRO A 36 -25.91 46.82 19.05
N ALA A 37 -26.60 47.88 18.65
CA ALA A 37 -27.96 47.76 18.16
C ALA A 37 -28.05 46.95 16.86
N GLN A 38 -27.15 47.22 15.92
CA GLN A 38 -27.17 46.52 14.63
C GLN A 38 -26.94 45.03 14.80
N ILE A 39 -26.43 44.62 15.94
CA ILE A 39 -26.33 43.21 16.29
C ILE A 39 -27.70 42.72 16.70
N THR A 40 -28.28 43.40 17.70
CA THR A 40 -29.60 43.04 18.24
C THR A 40 -30.64 43.10 17.11
N MET A 41 -30.38 43.96 16.17
CA MET A 41 -31.29 44.14 15.07
C MET A 41 -31.39 42.95 14.06
N LYS A 42 -30.28 42.23 13.94
CA LYS A 42 -30.21 41.22 12.90
C LYS A 42 -30.60 39.92 13.57
N VAL A 43 -30.60 39.93 14.90
CA VAL A 43 -30.95 38.74 15.66
C VAL A 43 -32.45 38.69 15.93
N ILE A 44 -33.08 39.87 16.01
CA ILE A 44 -34.53 39.95 16.19
C ILE A 44 -35.27 39.29 15.03
N GLN A 45 -34.52 38.98 13.96
CA GLN A 45 -35.04 38.19 12.85
C GLN A 45 -35.27 36.75 13.28
N GLY A 46 -34.84 36.41 14.49
CA GLY A 46 -35.15 35.12 15.08
C GLY A 46 -36.61 35.02 15.44
N LEU A 47 -37.23 36.19 15.62
CA LEU A 47 -38.68 36.34 15.81
C LEU A 47 -39.22 35.74 17.12
N TYR A 48 -38.35 35.07 17.87
CA TYR A 48 -38.75 34.44 19.14
C TYR A 48 -39.91 33.47 18.96
N SER A 49 -40.76 33.38 19.98
CA SER A 49 -41.83 32.37 20.05
C SER A 49 -41.23 30.98 19.83
N GLY A 50 -40.06 30.79 20.44
CA GLY A 50 -39.25 29.59 20.24
C GLY A 50 -37.82 29.97 20.57
N VAL A 51 -36.87 29.14 20.15
CA VAL A 51 -35.43 29.36 20.38
C VAL A 51 -35.09 29.38 21.88
N THR A 52 -34.06 28.63 22.26
CA THR A 52 -33.65 28.56 23.66
C THR A 52 -32.90 29.81 24.10
N THR A 53 -32.33 29.73 25.30
CA THR A 53 -31.59 30.83 25.88
C THR A 53 -30.18 30.90 25.29
N VAL A 54 -29.80 29.87 24.55
CA VAL A 54 -28.45 29.79 23.98
C VAL A 54 -28.42 29.93 22.45
N GLU A 55 -29.33 29.24 21.74
CA GLU A 55 -29.62 29.57 20.32
C GLU A 55 -29.64 31.06 20.02
N LEU A 56 -30.11 31.86 20.97
CA LEU A 56 -30.02 33.30 20.85
C LEU A 56 -28.56 33.65 20.66
N ASP A 57 -27.81 33.47 21.73
CA ASP A 57 -26.38 33.72 21.80
C ASP A 57 -25.59 32.99 20.70
N THR A 58 -26.17 31.92 20.16
CA THR A 58 -25.57 31.22 19.04
C THR A 58 -25.51 32.13 17.82
N LEU A 59 -26.67 32.52 17.30
CA LEU A 59 -26.72 33.33 16.11
C LEU A 59 -26.41 34.80 16.43
N ALA A 60 -26.42 35.14 17.72
CA ALA A 60 -26.05 36.47 18.15
C ALA A 60 -24.54 36.69 17.99
N ALA A 61 -23.77 35.64 18.26
CA ALA A 61 -22.32 35.68 18.06
C ALA A 61 -22.02 35.68 16.56
N GLU A 62 -22.46 34.62 15.89
CA GLU A 62 -22.75 34.60 14.45
C GLU A 62 -23.04 35.96 13.77
N THR A 63 -24.08 36.67 14.21
CA THR A 63 -24.33 38.02 13.70
C THR A 63 -23.19 38.99 13.92
N ALA A 64 -22.54 38.95 15.09
CA ALA A 64 -21.45 39.89 15.33
C ALA A 64 -20.22 39.56 14.48
N ALA A 65 -19.99 38.27 14.28
CA ALA A 65 -18.86 37.81 13.47
C ALA A 65 -19.03 38.17 12.01
N THR A 66 -20.28 38.31 11.59
CA THR A 66 -20.60 38.77 10.25
C THR A 66 -20.03 40.15 10.02
N LEU A 67 -20.08 40.98 11.06
CA LEU A 67 -19.75 42.39 10.95
C LEU A 67 -18.29 42.73 11.25
N THR A 68 -17.39 41.79 11.00
CA THR A 68 -15.94 42.04 11.09
C THR A 68 -15.56 42.99 9.96
N THR A 69 -16.57 43.36 9.19
CA THR A 69 -16.35 44.00 7.93
C THR A 69 -16.26 45.47 8.32
N LYS A 70 -17.06 45.81 9.34
CA LYS A 70 -17.13 47.16 9.87
C LYS A 70 -15.97 47.47 10.80
N HIS A 71 -15.56 46.46 11.58
CA HIS A 71 -14.43 46.60 12.48
C HIS A 71 -13.96 45.22 12.95
N PRO A 72 -12.63 45.03 13.04
CA PRO A 72 -12.09 43.75 13.52
C PRO A 72 -12.39 43.53 14.99
N ASP A 73 -12.94 44.57 15.64
CA ASP A 73 -13.41 44.43 16.99
C ASP A 73 -14.76 43.71 17.04
N TYR A 74 -15.54 43.73 15.96
CA TYR A 74 -16.78 42.95 16.00
C TYR A 74 -16.45 41.48 16.11
N ALA A 75 -15.29 41.09 15.62
CA ALA A 75 -14.85 39.70 15.70
C ALA A 75 -14.51 39.34 17.13
N ILE A 76 -13.77 40.22 17.79
CA ILE A 76 -13.37 40.02 19.18
C ILE A 76 -14.60 39.99 20.09
N LEU A 77 -15.59 40.82 19.77
CA LEU A 77 -16.86 40.82 20.48
C LEU A 77 -17.60 39.52 20.24
N ALA A 78 -17.66 39.13 18.98
CA ALA A 78 -18.34 37.90 18.56
C ALA A 78 -17.79 36.70 19.33
N ALA A 79 -16.50 36.77 19.67
CA ALA A 79 -15.89 35.77 20.53
C ALA A 79 -16.60 35.73 21.87
N ARG A 80 -16.43 36.80 22.66
CA ARG A 80 -16.95 36.90 24.02
C ARG A 80 -18.40 36.40 24.13
N ILE A 81 -19.22 36.77 23.16
CA ILE A 81 -20.61 36.31 23.10
C ILE A 81 -20.67 34.78 23.15
N ALA A 82 -19.94 34.14 22.24
CA ALA A 82 -19.83 32.70 22.23
C ALA A 82 -19.11 32.21 23.48
N VAL A 83 -18.14 32.99 23.94
CA VAL A 83 -17.34 32.61 25.10
C VAL A 83 -18.10 32.75 26.42
N SER A 84 -18.75 33.90 26.61
CA SER A 84 -19.50 34.14 27.85
C SER A 84 -20.64 33.14 27.97
N ASN A 85 -21.09 32.63 26.84
CA ASN A 85 -22.01 31.50 26.83
C ASN A 85 -21.31 30.21 26.41
N LEU A 86 -20.02 30.13 26.75
CA LEU A 86 -19.33 28.86 26.83
C LEU A 86 -19.07 28.61 28.30
N HIS A 87 -18.74 29.68 29.01
CA HIS A 87 -18.51 29.64 30.45
C HIS A 87 -19.80 29.36 31.20
N LYS A 88 -20.93 29.72 30.61
CA LYS A 88 -22.23 29.42 31.18
C LYS A 88 -22.50 27.92 31.12
N GLU A 89 -22.08 27.30 30.01
CA GLU A 89 -22.33 25.88 29.79
C GLU A 89 -21.08 25.02 30.00
N THR A 90 -20.25 25.44 30.94
CA THR A 90 -19.05 24.71 31.34
C THR A 90 -18.83 25.04 32.82
N LYS A 91 -18.65 24.08 33.71
CA LYS A 91 -18.26 24.52 35.06
C LYS A 91 -16.83 25.04 35.17
N LYS A 92 -16.75 25.97 36.10
CA LYS A 92 -15.89 27.14 36.03
C LYS A 92 -14.52 26.92 36.63
N VAL A 93 -14.27 25.70 37.09
CA VAL A 93 -13.03 25.40 37.76
C VAL A 93 -12.28 24.28 37.05
N PHE A 94 -10.97 24.47 36.90
CA PHE A 94 -10.10 23.59 36.13
C PHE A 94 -10.07 22.15 36.62
N SER A 95 -9.89 21.97 37.91
CA SER A 95 -9.79 20.63 38.47
C SER A 95 -11.06 19.83 38.22
N ASP A 96 -12.22 20.50 38.29
CA ASP A 96 -13.48 19.86 37.92
C ASP A 96 -13.46 19.35 36.49
N VAL A 97 -13.08 20.23 35.57
CA VAL A 97 -13.00 19.87 34.16
C VAL A 97 -12.12 18.64 33.97
N MET A 98 -10.95 18.65 34.59
CA MET A 98 -10.04 17.52 34.52
C MET A 98 -10.66 16.25 35.09
N GLU A 99 -11.42 16.39 36.17
CA GLU A 99 -12.06 15.24 36.82
C GLU A 99 -13.05 14.56 35.90
N ASP A 100 -14.02 15.32 35.40
CA ASP A 100 -15.01 14.76 34.50
C ASP A 100 -14.39 14.23 33.22
N LEU A 101 -13.23 14.78 32.86
CA LEU A 101 -12.53 14.36 31.65
C LEU A 101 -11.87 13.00 31.80
N TYR A 102 -11.65 12.56 33.03
CA TYR A 102 -11.08 11.23 33.26
C TYR A 102 -12.17 10.25 33.66
N ASN A 103 -13.19 10.75 34.36
CA ASN A 103 -14.35 9.94 34.70
C ASN A 103 -15.37 9.97 33.56
N TYR A 104 -14.84 9.96 32.34
CA TYR A 104 -15.64 9.92 31.14
C TYR A 104 -16.00 8.48 30.79
N ILE A 105 -17.23 8.28 30.35
CA ILE A 105 -17.67 6.98 29.86
C ILE A 105 -18.31 7.13 28.48
N ASN A 106 -17.76 6.44 27.50
CA ASN A 106 -18.36 6.42 26.16
C ASN A 106 -19.69 5.70 26.17
N PRO A 107 -20.79 6.46 25.98
CA PRO A 107 -22.14 5.89 26.10
C PRO A 107 -22.69 5.29 24.82
N HIS A 108 -21.82 4.99 23.86
CA HIS A 108 -22.18 4.24 22.67
C HIS A 108 -21.87 2.79 22.92
N ASN A 109 -21.24 2.60 24.07
CA ASN A 109 -20.37 1.48 24.37
C ASN A 109 -20.53 1.09 25.84
N GLY A 110 -19.94 1.93 26.71
CA GLY A 110 -20.02 1.73 28.13
C GLY A 110 -18.67 1.57 28.79
N LYS A 111 -17.62 1.26 28.02
CA LYS A 111 -16.31 1.05 28.63
C LYS A 111 -15.73 2.37 29.11
N HIS A 112 -14.90 2.29 30.15
CA HIS A 112 -14.28 3.48 30.72
C HIS A 112 -13.23 4.05 29.77
N SER A 113 -13.37 5.32 29.44
CA SER A 113 -12.46 5.99 28.51
C SER A 113 -11.96 7.31 29.08
N PRO A 114 -10.72 7.29 29.60
CA PRO A 114 -10.11 8.48 30.23
C PRO A 114 -9.52 9.43 29.21
N MET A 115 -10.18 10.57 28.99
CA MET A 115 -9.79 11.50 27.94
C MET A 115 -8.54 12.29 28.29
N VAL A 116 -8.36 12.60 29.57
CA VAL A 116 -7.10 13.18 30.02
C VAL A 116 -6.17 12.06 30.44
N ALA A 117 -5.32 12.32 31.43
CA ALA A 117 -4.53 11.24 31.96
C ALA A 117 -4.43 11.19 33.48
N LYS A 118 -4.57 9.98 33.97
CA LYS A 118 -4.45 9.70 35.37
C LYS A 118 -3.07 10.20 35.77
N SER A 119 -2.10 9.94 34.90
CA SER A 119 -0.72 10.30 35.14
C SER A 119 -0.57 11.83 35.18
N THR A 120 -1.62 12.52 34.75
CA THR A 120 -1.65 13.98 34.75
C THR A 120 -2.72 14.52 35.69
N LEU A 121 -3.85 13.81 35.81
CA LEU A 121 -4.90 14.24 36.74
C LEU A 121 -4.37 14.21 38.13
N ASP A 122 -3.47 13.27 38.34
CA ASP A 122 -3.09 12.82 39.65
C ASP A 122 -2.17 13.93 40.08
N ILE A 123 -1.42 14.38 39.07
CA ILE A 123 -0.57 15.57 39.08
C ILE A 123 -1.36 16.87 39.23
N VAL A 124 -2.58 16.90 38.69
CA VAL A 124 -3.45 18.07 38.85
C VAL A 124 -4.02 18.15 40.26
N LEU A 125 -4.70 17.09 40.68
CA LEU A 125 -5.46 17.08 41.94
C LEU A 125 -4.63 17.37 43.19
N ALA A 126 -3.35 17.03 43.17
CA ALA A 126 -2.49 17.27 44.33
C ALA A 126 -2.14 18.75 44.43
N ASN A 127 -1.85 19.37 43.30
CA ASN A 127 -1.51 20.78 43.26
C ASN A 127 -2.72 21.61 42.84
N LYS A 128 -3.87 20.96 42.95
CA LYS A 128 -5.19 21.54 42.73
C LYS A 128 -5.38 23.03 43.09
N ASP A 129 -5.22 23.37 44.37
CA ASP A 129 -5.79 24.61 44.87
C ASP A 129 -5.13 25.86 44.33
N ARG A 130 -3.92 25.69 43.82
CA ARG A 130 -3.10 26.80 43.38
C ARG A 130 -3.24 26.94 41.88
N LEU A 131 -3.44 25.80 41.23
CA LEU A 131 -3.61 25.72 39.79
C LEU A 131 -4.91 26.37 39.31
N ASN A 132 -6.00 26.07 40.01
CA ASN A 132 -7.31 26.59 39.64
C ASN A 132 -7.40 28.11 39.77
N SER A 133 -6.63 28.65 40.71
CA SER A 133 -6.66 30.09 40.97
C SER A 133 -5.65 30.84 40.12
N ALA A 134 -4.62 30.13 39.67
CA ALA A 134 -3.60 30.73 38.81
C ALA A 134 -4.11 30.86 37.39
N ILE A 135 -5.23 30.19 37.11
CA ILE A 135 -5.89 30.34 35.83
C ILE A 135 -6.73 31.60 35.81
N ILE A 136 -6.36 32.54 34.95
CA ILE A 136 -7.20 33.71 34.69
C ILE A 136 -8.26 33.33 33.67
N TYR A 137 -9.53 33.50 34.02
CA TYR A 137 -10.61 33.09 33.14
C TYR A 137 -11.16 34.23 32.28
N ASP A 138 -10.48 35.37 32.30
CA ASP A 138 -10.83 36.47 31.40
C ASP A 138 -9.82 36.58 30.27
N ARG A 139 -9.19 35.46 29.92
CA ARG A 139 -8.27 35.42 28.80
C ARG A 139 -8.86 34.62 27.64
N ASP A 140 -10.02 34.02 27.86
CA ASP A 140 -10.79 33.42 26.78
C ASP A 140 -11.39 34.55 25.95
N PHE A 141 -11.60 35.69 26.61
CA PHE A 141 -12.09 36.89 25.96
C PHE A 141 -10.99 37.58 25.15
N SER A 142 -9.77 37.05 25.26
CA SER A 142 -8.62 37.63 24.56
C SER A 142 -8.56 37.12 23.11
N TYR A 143 -9.15 35.96 22.87
CA TYR A 143 -9.24 35.43 21.52
C TYR A 143 -10.37 36.11 20.77
N ASN A 144 -10.36 36.01 19.44
CA ASN A 144 -11.48 36.49 18.66
C ASN A 144 -12.22 35.32 18.01
N TYR A 145 -13.49 35.57 17.69
CA TYR A 145 -14.46 34.56 17.26
C TYR A 145 -13.92 33.45 16.37
N PHE A 146 -13.32 33.83 15.24
CA PHE A 146 -12.83 32.85 14.27
C PHE A 146 -11.74 31.98 14.86
N GLY A 147 -10.93 32.57 15.74
CA GLY A 147 -9.95 31.80 16.48
C GLY A 147 -10.66 30.87 17.44
N PHE A 148 -11.69 31.39 18.10
CA PHE A 148 -12.43 30.65 19.12
C PHE A 148 -13.13 29.41 18.55
N LYS A 149 -13.68 29.51 17.35
CA LYS A 149 -14.28 28.32 16.74
C LYS A 149 -13.38 27.45 15.91
N THR A 150 -12.09 27.77 15.86
CA THR A 150 -11.12 26.77 15.44
C THR A 150 -10.74 26.01 16.70
N LEU A 151 -10.74 26.74 17.82
CA LEU A 151 -10.49 26.15 19.13
C LEU A 151 -11.63 25.22 19.47
N GLU A 152 -12.87 25.71 19.41
CA GLU A 152 -14.04 24.91 19.74
C GLU A 152 -13.98 23.53 19.09
N ARG A 153 -13.39 23.44 17.89
CA ARG A 153 -13.68 22.29 17.04
C ARG A 153 -12.89 21.08 17.55
N SER A 154 -11.59 21.26 17.76
CA SER A 154 -10.70 20.13 17.96
C SER A 154 -9.90 20.23 19.26
N TYR A 155 -9.51 21.45 19.61
CA TYR A 155 -8.62 21.67 20.74
C TYR A 155 -9.31 21.42 22.08
N LEU A 156 -10.51 21.98 22.26
CA LEU A 156 -11.26 21.78 23.49
C LEU A 156 -11.90 20.40 23.53
N LEU A 157 -11.49 19.59 24.52
CA LEU A 157 -11.95 18.21 24.67
C LEU A 157 -13.41 18.19 24.98
N LYS A 158 -14.13 17.21 24.49
CA LYS A 158 -15.55 17.41 24.36
C LYS A 158 -16.14 16.18 25.08
N ILE A 159 -16.78 16.37 26.22
CA ILE A 159 -17.43 15.24 26.91
C ILE A 159 -18.85 15.06 26.38
N ASN A 160 -19.06 13.95 25.66
CA ASN A 160 -20.35 13.63 25.08
C ASN A 160 -20.91 14.74 24.20
N GLY A 161 -20.08 15.22 23.28
CA GLY A 161 -20.48 16.23 22.30
C GLY A 161 -20.35 17.66 22.83
N LYS A 162 -20.56 17.85 24.13
CA LYS A 162 -20.56 19.18 24.71
C LYS A 162 -19.10 19.55 25.05
N VAL A 163 -18.71 20.77 24.73
CA VAL A 163 -17.37 21.23 25.06
C VAL A 163 -17.16 21.16 26.58
N ALA A 164 -16.24 20.31 27.05
CA ALA A 164 -16.00 20.17 28.49
C ALA A 164 -14.99 21.16 29.03
N GLU A 165 -14.14 21.67 28.14
CA GLU A 165 -13.06 22.57 28.54
C GLU A 165 -13.33 24.01 28.15
N ARG A 166 -12.67 24.92 28.88
CA ARG A 166 -12.54 26.29 28.44
C ARG A 166 -11.14 26.42 27.86
N PRO A 167 -10.89 27.44 27.02
CA PRO A 167 -9.55 27.61 26.47
C PRO A 167 -8.48 27.54 27.56
N GLN A 168 -8.73 28.18 28.70
CA GLN A 168 -7.83 28.08 29.84
C GLN A 168 -7.62 26.64 30.28
N HIS A 169 -8.73 25.90 30.41
CA HIS A 169 -8.72 24.52 30.88
C HIS A 169 -7.94 23.58 29.98
N MET A 170 -7.91 23.90 28.70
CA MET A 170 -7.12 23.14 27.75
C MET A 170 -5.65 23.60 27.82
N LEU A 171 -5.41 24.91 27.88
CA LEU A 171 -4.04 25.42 27.96
C LEU A 171 -3.31 25.06 29.25
N MET A 172 -4.00 25.10 30.39
CA MET A 172 -3.35 24.67 31.61
C MET A 172 -3.11 23.18 31.57
N ARG A 173 -4.01 22.46 30.90
CA ARG A 173 -3.82 21.03 30.67
C ARG A 173 -2.55 20.81 29.86
N VAL A 174 -2.32 21.66 28.87
CA VAL A 174 -1.13 21.56 28.04
C VAL A 174 0.12 21.90 28.85
N SER A 175 0.01 22.91 29.72
CA SER A 175 1.11 23.28 30.60
C SER A 175 1.46 22.13 31.54
N VAL A 176 0.45 21.62 32.23
CA VAL A 176 0.64 20.53 33.19
C VAL A 176 1.04 19.24 32.48
N GLY A 177 0.55 19.06 31.26
CA GLY A 177 0.92 17.88 30.48
C GLY A 177 2.40 17.83 30.18
N ILE A 178 3.00 19.00 30.00
CA ILE A 178 4.40 19.10 29.60
C ILE A 178 5.37 19.03 30.79
N HIS A 179 5.10 19.81 31.82
CA HIS A 179 5.98 19.88 32.99
C HIS A 179 5.68 18.75 33.96
N LYS A 180 4.44 18.29 33.92
CA LYS A 180 3.88 17.27 34.82
C LYS A 180 4.11 17.69 36.27
N GLU A 181 5.02 17.03 36.98
CA GLU A 181 5.24 17.33 38.41
C GLU A 181 5.73 18.75 38.68
N ASP A 182 6.31 19.39 37.67
CA ASP A 182 6.85 20.74 37.80
C ASP A 182 5.75 21.79 37.73
N ILE A 183 5.24 22.21 38.88
CA ILE A 183 4.16 23.18 38.93
C ILE A 183 4.63 24.62 38.74
N ASP A 184 5.79 24.96 39.33
CA ASP A 184 6.29 26.33 39.24
C ASP A 184 6.53 26.73 37.79
N ALA A 185 6.98 25.78 36.97
CA ALA A 185 7.21 26.05 35.56
C ALA A 185 5.93 25.84 34.75
N ALA A 186 4.91 25.30 35.39
CA ALA A 186 3.63 25.03 34.72
C ALA A 186 2.80 26.30 34.58
N ILE A 187 2.61 27.01 35.69
CA ILE A 187 1.91 28.29 35.68
C ILE A 187 2.69 29.28 34.83
N GLU A 188 4.00 29.12 34.85
CA GLU A 188 4.88 29.88 33.96
C GLU A 188 4.44 29.71 32.51
N THR A 189 4.54 28.49 32.01
CA THR A 189 4.20 28.19 30.62
C THR A 189 2.74 28.54 30.34
N TYR A 190 1.89 28.41 31.35
CA TYR A 190 0.48 28.76 31.18
C TYR A 190 0.26 30.25 30.96
N ASN A 191 0.83 31.08 31.83
CA ASN A 191 0.57 32.52 31.80
C ASN A 191 1.04 33.21 30.52
N LEU A 192 1.93 32.54 29.79
CA LEU A 192 2.39 33.05 28.51
C LEU A 192 1.85 32.20 27.37
N LEU A 193 1.21 31.08 27.72
CA LEU A 193 0.37 30.37 26.77
C LEU A 193 -0.99 31.03 26.75
N SER A 194 -1.47 31.46 27.92
CA SER A 194 -2.77 32.11 28.01
C SER A 194 -2.69 33.56 27.55
N GLU A 195 -1.58 34.24 27.84
CA GLU A 195 -1.44 35.61 27.36
C GLU A 195 -0.81 35.60 25.97
N ARG A 196 -0.98 34.48 25.26
CA ARG A 196 -0.69 34.40 23.83
C ARG A 196 0.72 34.84 23.44
N TRP A 197 1.68 34.68 24.35
CA TRP A 197 3.05 35.08 24.07
C TRP A 197 3.72 34.11 23.10
N PHE A 198 3.09 32.95 22.93
CA PHE A 198 3.53 31.94 21.96
C PHE A 198 2.49 30.82 21.97
N THR A 199 2.73 29.76 21.22
CA THR A 199 1.91 28.56 21.31
C THR A 199 2.66 27.32 20.81
N HIS A 200 2.25 26.15 21.30
CA HIS A 200 2.87 24.89 20.88
C HIS A 200 2.29 24.41 19.53
N ALA A 201 2.78 23.29 19.03
CA ALA A 201 2.29 22.68 17.79
C ALA A 201 0.82 22.29 17.93
N SER A 202 0.14 22.02 16.82
CA SER A 202 -1.26 21.64 16.92
C SER A 202 -1.38 20.30 17.65
N PRO A 203 -0.56 19.27 17.32
CA PRO A 203 -0.87 18.03 18.07
C PRO A 203 -0.57 18.14 19.56
N THR A 204 0.35 19.01 19.93
CA THR A 204 0.68 19.23 21.33
C THR A 204 -0.55 19.71 22.11
N LEU A 205 -1.12 20.82 21.66
CA LEU A 205 -2.33 21.37 22.29
C LEU A 205 -3.47 20.35 22.27
N PHE A 206 -3.37 19.39 21.36
CA PHE A 206 -4.37 18.32 21.29
C PHE A 206 -4.13 17.24 22.36
N ASN A 207 -2.97 16.58 22.39
CA ASN A 207 -2.90 15.51 23.37
C ASN A 207 -1.97 15.76 24.56
N ALA A 208 -1.67 17.02 24.83
CA ALA A 208 -0.90 17.31 26.02
C ALA A 208 -1.73 16.95 27.25
N GLY A 209 -1.19 16.08 28.10
CA GLY A 209 -1.86 15.69 29.32
C GLY A 209 -2.86 14.56 29.13
N THR A 210 -2.94 14.03 27.93
CA THR A 210 -3.87 12.95 27.63
C THR A 210 -3.19 11.58 27.74
N ASN A 211 -4.00 10.54 27.83
CA ASN A 211 -3.50 9.16 27.80
C ASN A 211 -2.77 8.91 26.48
N ARG A 212 -1.54 8.43 26.57
CA ARG A 212 -0.67 8.21 25.40
C ARG A 212 -0.61 9.45 24.52
N PRO A 213 0.22 10.43 24.91
CA PRO A 213 0.24 11.74 24.25
C PRO A 213 1.20 11.87 23.07
N GLN A 214 0.63 12.26 21.94
CA GLN A 214 1.40 12.77 20.81
C GLN A 214 1.45 14.29 20.73
N LEU A 215 2.68 14.77 20.59
CA LEU A 215 3.04 16.16 20.76
C LEU A 215 3.85 16.61 19.54
N SER A 216 3.75 15.84 18.46
CA SER A 216 4.59 16.03 17.29
C SER A 216 3.85 15.77 15.98
N SER A 217 4.20 16.51 14.93
CA SER A 217 3.61 16.32 13.61
C SER A 217 4.69 16.22 12.54
N CYS A 218 5.62 17.17 12.58
CA CYS A 218 6.88 17.18 11.84
C CYS A 218 7.22 15.91 11.07
N PHE A 219 7.85 14.97 11.78
CA PHE A 219 8.12 13.59 11.34
C PHE A 219 8.72 13.39 9.95
N LEU A 220 9.92 12.82 9.97
CA LEU A 220 10.71 12.54 8.77
C LEU A 220 10.97 11.05 8.66
N LEU A 221 11.19 10.58 7.44
CA LEU A 221 11.48 9.18 7.18
C LEU A 221 12.41 8.97 6.01
N SER A 222 13.44 8.18 6.26
CA SER A 222 14.32 7.66 5.21
C SER A 222 13.90 6.24 4.95
N MET A 223 13.83 5.89 3.67
CA MET A 223 13.69 4.50 3.29
C MET A 223 14.75 3.68 3.99
N LYS A 224 14.37 2.92 4.98
CA LYS A 224 15.32 1.94 5.49
C LYS A 224 15.79 0.80 4.56
N ASP A 225 15.47 0.90 3.26
CA ASP A 225 16.17 0.14 2.21
C ASP A 225 15.68 0.45 0.80
N ASP A 226 16.10 -0.39 -0.13
CA ASP A 226 15.63 -0.34 -1.51
C ASP A 226 14.77 -1.59 -1.73
N SER A 227 14.88 -2.51 -0.79
CA SER A 227 14.16 -3.77 -0.85
C SER A 227 12.73 -3.63 -0.36
N ILE A 228 11.85 -4.52 -0.83
CA ILE A 228 10.46 -4.57 -0.40
C ILE A 228 10.38 -4.60 1.10
N GLU A 229 11.17 -5.51 1.67
CA GLU A 229 11.36 -5.70 3.10
C GLU A 229 11.59 -4.32 3.77
N GLY A 230 12.38 -3.48 3.11
CA GLY A 230 12.63 -2.13 3.58
C GLY A 230 11.64 -1.10 3.07
N ILE A 231 10.99 -1.38 1.95
CA ILE A 231 9.99 -0.46 1.40
C ILE A 231 8.75 -0.43 2.28
N TYR A 232 8.39 -1.57 2.85
CA TYR A 232 7.17 -1.69 3.61
C TYR A 232 7.34 -1.57 5.13
N ASP A 233 8.57 -1.73 5.62
CA ASP A 233 8.86 -1.36 7.01
C ASP A 233 9.05 0.14 7.13
N THR A 234 9.15 0.80 5.98
CA THR A 234 9.05 2.26 5.92
C THR A 234 7.58 2.62 5.83
N LEU A 235 6.84 1.81 5.07
CA LEU A 235 5.40 2.01 4.93
C LEU A 235 4.66 1.63 6.21
N LYS A 236 5.08 0.53 6.84
CA LYS A 236 4.55 0.15 8.15
C LYS A 236 4.75 1.29 9.13
N GLN A 237 5.94 1.87 9.09
CA GLN A 237 6.26 3.04 9.90
C GLN A 237 5.39 4.23 9.50
N CYS A 238 5.19 4.39 8.19
CA CYS A 238 4.44 5.54 7.66
C CYS A 238 3.00 5.59 8.14
N ALA A 239 2.28 4.49 7.96
CA ALA A 239 0.89 4.42 8.40
C ALA A 239 0.80 4.61 9.91
N LEU A 240 1.74 4.00 10.63
CA LEU A 240 1.83 4.12 12.08
C LEU A 240 1.92 5.57 12.54
N ILE A 241 2.54 6.41 11.72
CA ILE A 241 2.72 7.82 12.05
C ILE A 241 1.50 8.62 11.62
N SER A 242 0.93 8.24 10.48
CA SER A 242 -0.32 8.84 10.05
C SER A 242 -1.45 8.41 11.00
N LYS A 243 -1.28 7.26 11.64
CA LYS A 243 -2.20 6.87 12.72
C LYS A 243 -2.20 7.91 13.83
N SER A 244 -1.00 8.23 14.30
CA SER A 244 -0.79 9.19 15.37
C SER A 244 -0.97 10.64 14.91
N ALA A 245 -1.63 10.81 13.77
CA ALA A 245 -1.90 12.14 13.20
C ALA A 245 -0.60 12.91 12.95
N GLY A 246 0.26 12.34 12.12
CA GLY A 246 1.52 12.97 11.79
C GLY A 246 1.74 13.01 10.29
N GLY A 247 2.21 14.15 9.80
CA GLY A 247 2.53 14.29 8.40
C GLY A 247 4.00 14.02 8.16
N ILE A 248 4.28 13.22 7.14
CA ILE A 248 5.64 12.72 6.93
C ILE A 248 6.32 13.28 5.69
N GLY A 249 7.63 13.47 5.80
CA GLY A 249 8.47 13.65 4.63
C GLY A 249 9.20 12.34 4.41
N VAL A 250 9.17 11.82 3.19
CA VAL A 250 9.76 10.51 2.91
C VAL A 250 10.93 10.60 1.93
N ALA A 251 12.03 9.96 2.29
CA ALA A 251 13.20 9.88 1.41
C ALA A 251 13.11 8.62 0.56
N VAL A 252 12.79 8.80 -0.72
CA VAL A 252 12.55 7.69 -1.62
C VAL A 252 13.60 7.65 -2.73
N SER A 253 14.59 8.52 -2.61
CA SER A 253 15.67 8.60 -3.58
C SER A 253 16.42 7.29 -3.73
N CYS A 254 16.26 6.42 -2.74
CA CYS A 254 17.02 5.17 -2.65
C CYS A 254 16.40 4.04 -3.48
N ILE A 255 15.26 4.33 -4.10
CA ILE A 255 14.45 3.29 -4.72
C ILE A 255 14.77 3.07 -6.20
N ARG A 256 14.85 1.79 -6.57
CA ARG A 256 15.03 1.39 -7.96
C ARG A 256 14.18 2.19 -8.93
N ALA A 257 14.82 2.69 -9.98
CA ALA A 257 14.09 3.36 -11.05
C ALA A 257 13.28 2.33 -11.84
N THR A 258 12.42 2.83 -12.71
CA THR A 258 11.61 1.96 -13.57
C THR A 258 12.51 1.07 -14.42
N GLY A 259 12.29 -0.23 -14.33
CA GLY A 259 12.97 -1.18 -15.19
C GLY A 259 14.38 -1.58 -14.78
N SER A 260 14.91 -0.98 -13.73
CA SER A 260 16.24 -1.33 -13.25
C SER A 260 16.25 -2.77 -12.74
N TYR A 261 17.06 -3.59 -13.40
CA TYR A 261 17.09 -5.04 -13.21
C TYR A 261 17.01 -5.54 -11.77
N ILE A 262 15.98 -6.34 -11.51
CA ILE A 262 15.77 -6.96 -10.20
C ILE A 262 16.61 -8.24 -10.11
N ALA A 263 17.12 -8.54 -8.93
CA ALA A 263 18.05 -9.66 -8.74
C ALA A 263 17.42 -11.03 -8.95
N GLY A 264 17.20 -11.75 -7.85
CA GLY A 264 16.87 -13.16 -7.89
C GLY A 264 15.50 -13.51 -8.45
N THR A 265 14.65 -12.52 -8.65
CA THR A 265 13.33 -12.77 -9.17
C THR A 265 13.36 -12.68 -10.70
N ASN A 266 14.56 -12.40 -11.20
CA ASN A 266 14.82 -12.02 -12.59
C ASN A 266 13.80 -11.05 -13.21
N GLY A 267 13.33 -10.08 -12.45
CA GLY A 267 12.29 -9.22 -12.98
C GLY A 267 12.84 -7.85 -13.32
N ASN A 268 12.06 -6.91 -13.84
CA ASN A 268 12.62 -5.56 -13.84
C ASN A 268 11.64 -4.69 -13.00
N SER A 269 12.16 -3.79 -12.16
CA SER A 269 11.37 -2.92 -11.29
C SER A 269 10.28 -2.06 -11.98
N ASN A 270 9.10 -1.88 -11.39
CA ASN A 270 8.17 -0.91 -12.00
C ASN A 270 8.51 0.48 -11.48
N GLY A 271 9.55 0.59 -10.67
CA GLY A 271 10.10 1.89 -10.29
C GLY A 271 9.36 2.64 -9.20
N LEU A 272 9.17 3.94 -9.41
CA LEU A 272 8.61 4.82 -8.39
C LEU A 272 7.09 4.92 -8.42
N VAL A 273 6.53 5.14 -9.60
CA VAL A 273 5.11 5.48 -9.72
C VAL A 273 4.16 4.46 -9.09
N PRO A 274 4.31 3.16 -9.39
CA PRO A 274 3.37 2.26 -8.71
C PRO A 274 3.65 2.16 -7.21
N MET A 275 4.85 2.54 -6.78
CA MET A 275 5.17 2.54 -5.36
C MET A 275 4.45 3.67 -4.64
N LEU A 276 4.71 4.88 -5.10
CA LEU A 276 4.12 6.07 -4.49
C LEU A 276 2.59 6.01 -4.51
N ARG A 277 2.05 5.24 -5.44
CA ARG A 277 0.60 5.02 -5.49
C ARG A 277 0.13 4.19 -4.30
N VAL A 278 1.01 3.33 -3.78
CA VAL A 278 0.69 2.54 -2.59
C VAL A 278 0.72 3.45 -1.37
N TYR A 279 1.60 4.45 -1.43
CA TYR A 279 1.72 5.46 -0.36
C TYR A 279 0.61 6.49 -0.54
N ASN A 280 0.22 6.75 -1.78
CA ASN A 280 -0.85 7.67 -2.07
C ASN A 280 -2.06 7.23 -1.28
N ASN A 281 -2.37 5.96 -1.53
CA ASN A 281 -3.57 5.30 -1.08
C ASN A 281 -3.53 5.05 0.40
N THR A 282 -2.32 4.85 0.88
CA THR A 282 -2.07 4.74 2.29
C THR A 282 -2.37 6.08 2.95
N ALA A 283 -1.85 7.15 2.36
CA ALA A 283 -2.01 8.49 2.91
C ALA A 283 -3.49 8.91 2.97
N ARG A 284 -4.32 8.33 2.11
CA ARG A 284 -5.77 8.51 2.13
C ARG A 284 -6.52 7.49 3.02
N TYR A 285 -5.98 6.29 3.19
CA TYR A 285 -6.65 5.31 4.03
C TYR A 285 -6.60 5.71 5.52
N VAL A 286 -5.48 6.26 5.96
CA VAL A 286 -5.32 6.59 7.38
C VAL A 286 -5.32 8.11 7.66
N ASP A 287 -6.42 8.63 8.23
CA ASP A 287 -6.55 10.06 8.49
C ASP A 287 -6.12 10.26 9.94
N GLN A 288 -7.08 10.56 10.80
CA GLN A 288 -7.07 10.01 12.15
C GLN A 288 -7.53 8.57 12.23
N GLY A 295 -4.96 13.18 6.52
CA GLY A 295 -3.52 13.34 6.49
C GLY A 295 -2.95 13.21 5.10
N ALA A 296 -1.65 13.46 4.96
CA ALA A 296 -0.95 13.38 3.69
C ALA A 296 0.56 13.36 3.87
N PHE A 297 1.27 12.73 2.94
CA PHE A 297 2.73 12.63 3.02
C PHE A 297 3.42 13.52 1.99
N ALA A 298 4.66 13.89 2.27
CA ALA A 298 5.52 14.53 1.29
C ALA A 298 6.59 13.55 0.82
N ILE A 299 6.84 13.52 -0.47
CA ILE A 299 7.81 12.59 -1.04
C ILE A 299 9.01 13.33 -1.60
N TYR A 300 10.19 13.06 -1.05
CA TYR A 300 11.40 13.76 -1.45
C TYR A 300 12.24 12.92 -2.41
N LEU A 301 12.26 13.37 -3.67
CA LEU A 301 12.96 12.66 -4.72
C LEU A 301 13.96 13.58 -5.41
N GLU A 302 15.24 13.22 -5.34
CA GLU A 302 16.30 14.04 -5.91
C GLU A 302 16.29 13.93 -7.44
N PRO A 303 16.55 15.05 -8.13
CA PRO A 303 16.38 15.12 -9.59
C PRO A 303 17.30 14.20 -10.41
N TRP A 304 18.23 13.50 -9.76
CA TRP A 304 19.10 12.59 -10.49
C TRP A 304 18.46 11.22 -10.65
N HIS A 305 17.40 10.96 -9.88
CA HIS A 305 16.66 9.71 -10.01
C HIS A 305 16.02 9.64 -11.38
N LEU A 306 16.09 8.47 -12.00
CA LEU A 306 15.58 8.29 -13.35
C LEU A 306 14.09 8.56 -13.48
N ASP A 307 13.32 8.09 -12.50
CA ASP A 307 11.87 8.24 -12.53
C ASP A 307 11.40 9.67 -12.28
N ILE A 308 12.32 10.62 -12.43
CA ILE A 308 12.01 12.02 -12.17
C ILE A 308 10.97 12.57 -13.15
N PHE A 309 10.90 12.04 -14.37
CA PHE A 309 9.83 12.53 -15.24
C PHE A 309 8.50 11.83 -14.95
N GLU A 310 8.54 10.60 -14.42
CA GLU A 310 7.27 9.95 -14.12
C GLU A 310 6.74 10.57 -12.83
N PHE A 311 7.52 11.51 -12.29
CA PHE A 311 7.33 12.07 -10.97
C PHE A 311 6.45 13.32 -11.00
N LEU A 312 6.66 14.17 -11.99
CA LEU A 312 5.95 15.44 -12.04
C LEU A 312 4.71 15.36 -12.93
N ASP A 313 4.22 14.14 -13.09
CA ASP A 313 2.98 13.90 -13.83
C ASP A 313 1.89 13.45 -12.86
N LEU A 314 2.32 12.91 -11.73
CA LEU A 314 1.42 12.47 -10.68
C LEU A 314 0.78 13.68 -10.00
N LYS A 315 1.49 14.80 -10.05
CA LYS A 315 1.00 16.04 -9.48
C LYS A 315 -0.04 16.68 -10.40
N LYS A 316 0.29 16.72 -11.68
CA LYS A 316 -0.50 17.40 -12.74
C LYS A 316 -2.00 17.52 -12.48
N ARG A 326 -1.47 12.42 -5.93
CA ARG A 326 -2.35 13.57 -5.67
C ARG A 326 -2.55 13.85 -4.16
N ASP A 327 -2.97 12.83 -3.40
CA ASP A 327 -3.01 12.95 -1.95
C ASP A 327 -1.60 13.09 -1.37
N LEU A 328 -0.61 12.74 -2.18
CA LEU A 328 0.80 12.96 -1.85
C LEU A 328 1.26 14.31 -2.35
N PHE A 329 1.94 15.07 -1.50
CA PHE A 329 2.64 16.25 -1.95
C PHE A 329 4.06 15.84 -2.34
N PHE A 330 4.62 16.49 -3.34
CA PHE A 330 5.91 16.06 -3.87
C PHE A 330 6.99 17.13 -3.64
N ALA A 331 8.25 16.70 -3.66
CA ALA A 331 9.36 17.60 -3.39
C ALA A 331 10.68 17.08 -3.97
N LEU A 332 11.51 18.01 -4.44
CA LEU A 332 12.84 17.66 -4.95
C LEU A 332 13.91 17.97 -3.92
N TRP A 333 14.87 17.05 -3.79
CA TRP A 333 15.99 17.23 -2.88
C TRP A 333 17.23 17.59 -3.69
N ILE A 334 17.34 18.87 -4.02
CA ILE A 334 18.25 19.35 -5.07
C ILE A 334 19.67 19.63 -4.60
N PRO A 335 20.66 18.99 -5.24
CA PRO A 335 22.08 19.28 -5.00
C PRO A 335 22.56 20.50 -5.79
N ASP A 336 23.69 21.08 -5.40
CA ASP A 336 24.19 22.28 -6.07
C ASP A 336 24.44 22.10 -7.57
N LEU A 337 24.99 20.95 -7.99
CA LEU A 337 25.14 20.65 -9.43
C LEU A 337 23.96 20.96 -10.31
N PHE A 338 22.82 20.34 -10.00
CA PHE A 338 21.67 20.43 -10.86
C PHE A 338 21.42 21.88 -11.29
N MET A 339 21.58 22.80 -10.34
CA MET A 339 21.46 24.21 -10.63
C MET A 339 22.66 24.70 -11.50
N LYS A 340 23.89 24.49 -11.01
CA LYS A 340 25.11 24.67 -11.84
C LYS A 340 25.14 24.09 -13.24
N ARG A 341 24.41 23.02 -13.49
CA ARG A 341 24.25 22.54 -14.85
C ARG A 341 22.86 22.83 -15.40
N VAL A 342 22.10 23.70 -14.73
CA VAL A 342 20.95 24.36 -15.39
C VAL A 342 21.28 25.77 -15.88
N GLU A 343 22.08 26.54 -15.13
CA GLU A 343 22.38 27.89 -15.62
C GLU A 343 23.22 27.76 -16.88
N THR A 344 24.21 26.86 -16.83
CA THR A 344 25.35 26.90 -17.71
C THR A 344 24.90 26.22 -19.01
N ASN A 345 23.62 25.84 -19.00
CA ASN A 345 22.94 25.11 -20.06
C ASN A 345 23.57 23.73 -20.29
N GLN A 346 23.94 23.04 -19.23
CA GLN A 346 24.77 21.86 -19.41
C GLN A 346 23.98 20.55 -19.24
N ASP A 347 24.45 19.42 -19.78
CA ASP A 347 23.65 18.18 -19.63
C ASP A 347 23.48 17.75 -18.20
N TRP A 348 22.77 16.63 -18.06
CA TRP A 348 22.37 16.12 -16.78
C TRP A 348 22.06 14.65 -16.87
N SER A 349 22.70 13.85 -16.02
CA SER A 349 22.53 12.41 -16.05
C SER A 349 21.51 11.93 -15.03
N LEU A 350 20.43 11.34 -15.52
CA LEU A 350 19.46 10.66 -14.66
C LEU A 350 19.95 9.25 -14.40
N MET A 351 20.14 8.92 -13.13
CA MET A 351 20.74 7.64 -12.78
C MET A 351 19.79 6.75 -11.98
N CYS A 352 20.14 5.47 -11.91
CA CYS A 352 19.49 4.58 -10.98
C CYS A 352 20.35 4.48 -9.73
N PRO A 353 19.75 4.69 -8.55
CA PRO A 353 20.46 4.58 -7.27
C PRO A 353 20.93 3.16 -6.98
N ASN A 354 20.75 2.25 -7.94
CA ASN A 354 21.23 0.89 -7.82
C ASN A 354 22.48 0.67 -8.68
N GLU A 355 22.41 0.96 -9.98
CA GLU A 355 23.64 1.15 -10.75
C GLU A 355 24.58 2.17 -10.12
N CYS A 356 24.03 3.28 -9.63
CA CYS A 356 24.87 4.33 -9.07
C CYS A 356 24.59 4.54 -7.59
N PRO A 357 24.98 3.55 -6.76
CA PRO A 357 24.56 3.51 -5.35
C PRO A 357 25.19 4.60 -4.50
N GLY A 358 24.68 4.74 -3.27
CA GLY A 358 25.19 5.72 -2.33
C GLY A 358 25.09 7.14 -2.85
N LEU A 359 24.20 7.36 -3.81
CA LEU A 359 24.12 8.65 -4.51
C LEU A 359 23.29 9.69 -3.76
N ASP A 360 22.29 9.20 -3.03
CA ASP A 360 21.43 10.07 -2.24
C ASP A 360 22.01 10.38 -0.88
N GLU A 361 23.05 9.63 -0.52
CA GLU A 361 23.49 9.49 0.85
C GLU A 361 24.71 10.35 1.04
N VAL A 362 25.05 11.13 0.02
CA VAL A 362 26.28 11.95 -0.03
C VAL A 362 25.93 13.39 -0.40
N TRP A 363 26.67 14.38 0.10
CA TRP A 363 26.29 15.79 -0.08
C TRP A 363 27.46 16.72 -0.39
N GLY A 364 27.16 17.83 -1.07
CA GLY A 364 28.10 18.95 -1.21
C GLY A 364 29.21 18.84 -2.24
N GLU A 365 30.32 19.48 -1.93
CA GLU A 365 31.50 19.47 -2.80
C GLU A 365 32.00 18.04 -2.99
N GLU A 366 31.72 17.20 -2.01
CA GLU A 366 32.02 15.79 -2.05
C GLU A 366 31.07 15.02 -2.97
N PHE A 367 29.78 15.29 -2.85
CA PHE A 367 28.76 14.63 -3.67
C PHE A 367 29.06 14.79 -5.16
N GLU A 368 29.44 16.00 -5.58
CA GLU A 368 29.68 16.23 -6.99
C GLU A 368 30.82 15.35 -7.51
N LYS A 369 31.74 14.96 -6.63
CA LYS A 369 32.80 14.04 -7.07
C LYS A 369 32.28 12.62 -7.22
N LEU A 370 31.30 12.25 -6.39
CA LEU A 370 30.72 10.91 -6.48
C LEU A 370 29.76 10.81 -7.67
N TYR A 371 29.06 11.90 -7.95
CA TYR A 371 28.14 11.95 -9.08
C TYR A 371 28.92 11.95 -10.39
N ALA A 372 29.98 12.76 -10.43
CA ALA A 372 30.83 12.84 -11.59
C ALA A 372 31.59 11.53 -11.82
N SER A 373 31.59 10.66 -10.82
CA SER A 373 32.17 9.34 -10.97
C SER A 373 31.36 8.51 -11.98
N TYR A 374 30.10 8.21 -11.61
CA TYR A 374 29.18 7.46 -12.46
C TYR A 374 28.92 8.14 -13.80
N GLU A 375 29.07 9.47 -13.82
CA GLU A 375 29.32 10.27 -15.06
C GLU A 375 30.42 9.70 -15.95
N LYS A 376 31.60 9.45 -15.35
CA LYS A 376 32.81 8.97 -16.09
C LYS A 376 32.86 7.45 -16.22
N GLN A 377 32.29 6.79 -15.23
CA GLN A 377 32.16 5.34 -15.28
C GLN A 377 31.13 4.99 -16.34
N GLY A 378 30.31 6.00 -16.67
CA GLY A 378 29.30 5.92 -17.71
C GLY A 378 28.03 5.13 -17.42
N ARG A 379 27.83 4.66 -16.19
CA ARG A 379 26.72 3.71 -15.96
C ARG A 379 25.58 4.72 -15.75
N VAL A 380 24.83 5.10 -16.78
CA VAL A 380 23.78 6.10 -16.54
C VAL A 380 22.65 5.75 -17.45
N ARG A 381 21.41 6.03 -17.06
CA ARG A 381 20.41 5.19 -17.66
C ARG A 381 19.63 6.00 -18.69
N LYS A 382 19.87 7.31 -18.72
CA LYS A 382 19.06 8.31 -19.43
C LYS A 382 19.67 9.66 -19.06
N VAL A 383 20.24 10.34 -20.05
CA VAL A 383 20.80 11.68 -19.89
C VAL A 383 20.04 12.66 -20.77
N VAL A 384 19.59 13.77 -20.17
CA VAL A 384 18.88 14.81 -20.90
C VAL A 384 19.51 16.15 -20.57
N LYS A 385 19.21 17.15 -21.38
CA LYS A 385 19.63 18.51 -21.09
C LYS A 385 19.02 18.93 -19.77
N ALA A 386 19.82 19.56 -18.92
CA ALA A 386 19.40 19.81 -17.54
C ALA A 386 18.31 20.86 -17.46
N GLN A 387 18.30 21.76 -18.42
CA GLN A 387 17.28 22.78 -18.44
C GLN A 387 15.91 22.24 -18.92
N GLN A 388 15.92 21.12 -19.63
CA GLN A 388 14.65 20.54 -20.03
C GLN A 388 13.99 20.02 -18.77
N LEU A 389 14.81 19.44 -17.89
CA LEU A 389 14.31 18.86 -16.66
C LEU A 389 13.64 20.01 -15.94
N TRP A 390 14.38 21.11 -15.93
CA TRP A 390 14.10 22.26 -15.11
C TRP A 390 12.74 22.87 -15.41
N TYR A 391 12.50 23.14 -16.69
CA TYR A 391 11.23 23.69 -17.09
C TYR A 391 10.13 22.65 -16.90
N ALA A 392 10.50 21.38 -17.01
CA ALA A 392 9.53 20.30 -16.78
C ALA A 392 9.02 20.34 -15.34
N ILE A 393 9.85 20.88 -14.44
CA ILE A 393 9.45 21.06 -13.06
C ILE A 393 8.57 22.29 -12.92
N ILE A 394 8.90 23.33 -13.69
CA ILE A 394 8.10 24.55 -13.71
C ILE A 394 6.71 24.27 -14.29
N GLU A 395 6.64 23.33 -15.22
CA GLU A 395 5.37 22.92 -15.81
C GLU A 395 4.46 22.26 -14.79
N SER A 396 5.06 21.50 -13.88
CA SER A 396 4.29 20.82 -12.84
C SER A 396 3.95 21.77 -11.69
N GLN A 397 4.81 22.76 -11.47
CA GLN A 397 4.61 23.73 -10.41
C GLN A 397 3.51 24.72 -10.74
N THR A 398 3.52 25.22 -11.99
CA THR A 398 2.49 26.17 -12.43
C THR A 398 1.10 25.57 -12.27
N GLU A 399 0.92 24.31 -12.65
CA GLU A 399 -0.35 23.61 -12.48
C GLU A 399 -0.70 23.46 -11.02
N THR A 400 0.16 22.71 -10.35
CA THR A 400 -0.11 22.19 -9.03
C THR A 400 0.35 23.14 -7.95
N GLY A 401 1.67 23.34 -7.90
CA GLY A 401 2.29 24.10 -6.84
C GLY A 401 3.48 23.30 -6.38
N THR A 402 3.26 21.99 -6.27
CA THR A 402 4.34 21.05 -6.04
C THR A 402 5.14 20.92 -7.33
N PRO A 403 6.42 20.49 -7.23
CA PRO A 403 7.19 20.14 -6.04
C PRO A 403 7.86 21.29 -5.31
N TYR A 404 7.60 21.37 -4.01
CA TYR A 404 8.60 21.85 -3.03
C TYR A 404 10.05 21.73 -3.43
N MET A 405 10.74 22.86 -3.25
CA MET A 405 12.15 23.01 -3.60
C MET A 405 13.00 23.12 -2.34
N LEU A 406 13.90 22.17 -2.17
CA LEU A 406 14.83 22.20 -1.04
C LEU A 406 16.21 21.81 -1.53
N TYR A 407 17.21 22.63 -1.19
CA TYR A 407 18.53 22.46 -1.75
C TYR A 407 19.44 21.62 -0.85
N LYS A 408 19.66 20.39 -1.29
CA LYS A 408 20.46 19.39 -0.59
C LYS A 408 21.80 19.91 -0.08
N ASP A 409 22.67 20.28 -1.02
CA ASP A 409 24.02 20.72 -0.69
C ASP A 409 24.03 22.07 0.04
N SER A 410 22.84 22.64 0.24
CA SER A 410 22.71 23.92 0.92
C SER A 410 22.07 23.70 2.28
N CYS A 411 21.56 22.50 2.52
CA CYS A 411 20.98 22.13 3.81
C CYS A 411 22.06 21.54 4.71
N ASN A 412 22.73 20.51 4.21
CA ASN A 412 23.79 19.84 4.97
C ASN A 412 25.02 20.71 5.32
N ARG A 413 25.50 21.57 4.41
CA ARG A 413 26.61 22.51 4.74
C ARG A 413 26.21 23.60 5.75
N LYS A 414 24.92 23.78 6.00
CA LYS A 414 24.50 24.72 7.04
C LYS A 414 23.59 24.04 8.04
N SER A 415 23.80 22.74 8.28
CA SER A 415 23.01 22.04 9.30
C SER A 415 23.88 21.60 10.47
N ASN A 416 23.30 21.57 11.67
CA ASN A 416 24.08 21.20 12.85
C ASN A 416 24.17 19.67 13.00
N GLN A 417 23.32 18.95 12.27
CA GLN A 417 23.42 17.50 12.26
C GLN A 417 24.28 17.04 11.09
N GLN A 418 25.11 17.94 10.59
CA GLN A 418 26.05 17.66 9.50
C GLN A 418 26.98 16.52 9.88
N ASN A 419 27.22 16.36 11.18
CA ASN A 419 28.09 15.30 11.69
C ASN A 419 27.47 13.92 11.61
N LEU A 420 26.16 13.85 11.81
CA LEU A 420 25.46 12.57 11.86
C LEU A 420 25.37 11.95 10.47
N GLY A 421 25.50 12.78 9.45
CA GLY A 421 25.49 12.30 8.08
C GLY A 421 24.63 13.16 7.18
N THR A 422 24.60 12.82 5.90
CA THR A 422 23.79 13.55 4.94
C THR A 422 22.31 13.44 5.28
N ILE A 423 21.68 14.59 5.47
CA ILE A 423 20.24 14.65 5.62
C ILE A 423 19.60 14.42 4.27
N LYS A 424 18.79 13.36 4.15
CA LYS A 424 18.31 12.95 2.84
C LYS A 424 16.92 13.49 2.47
N CYS A 425 16.27 14.20 3.40
CA CYS A 425 14.96 14.78 3.13
C CYS A 425 14.49 15.78 4.18
N SER A 426 13.35 16.40 3.92
CA SER A 426 12.71 17.30 4.87
C SER A 426 11.33 16.77 5.26
N ASN A 427 10.54 17.57 5.98
CA ASN A 427 9.25 17.11 6.48
C ASN A 427 8.14 17.37 5.47
N LEU A 428 6.87 17.33 5.89
CA LEU A 428 5.82 17.40 4.89
C LEU A 428 5.59 18.90 4.63
N CYS A 429 6.22 19.74 5.45
CA CYS A 429 6.04 21.18 5.37
C CYS A 429 7.32 21.96 4.99
N THR A 430 8.43 21.23 4.82
CA THR A 430 9.71 21.79 4.39
C THR A 430 10.31 22.88 5.26
N GLU A 431 10.28 22.69 6.57
CA GLU A 431 11.00 23.58 7.47
C GLU A 431 11.98 22.76 8.29
N ILE A 432 11.74 21.46 8.32
CA ILE A 432 12.55 20.54 9.11
C ILE A 432 13.65 19.90 8.26
N VAL A 433 14.89 19.97 8.75
CA VAL A 433 16.01 19.35 8.05
C VAL A 433 16.81 18.49 9.01
N GLU A 434 16.46 17.21 9.13
CA GLU A 434 17.08 16.33 10.12
C GLU A 434 17.48 14.97 9.59
N TYR A 435 18.62 14.49 10.07
CA TYR A 435 19.17 13.20 9.67
C TYR A 435 18.21 12.05 9.90
N THR A 436 18.09 11.18 8.91
CA THR A 436 17.23 10.00 9.00
C THR A 436 17.97 8.77 8.50
N SER A 437 17.66 7.61 9.07
CA SER A 437 18.45 6.41 8.78
C SER A 437 17.68 5.10 8.86
N LYS A 438 18.42 4.02 9.11
CA LYS A 438 17.84 2.70 9.26
C LYS A 438 16.92 2.65 10.50
N ASP A 439 17.43 2.88 11.72
CA ASP A 439 16.46 3.15 12.78
C ASP A 439 16.66 4.49 13.43
N GLU A 440 16.66 5.55 12.64
CA GLU A 440 16.49 6.88 13.20
C GLU A 440 15.60 7.71 12.29
N VAL A 441 14.30 7.72 12.59
CA VAL A 441 13.38 8.56 11.82
C VAL A 441 13.11 9.81 12.63
N ALA A 442 13.87 10.85 12.32
CA ALA A 442 13.89 12.06 13.12
C ALA A 442 12.52 12.72 13.19
N VAL A 443 12.17 13.15 14.39
CA VAL A 443 11.02 14.01 14.59
C VAL A 443 11.56 15.42 14.72
N CYS A 444 10.68 16.41 14.68
CA CYS A 444 11.09 17.75 15.08
C CYS A 444 9.93 18.44 15.74
N ASN A 445 9.54 17.93 16.90
CA ASN A 445 8.46 18.52 17.67
C ASN A 445 8.52 20.04 17.78
N LEU A 446 7.34 20.66 17.75
CA LEU A 446 7.23 22.02 17.29
C LEU A 446 6.55 22.99 18.26
N ALA A 447 6.87 24.28 18.15
CA ALA A 447 6.16 25.34 18.87
C ALA A 447 6.45 26.71 18.26
N SER A 448 5.39 27.45 17.92
CA SER A 448 5.54 28.73 17.23
C SER A 448 5.59 29.94 18.18
N LEU A 449 6.08 31.06 17.67
CA LEU A 449 6.19 32.30 18.45
C LEU A 449 5.23 33.36 17.95
N ALA A 450 4.52 34.00 18.88
CA ALA A 450 3.63 35.11 18.54
C ALA A 450 4.43 36.40 18.43
N LEU A 451 5.10 36.56 17.29
CA LEU A 451 6.05 37.65 17.09
C LEU A 451 5.45 39.05 17.20
N ASN A 452 4.13 39.14 17.20
CA ASN A 452 3.48 40.45 17.27
C ASN A 452 3.14 40.86 18.69
N MET A 453 3.32 39.95 19.65
CA MET A 453 3.13 40.29 21.06
C MET A 453 4.31 41.06 21.61
N TYR A 454 5.39 41.10 20.83
CA TYR A 454 6.60 41.81 21.22
C TYR A 454 6.68 43.15 20.51
N VAL A 455 6.09 44.17 21.11
CA VAL A 455 6.10 45.51 20.55
C VAL A 455 5.76 46.43 21.72
N THR A 456 6.04 47.72 21.61
CA THR A 456 5.64 48.67 22.64
C THR A 456 4.53 49.59 22.14
N SER A 457 3.76 50.18 23.06
CA SER A 457 2.82 51.26 22.72
C SER A 457 3.61 52.56 22.57
N GLU A 458 4.71 52.41 21.86
CA GLU A 458 5.80 53.35 21.68
C GLU A 458 6.50 52.88 20.41
N HIS A 459 5.88 51.87 19.81
CA HIS A 459 6.26 51.31 18.50
C HIS A 459 7.74 50.95 18.38
N THR A 460 8.28 50.32 19.41
CA THR A 460 9.61 49.72 19.33
C THR A 460 9.50 48.24 19.72
N TYR A 461 10.42 47.43 19.22
CA TYR A 461 10.33 45.99 19.39
C TYR A 461 10.90 45.52 20.72
N ASP A 462 10.26 44.53 21.32
CA ASP A 462 10.67 43.98 22.62
C ASP A 462 11.51 42.72 22.45
N PHE A 463 12.82 42.91 22.30
CA PHE A 463 13.74 41.79 22.08
C PHE A 463 14.04 41.03 23.37
N LYS A 464 14.01 41.74 24.50
CA LYS A 464 14.37 41.14 25.79
C LYS A 464 13.61 39.83 26.06
N LYS A 465 12.29 39.97 26.22
CA LYS A 465 11.36 38.85 26.54
C LYS A 465 11.28 37.82 25.37
N LEU A 466 11.58 38.28 24.15
CA LEU A 466 11.51 37.37 22.98
C LEU A 466 12.54 36.27 23.18
N ALA A 467 13.70 36.64 23.70
CA ALA A 467 14.69 35.68 24.12
C ALA A 467 14.14 34.90 25.33
N GLU A 468 13.67 35.63 26.33
CA GLU A 468 13.12 35.04 27.56
C GLU A 468 12.01 34.03 27.31
N VAL A 469 11.05 34.38 26.46
CA VAL A 469 9.98 33.45 26.12
C VAL A 469 10.53 32.26 25.36
N THR A 470 11.34 32.55 24.34
CA THR A 470 12.01 31.50 23.58
C THR A 470 12.85 30.63 24.53
N LYS A 471 13.47 31.26 25.54
CA LYS A 471 14.18 30.51 26.58
C LYS A 471 13.28 29.43 27.18
N VAL A 472 12.04 29.81 27.47
CA VAL A 472 11.08 28.87 28.07
C VAL A 472 10.71 27.76 27.08
N VAL A 473 10.25 28.16 25.89
CA VAL A 473 9.76 27.24 24.87
C VAL A 473 10.72 26.10 24.56
N VAL A 474 12.02 26.41 24.50
CA VAL A 474 13.04 25.39 24.30
C VAL A 474 12.95 24.30 25.36
N ARG A 475 12.79 24.72 26.61
CA ARG A 475 12.78 23.81 27.74
C ARG A 475 11.50 22.97 27.77
N ASN A 476 10.37 23.59 27.44
CA ASN A 476 9.11 22.86 27.34
C ASN A 476 9.20 21.82 26.23
N LEU A 477 9.64 22.25 25.06
CA LEU A 477 9.83 21.38 23.91
C LEU A 477 10.81 20.26 24.23
N ASN A 478 11.75 20.53 25.12
CA ASN A 478 12.72 19.53 25.52
C ASN A 478 12.15 18.57 26.57
N LYS A 479 11.18 19.06 27.35
CA LYS A 479 10.41 18.19 28.22
C LYS A 479 9.52 17.32 27.35
N ILE A 480 8.98 17.93 26.30
CA ILE A 480 8.14 17.24 25.34
C ILE A 480 8.88 16.07 24.69
N ILE A 481 10.19 16.19 24.53
CA ILE A 481 10.96 15.13 23.87
C ILE A 481 10.92 13.88 24.71
N ASP A 482 10.93 14.09 26.02
CA ASP A 482 11.18 13.04 27.00
C ASP A 482 9.91 12.27 27.28
N ILE A 483 8.80 13.01 27.32
CA ILE A 483 7.48 12.47 27.64
C ILE A 483 6.68 11.96 26.41
N ASN A 484 7.00 12.50 25.24
CA ASN A 484 6.28 12.18 24.00
C ASN A 484 6.13 10.69 23.76
N TYR A 485 4.92 10.26 23.45
CA TYR A 485 4.68 8.87 23.05
C TYR A 485 5.02 8.69 21.57
N TYR A 486 6.19 8.13 21.31
CA TYR A 486 6.67 7.98 19.94
C TYR A 486 6.05 6.75 19.27
N PRO A 487 5.56 6.92 18.03
CA PRO A 487 4.85 5.89 17.27
C PRO A 487 5.73 4.71 16.87
N VAL A 488 6.96 4.99 16.46
CA VAL A 488 7.92 3.94 16.16
C VAL A 488 9.17 4.12 17.03
N PRO A 489 9.71 3.00 17.56
CA PRO A 489 10.91 3.04 18.40
C PRO A 489 12.09 3.68 17.69
N GLU A 490 12.06 3.66 16.36
CA GLU A 490 13.08 4.29 15.54
C GLU A 490 13.08 5.81 15.75
N ALA A 491 11.89 6.38 15.94
CA ALA A 491 11.75 7.82 16.16
C ALA A 491 12.26 8.20 17.55
N CYS A 492 12.08 7.29 18.50
CA CYS A 492 12.57 7.49 19.87
C CYS A 492 14.09 7.58 19.88
N LEU A 493 14.73 6.63 19.21
CA LEU A 493 16.19 6.56 19.16
C LEU A 493 16.79 7.76 18.45
N SER A 494 15.99 8.40 17.59
CA SER A 494 16.47 9.57 16.87
C SER A 494 16.37 10.83 17.74
N ASN A 495 15.27 10.95 18.47
CA ASN A 495 15.03 12.13 19.28
C ASN A 495 15.81 12.11 20.60
N LYS A 496 16.16 10.93 21.07
CA LYS A 496 16.83 10.78 22.36
C LYS A 496 18.31 11.10 22.29
N ARG A 497 18.87 10.93 21.09
CA ARG A 497 20.29 11.23 20.87
C ARG A 497 20.47 12.68 20.44
N HIS A 498 19.70 13.06 19.43
CA HIS A 498 19.83 14.33 18.74
C HIS A 498 19.18 15.45 19.52
N ARG A 499 18.05 15.09 20.11
CA ARG A 499 17.16 15.98 20.87
C ARG A 499 16.92 17.32 20.13
N PRO A 500 16.48 17.24 18.86
CA PRO A 500 16.23 18.47 18.11
C PRO A 500 14.80 18.97 18.30
N ILE A 501 14.62 20.28 18.19
CA ILE A 501 13.30 20.88 18.41
C ILE A 501 13.05 22.03 17.45
N GLY A 502 11.91 21.99 16.76
CA GLY A 502 11.58 23.02 15.80
C GLY A 502 10.80 24.17 16.41
N ILE A 503 11.50 25.26 16.69
CA ILE A 503 10.85 26.44 17.24
C ILE A 503 10.49 27.40 16.12
N GLY A 504 9.23 27.40 15.73
CA GLY A 504 8.79 28.26 14.65
C GLY A 504 8.19 29.56 15.10
N VAL A 505 7.51 30.24 14.18
CA VAL A 505 6.98 31.56 14.44
C VAL A 505 5.67 31.82 13.71
N GLN A 506 5.04 32.94 14.04
CA GLN A 506 3.81 33.37 13.37
C GLN A 506 3.66 34.89 13.52
N GLY A 507 2.76 35.46 12.73
CA GLY A 507 2.49 36.89 12.82
C GLY A 507 3.68 37.75 12.42
N LEU A 508 4.56 37.21 11.59
CA LEU A 508 5.67 37.97 11.03
C LEU A 508 5.10 39.19 10.32
N ALA A 509 4.05 38.95 9.53
CA ALA A 509 3.39 40.01 8.78
C ALA A 509 2.83 41.08 9.69
N ASP A 510 2.25 40.67 10.81
CA ASP A 510 1.60 41.61 11.73
C ASP A 510 2.62 42.39 12.56
N ALA A 511 3.78 41.78 12.79
CA ALA A 511 4.84 42.44 13.55
C ALA A 511 5.28 43.72 12.86
N PHE A 512 5.67 43.61 11.59
CA PHE A 512 6.03 44.76 10.77
C PHE A 512 4.89 45.78 10.75
N ILE A 513 3.67 45.27 10.66
CA ILE A 513 2.49 46.11 10.58
C ILE A 513 2.23 46.84 11.90
N LEU A 514 2.56 46.21 13.01
CA LEU A 514 2.42 46.85 14.33
C LEU A 514 3.66 47.66 14.70
N MET A 515 4.77 47.39 14.01
CA MET A 515 5.96 48.23 14.12
C MET A 515 5.89 49.31 13.06
N ARG A 516 4.79 49.32 12.30
CA ARG A 516 4.41 50.40 11.40
C ARG A 516 5.40 50.34 10.23
N TYR A 517 5.94 49.14 10.00
CA TYR A 517 6.83 48.89 8.88
C TYR A 517 6.07 48.33 7.70
N PRO A 518 6.45 48.75 6.48
CA PRO A 518 6.10 47.99 5.28
C PRO A 518 6.86 46.67 5.32
N PHE A 519 6.35 45.62 4.69
CA PHE A 519 7.01 44.33 4.71
C PHE A 519 8.34 44.38 3.94
N GLU A 520 8.33 45.09 2.82
CA GLU A 520 9.49 45.25 1.95
C GLU A 520 10.54 46.25 2.44
N SER A 521 10.14 47.11 3.38
CA SER A 521 10.98 48.23 3.81
C SER A 521 12.32 47.76 4.36
N ALA A 522 13.26 48.68 4.39
CA ALA A 522 14.55 48.37 4.97
C ALA A 522 14.49 48.25 6.48
N GLU A 523 13.52 48.88 7.15
CA GLU A 523 13.58 48.66 8.58
C GLU A 523 12.80 47.39 8.90
N ALA A 524 12.02 46.89 7.95
CA ALA A 524 11.56 45.50 8.01
C ALA A 524 12.76 44.57 7.88
N GLN A 525 13.67 44.92 6.97
CA GLN A 525 14.91 44.15 6.80
C GLN A 525 15.91 44.21 8.00
N LEU A 526 16.19 45.39 8.62
CA LEU A 526 16.92 45.46 9.90
C LEU A 526 16.41 44.46 10.84
N LEU A 527 15.14 44.70 11.12
CA LEU A 527 14.47 44.05 12.21
C LEU A 527 14.34 42.61 11.99
N ASN A 528 14.11 42.22 10.74
CA ASN A 528 13.99 40.82 10.53
C ASN A 528 15.35 40.13 10.74
N LYS A 529 16.47 40.86 10.69
CA LYS A 529 17.81 40.27 10.87
C LYS A 529 17.67 39.83 12.32
N GLN A 530 17.90 40.84 13.16
CA GLN A 530 17.59 40.90 14.59
C GLN A 530 16.50 39.99 15.16
N ILE A 531 15.36 39.92 14.49
CA ILE A 531 14.23 39.15 15.04
C ILE A 531 14.58 37.68 15.22
N PHE A 532 15.22 37.09 14.22
CA PHE A 532 15.57 35.67 14.30
C PHE A 532 16.92 35.47 14.98
N GLU A 533 17.64 36.56 15.20
CA GLU A 533 18.86 36.51 16.01
C GLU A 533 18.50 36.26 17.47
N THR A 534 17.66 37.14 18.00
CA THR A 534 17.19 37.05 19.38
C THR A 534 16.56 35.68 19.65
N ILE A 535 15.86 35.15 18.66
CA ILE A 535 15.27 33.82 18.79
C ILE A 535 16.36 32.77 18.80
N TYR A 536 17.33 32.91 17.92
CA TYR A 536 18.43 31.94 17.85
C TYR A 536 19.26 31.96 19.12
N TYR A 537 19.61 33.14 19.60
CA TYR A 537 20.46 33.23 20.79
C TYR A 537 19.58 33.13 22.04
N GLY A 538 18.30 33.45 21.93
CA GLY A 538 17.36 33.07 22.97
C GLY A 538 17.28 31.56 23.12
N ALA A 539 17.26 30.84 22.00
CA ALA A 539 17.14 29.39 22.00
C ALA A 539 18.46 28.70 22.31
N LEU A 540 19.55 29.29 21.83
CA LEU A 540 20.87 28.76 22.13
C LEU A 540 21.20 28.99 23.60
N GLU A 541 20.65 30.04 24.20
CA GLU A 541 21.08 30.40 25.54
C GLU A 541 20.28 29.42 26.40
N ALA A 542 19.10 29.08 25.90
CA ALA A 542 18.18 28.16 26.54
C ALA A 542 18.65 26.71 26.41
N SER A 543 19.11 26.35 25.22
CA SER A 543 19.61 25.00 24.99
C SER A 543 20.92 24.79 25.72
N CYS A 544 21.63 25.88 25.97
CA CYS A 544 22.89 25.83 26.71
C CYS A 544 22.65 25.53 28.18
N ASP A 545 21.45 25.86 28.64
CA ASP A 545 21.13 25.77 30.06
C ASP A 545 20.80 24.36 30.50
N LEU A 546 20.48 23.48 29.57
CA LEU A 546 20.06 22.16 30.01
C LEU A 546 21.00 21.12 29.42
N ALA A 547 22.16 21.61 28.97
CA ALA A 547 23.37 20.80 29.06
C ALA A 547 23.97 20.77 30.50
N LYS A 548 23.85 21.87 31.28
CA LYS A 548 24.29 22.04 32.70
C LYS A 548 23.60 20.84 33.39
N GLU A 549 22.27 20.90 33.31
CA GLU A 549 21.36 20.15 34.12
C GLU A 549 21.37 18.68 33.79
N GLN A 550 21.38 18.33 32.50
CA GLN A 550 21.21 16.93 32.13
C GLN A 550 22.40 16.35 31.39
N GLY A 551 23.13 17.20 30.67
CA GLY A 551 24.26 16.74 29.88
C GLY A 551 23.93 16.76 28.40
N PRO A 552 24.82 17.34 27.58
CA PRO A 552 24.71 17.55 26.13
C PRO A 552 24.08 16.36 25.39
N TYR A 553 23.25 16.63 24.39
CA TYR A 553 22.57 15.60 23.60
C TYR A 553 23.64 14.64 23.07
N GLU A 554 23.37 13.33 23.04
CA GLU A 554 24.48 12.36 23.15
C GLU A 554 25.42 12.54 21.92
N THR A 555 24.86 12.82 20.75
CA THR A 555 25.68 13.03 19.57
C THR A 555 26.06 14.49 19.40
N TYR A 556 26.20 15.19 20.53
CA TYR A 556 26.75 16.54 20.52
C TYR A 556 28.14 16.51 19.91
N GLU A 557 29.01 15.67 20.46
CA GLU A 557 30.41 15.62 20.06
C GLU A 557 30.57 15.17 18.62
N GLY A 558 31.11 16.06 17.79
CA GLY A 558 31.26 15.83 16.38
C GLY A 558 30.56 16.90 15.57
N SER A 559 29.40 17.35 16.08
CA SER A 559 28.57 18.34 15.40
C SER A 559 29.31 19.66 15.22
N PRO A 560 28.94 20.41 14.17
CA PRO A 560 29.55 21.71 13.86
C PRO A 560 29.56 22.70 15.04
N VAL A 561 28.63 22.55 15.97
CA VAL A 561 28.59 23.45 17.13
C VAL A 561 29.39 22.89 18.32
N SER A 562 29.74 21.62 18.25
CA SER A 562 30.69 21.03 19.19
C SER A 562 32.09 21.33 18.70
N LYS A 563 32.10 21.90 17.50
CA LYS A 563 33.29 22.30 16.76
C LYS A 563 33.32 23.81 16.75
N GLY A 564 32.54 24.40 17.65
CA GLY A 564 32.55 25.82 17.95
C GLY A 564 32.19 26.73 16.81
N ILE A 565 31.25 26.34 15.96
CA ILE A 565 30.87 27.24 14.87
C ILE A 565 29.39 27.03 14.62
N LEU A 566 28.64 28.14 14.64
CA LEU A 566 27.19 28.06 14.70
C LEU A 566 26.53 28.10 13.33
N GLN A 567 25.24 28.44 13.33
CA GLN A 567 24.45 28.43 12.10
C GLN A 567 24.77 29.63 11.22
N TYR A 568 24.97 30.79 11.83
CA TYR A 568 25.21 32.02 11.08
C TYR A 568 26.64 32.08 10.54
N ASP A 569 27.51 31.22 11.07
CA ASP A 569 28.87 31.13 10.56
C ASP A 569 28.89 30.35 9.26
N MET A 570 28.01 29.36 9.14
CA MET A 570 27.95 28.53 7.95
C MET A 570 27.38 29.33 6.78
N TRP A 571 26.73 30.44 7.09
CA TRP A 571 26.19 31.38 6.09
C TRP A 571 27.19 32.55 5.93
N ASN A 572 28.34 32.42 6.58
CA ASN A 572 29.17 33.48 7.14
C ASN A 572 28.50 34.87 7.19
N VAL A 573 27.53 34.98 8.10
CA VAL A 573 26.85 36.25 8.37
C VAL A 573 27.25 36.81 9.73
N THR A 574 28.01 37.90 9.72
CA THR A 574 28.39 38.57 10.95
C THR A 574 27.11 39.15 11.56
N PRO A 575 26.78 38.75 12.80
CA PRO A 575 25.50 39.14 13.38
C PRO A 575 25.46 40.60 13.85
N THR A 576 24.28 41.03 14.31
CA THR A 576 24.09 42.41 14.75
C THR A 576 24.71 42.64 16.13
N ASP A 577 25.13 43.87 16.39
CA ASP A 577 25.63 44.26 17.71
C ASP A 577 24.53 44.16 18.78
N LEU A 578 23.34 43.77 18.35
CA LEU A 578 22.20 43.52 19.21
C LEU A 578 22.56 42.70 20.45
N TRP A 579 23.19 41.56 20.21
CA TRP A 579 23.57 40.68 21.28
C TRP A 579 25.08 40.44 21.26
N ASP A 580 25.61 39.89 22.35
CA ASP A 580 27.04 39.62 22.40
C ASP A 580 27.22 38.11 22.26
N TRP A 581 27.45 37.66 21.03
CA TRP A 581 27.57 36.24 20.72
C TRP A 581 28.91 35.69 21.20
N LYS A 582 29.91 36.57 21.27
CA LYS A 582 31.20 36.21 21.83
C LYS A 582 31.01 35.65 23.24
N VAL A 583 30.03 36.21 23.93
CA VAL A 583 29.60 35.69 25.22
C VAL A 583 28.94 34.33 25.05
N LEU A 584 27.99 34.24 24.11
CA LEU A 584 27.22 33.01 23.91
C LEU A 584 28.04 31.86 23.36
N LYS A 585 28.95 32.19 22.43
CA LYS A 585 29.86 31.22 21.83
C LYS A 585 30.67 30.51 22.86
N GLU A 586 30.63 31.03 24.08
CA GLU A 586 31.74 30.76 24.94
C GLU A 586 31.08 30.13 26.19
N LYS A 587 29.79 30.44 26.43
CA LYS A 587 28.89 29.61 27.26
C LYS A 587 28.82 28.21 26.73
N ILE A 588 28.53 28.13 25.45
CA ILE A 588 28.25 26.88 24.74
C ILE A 588 29.50 26.02 24.67
N ALA A 589 30.64 26.66 24.47
CA ALA A 589 31.92 25.97 24.42
C ALA A 589 32.21 25.20 25.70
N LYS A 590 31.60 25.64 26.80
CA LYS A 590 31.79 25.01 28.11
C LYS A 590 30.97 23.72 28.23
N TYR A 591 29.85 23.81 28.95
CA TYR A 591 28.82 22.73 29.01
C TYR A 591 28.21 22.22 27.68
N GLY A 592 27.68 23.10 26.82
CA GLY A 592 27.09 22.65 25.57
C GLY A 592 25.60 22.86 25.41
N ILE A 593 24.94 22.02 24.61
CA ILE A 593 23.50 22.13 24.38
C ILE A 593 22.81 20.78 24.32
N ARG A 594 21.63 20.69 24.94
CA ARG A 594 20.91 19.43 24.92
C ARG A 594 20.19 19.26 23.61
N ASN A 595 20.40 20.17 22.65
CA ASN A 595 19.67 20.11 21.39
C ASN A 595 20.57 20.25 20.18
N SER A 596 20.21 19.57 19.09
CA SER A 596 20.95 19.67 17.86
C SER A 596 20.45 20.86 17.06
N LEU A 597 19.16 20.85 16.75
CA LEU A 597 18.56 21.91 15.95
C LEU A 597 17.49 22.66 16.74
N LEU A 598 17.38 23.97 16.49
CA LEU A 598 16.55 24.84 17.33
C LEU A 598 15.46 25.59 16.57
N ILE A 599 15.84 26.29 15.50
CA ILE A 599 14.90 27.17 14.81
C ILE A 599 14.36 26.54 13.53
N ALA A 600 13.05 26.63 13.33
CA ALA A 600 12.39 26.07 12.15
C ALA A 600 10.96 26.56 12.00
N PRO A 601 10.78 27.71 11.32
CA PRO A 601 9.48 28.33 11.04
C PRO A 601 8.54 27.45 10.24
N MET A 602 7.49 27.08 10.94
CA MET A 602 6.38 26.26 10.48
C MET A 602 5.56 27.01 9.43
N PRO A 603 4.69 26.29 8.71
CA PRO A 603 3.51 26.97 8.22
C PRO A 603 2.39 26.72 9.23
N THR A 604 2.28 27.61 10.19
CA THR A 604 1.32 27.42 11.26
C THR A 604 -0.08 27.77 10.79
N ALA A 605 -0.73 26.82 10.13
CA ALA A 605 -2.08 27.04 9.60
C ALA A 605 -3.09 27.14 10.73
N SER A 606 -3.52 26.01 11.28
CA SER A 606 -4.46 26.07 12.39
C SER A 606 -3.76 26.47 13.65
N THR A 607 -2.44 26.39 13.69
CA THR A 607 -1.80 26.30 14.97
C THR A 607 -1.76 27.78 15.36
N ALA A 608 -1.85 28.63 14.33
CA ALA A 608 -1.87 30.09 14.45
C ALA A 608 -3.22 30.73 14.08
N GLN A 609 -4.14 29.96 13.47
CA GLN A 609 -5.47 30.50 13.15
C GLN A 609 -6.31 30.58 14.41
N ILE A 610 -5.71 31.09 15.48
CA ILE A 610 -6.30 31.08 16.81
C ILE A 610 -6.04 32.39 17.54
N LEU A 611 -4.76 32.77 17.61
CA LEU A 611 -4.33 33.93 18.40
C LEU A 611 -4.73 35.25 17.74
N GLY A 612 -4.56 35.33 16.43
CA GLY A 612 -4.86 36.55 15.69
C GLY A 612 -3.63 37.03 14.94
N ASN A 613 -2.84 36.08 14.44
CA ASN A 613 -1.58 36.38 13.77
C ASN A 613 -1.46 35.66 12.43
N ASN A 614 -0.90 36.35 11.44
CA ASN A 614 -0.91 35.86 10.07
C ASN A 614 0.07 34.71 9.80
N GLU A 615 -0.50 33.51 9.74
CA GLU A 615 0.04 32.31 9.09
C GLU A 615 1.55 32.33 8.78
N SER A 616 2.35 31.68 9.61
CA SER A 616 3.79 31.53 9.37
C SER A 616 4.53 32.85 9.22
N ILE A 617 5.36 32.97 8.19
CA ILE A 617 6.19 34.16 7.98
C ILE A 617 5.77 34.99 6.79
N GLU A 618 4.94 34.42 5.91
CA GLU A 618 4.50 35.10 4.71
C GLU A 618 3.75 36.38 5.04
N PRO A 619 3.83 37.38 4.15
CA PRO A 619 3.04 38.61 4.29
C PRO A 619 1.55 38.33 4.15
N TYR A 620 0.72 39.36 4.30
CA TYR A 620 -0.71 39.22 4.09
C TYR A 620 -1.00 38.84 2.64
N THR A 621 -1.45 37.61 2.43
CA THR A 621 -1.71 37.10 1.08
C THR A 621 -2.74 37.93 0.35
N SER A 622 -3.82 38.29 1.05
CA SER A 622 -4.90 39.06 0.49
C SER A 622 -5.59 39.84 1.61
N ASN A 623 -5.46 41.15 1.59
CA ASN A 623 -5.92 42.02 2.68
C ASN A 623 -7.31 41.69 3.20
N ILE A 624 -8.20 41.26 2.32
CA ILE A 624 -9.49 40.74 2.76
C ILE A 624 -9.62 39.26 2.41
N TYR A 625 -9.83 38.45 3.44
CA TYR A 625 -9.99 37.01 3.30
C TYR A 625 -11.30 36.58 3.94
N THR A 626 -11.64 35.30 3.81
CA THR A 626 -12.86 34.76 4.41
C THR A 626 -12.68 33.33 4.92
N ARG A 627 -13.08 33.10 6.16
CA ARG A 627 -13.07 31.74 6.71
C ARG A 627 -14.50 31.21 6.79
N ARG A 628 -14.65 29.92 6.53
CA ARG A 628 -15.98 29.30 6.53
C ARG A 628 -16.29 28.61 7.85
N VAL A 629 -17.08 29.27 8.69
CA VAL A 629 -17.54 28.66 9.93
C VAL A 629 -18.79 27.84 9.67
N LEU A 630 -18.60 26.53 9.55
CA LEU A 630 -19.68 25.59 9.24
C LEU A 630 -20.38 25.97 7.93
N SER A 631 -21.55 26.60 8.06
CA SER A 631 -22.31 27.04 6.90
C SER A 631 -22.00 28.48 6.54
N GLY A 632 -21.88 29.32 7.57
CA GLY A 632 -21.63 30.73 7.38
C GLY A 632 -20.30 31.03 6.70
N GLU A 633 -20.25 32.18 6.05
CA GLU A 633 -19.01 32.67 5.44
C GLU A 633 -18.85 34.14 5.78
N PHE A 634 -17.94 34.43 6.70
CA PHE A 634 -17.79 35.79 7.21
C PHE A 634 -16.65 36.53 6.53
N GLN A 635 -16.93 37.74 6.08
CA GLN A 635 -15.92 38.60 5.51
C GLN A 635 -15.00 39.12 6.61
N ILE A 636 -13.73 38.72 6.56
CA ILE A 636 -12.75 39.16 7.53
C ILE A 636 -11.63 39.92 6.86
N VAL A 637 -11.39 41.15 7.30
CA VAL A 637 -10.34 41.95 6.71
C VAL A 637 -9.21 42.14 7.71
N ASN A 638 -8.01 42.38 7.18
CA ASN A 638 -6.82 42.77 7.95
C ASN A 638 -7.16 43.65 9.14
N PRO A 639 -7.06 43.08 10.36
CA PRO A 639 -7.41 43.73 11.63
C PRO A 639 -6.74 45.08 11.84
N HIS A 640 -5.53 45.26 11.32
CA HIS A 640 -4.80 46.51 11.49
C HIS A 640 -5.19 47.51 10.41
N LEU A 641 -5.38 47.00 9.19
CA LEU A 641 -5.79 47.81 8.05
C LEU A 641 -7.05 48.60 8.36
N LEU A 642 -8.12 47.88 8.64
CA LEU A 642 -9.42 48.47 8.93
C LEU A 642 -9.39 49.42 10.13
N LYS A 643 -8.56 49.09 11.11
CA LYS A 643 -8.54 49.76 12.40
C LYS A 643 -7.69 51.04 12.26
N ASP A 644 -7.02 51.15 11.10
CA ASP A 644 -6.31 52.37 10.71
C ASP A 644 -7.12 53.09 9.64
N LEU A 645 -7.84 52.30 8.85
CA LEU A 645 -8.76 52.82 7.85
C LEU A 645 -9.84 53.65 8.52
N THR A 646 -10.52 53.04 9.47
CA THR A 646 -11.62 53.67 10.19
C THR A 646 -11.18 54.89 11.00
N GLU A 647 -9.95 54.87 11.50
CA GLU A 647 -9.35 55.95 12.28
C GLU A 647 -9.42 57.27 11.54
N ARG A 648 -9.70 57.16 10.25
CA ARG A 648 -9.71 58.24 9.29
C ARG A 648 -11.10 58.43 8.78
N GLY A 649 -11.95 57.42 8.95
CA GLY A 649 -13.28 57.52 8.39
C GLY A 649 -13.29 57.03 6.96
N LEU A 650 -12.19 57.22 6.24
CA LEU A 650 -12.07 56.74 4.86
C LEU A 650 -12.14 55.18 4.77
N TRP A 651 -13.26 54.63 5.24
CA TRP A 651 -13.60 53.23 5.05
C TRP A 651 -15.12 53.11 4.95
N HIS A 652 -15.60 52.29 4.03
CA HIS A 652 -17.04 52.08 3.88
C HIS A 652 -17.38 50.89 3.00
N GLU A 653 -18.68 50.75 2.70
CA GLU A 653 -19.31 49.72 1.85
C GLU A 653 -18.92 49.82 0.36
N GLU A 654 -18.42 51.00 -0.03
CA GLU A 654 -17.86 51.12 -1.37
C GLU A 654 -16.35 50.80 -1.34
N MET A 655 -15.69 51.11 -0.22
CA MET A 655 -14.25 50.85 -0.05
C MET A 655 -14.02 49.36 -0.02
N LYS A 656 -14.55 48.77 1.03
CA LYS A 656 -15.13 47.43 1.00
C LYS A 656 -15.04 46.69 -0.34
N ASN A 657 -16.07 46.81 -1.20
CA ASN A 657 -16.11 46.15 -2.53
C ASN A 657 -14.91 46.37 -3.48
N GLN A 658 -14.37 47.59 -3.46
CA GLN A 658 -13.25 47.95 -4.32
C GLN A 658 -12.01 47.12 -3.99
N ILE A 659 -11.88 46.71 -2.73
CA ILE A 659 -10.74 45.94 -2.27
C ILE A 659 -10.90 44.45 -2.62
N ILE A 660 -12.13 43.95 -2.53
CA ILE A 660 -12.41 42.57 -2.92
C ILE A 660 -12.24 42.40 -4.41
N ALA A 661 -12.53 43.47 -5.15
CA ALA A 661 -12.38 43.49 -6.60
C ALA A 661 -10.92 43.32 -6.99
N CYS A 662 -10.02 43.66 -6.08
CA CYS A 662 -8.59 43.57 -6.33
C CYS A 662 -8.00 42.29 -5.76
N ASN A 663 -8.88 41.42 -5.24
CA ASN A 663 -8.46 40.20 -4.55
C ASN A 663 -7.38 40.47 -3.49
N GLY A 664 -7.49 41.61 -2.82
CA GLY A 664 -6.54 41.96 -1.77
C GLY A 664 -5.93 43.35 -1.86
N SER A 665 -5.52 43.73 -3.08
CA SER A 665 -4.83 44.98 -3.31
C SER A 665 -5.61 46.18 -2.83
N ILE A 666 -4.95 46.99 -2.02
CA ILE A 666 -5.49 48.27 -1.62
C ILE A 666 -4.66 49.34 -2.33
N GLN A 667 -3.86 48.98 -3.33
CA GLN A 667 -3.17 50.07 -4.06
C GLN A 667 -4.02 50.88 -5.07
N SER A 668 -5.20 50.39 -5.43
CA SER A 668 -5.99 51.06 -6.46
C SER A 668 -6.62 52.38 -6.01
N ILE A 669 -7.49 52.27 -5.01
CA ILE A 669 -8.07 53.38 -4.23
C ILE A 669 -7.11 54.43 -3.64
N PRO A 670 -6.96 55.55 -4.37
CA PRO A 670 -6.00 56.65 -4.19
C PRO A 670 -6.32 57.53 -2.99
N GLU A 671 -7.54 57.38 -2.47
CA GLU A 671 -8.00 58.06 -1.27
C GLU A 671 -7.03 57.78 -0.12
N ILE A 672 -6.79 56.50 0.10
CA ILE A 672 -5.85 56.02 1.12
C ILE A 672 -4.53 56.75 1.06
N PRO A 673 -4.13 57.38 2.18
CA PRO A 673 -2.79 57.98 2.27
C PRO A 673 -1.73 56.97 1.86
N ASP A 674 -0.88 57.34 0.91
CA ASP A 674 0.07 56.41 0.30
C ASP A 674 1.07 55.79 1.28
N ASP A 675 1.05 56.23 2.53
CA ASP A 675 1.90 55.62 3.56
C ASP A 675 1.35 54.24 3.95
N LEU A 676 0.03 54.11 3.92
CA LEU A 676 -0.63 52.88 4.36
C LEU A 676 -0.61 51.77 3.30
N LYS A 677 -0.57 52.12 2.01
CA LYS A 677 -0.44 51.05 1.00
C LYS A 677 0.99 50.64 0.78
N GLN A 678 1.91 51.19 1.54
CA GLN A 678 3.23 50.59 1.55
C GLN A 678 3.18 49.49 2.58
N LEU A 679 2.41 49.73 3.63
CA LEU A 679 2.39 48.93 4.85
C LEU A 679 1.63 47.62 4.68
N TYR A 680 0.43 47.73 4.14
CA TYR A 680 -0.41 46.56 3.98
C TYR A 680 -0.34 46.01 2.57
N LYS A 681 0.82 45.82 1.96
CA LYS A 681 0.60 45.40 0.60
C LYS A 681 0.54 43.90 0.71
N THR A 682 -0.07 43.30 -0.29
CA THR A 682 -0.26 41.87 -0.33
C THR A 682 0.99 41.26 -0.92
N VAL A 683 1.18 39.96 -0.69
CA VAL A 683 2.40 39.26 -1.12
C VAL A 683 2.46 39.12 -2.64
N TRP A 684 1.31 39.30 -3.28
CA TRP A 684 1.27 39.31 -4.73
C TRP A 684 2.17 40.39 -5.28
N GLU A 685 1.98 41.64 -4.84
CA GLU A 685 2.74 42.71 -5.48
C GLU A 685 4.00 42.94 -4.66
N ILE A 686 4.19 42.12 -3.63
CA ILE A 686 5.46 42.08 -2.92
C ILE A 686 6.45 41.28 -3.76
N SER A 687 7.34 42.02 -4.43
CA SER A 687 8.35 41.45 -5.30
C SER A 687 9.08 40.34 -4.58
N GLN A 688 8.86 39.13 -5.05
CA GLN A 688 9.45 37.94 -4.45
C GLN A 688 10.96 37.96 -4.47
N LYS A 689 11.58 38.90 -5.18
CA LYS A 689 13.04 38.85 -5.35
C LYS A 689 13.52 39.04 -3.95
N THR A 690 12.70 39.80 -3.26
CA THR A 690 13.00 40.43 -1.98
C THR A 690 12.33 39.73 -0.82
N VAL A 691 11.53 38.70 -1.12
CA VAL A 691 10.99 37.81 -0.09
C VAL A 691 12.02 36.75 0.20
N LEU A 692 12.60 36.20 -0.85
CA LEU A 692 13.73 35.29 -0.70
C LEU A 692 14.96 35.99 -0.14
N LYS A 693 14.96 37.30 -0.19
CA LYS A 693 16.06 38.10 0.32
C LYS A 693 16.10 38.02 1.83
N MET A 694 14.99 38.44 2.42
CA MET A 694 14.81 38.43 3.85
C MET A 694 14.84 37.00 4.38
N ALA A 695 14.44 36.06 3.54
CA ALA A 695 14.44 34.64 3.90
C ALA A 695 15.86 34.15 4.17
N ALA A 696 16.81 34.62 3.37
CA ALA A 696 18.21 34.27 3.53
C ALA A 696 18.76 35.04 4.73
N GLU A 697 18.32 36.28 4.87
CA GLU A 697 18.81 37.14 5.94
C GLU A 697 18.43 36.63 7.32
N ARG A 698 17.41 35.79 7.40
CA ARG A 698 17.01 35.20 8.68
C ARG A 698 17.44 33.74 8.81
N GLY A 699 17.64 33.09 7.66
CA GLY A 699 18.00 31.69 7.61
C GLY A 699 19.32 31.35 8.25
N ALA A 700 20.15 32.37 8.45
CA ALA A 700 21.45 32.20 9.09
C ALA A 700 21.29 32.01 10.59
N PHE A 701 20.20 32.55 11.14
CA PHE A 701 19.91 32.40 12.55
C PHE A 701 18.79 31.38 12.71
N ILE A 702 18.68 30.50 11.71
CA ILE A 702 17.72 29.42 11.71
C ILE A 702 18.45 28.08 11.58
N ASP A 703 18.44 27.31 12.65
CA ASP A 703 19.18 26.06 12.74
C ASP A 703 18.78 25.08 11.62
N GLN A 704 17.54 25.18 11.17
CA GLN A 704 17.02 24.33 10.10
C GLN A 704 16.55 25.16 8.90
N SER A 705 15.38 24.82 8.36
CA SER A 705 14.88 25.48 7.16
C SER A 705 13.68 26.35 7.45
N GLN A 706 12.93 26.63 6.40
CA GLN A 706 11.94 27.69 6.47
C GLN A 706 10.84 27.32 5.47
N SER A 707 9.57 27.32 5.85
CA SER A 707 8.56 26.98 4.84
C SER A 707 8.30 28.22 4.01
N LEU A 708 8.99 28.34 2.87
CA LEU A 708 8.86 29.52 2.02
C LEU A 708 7.87 29.36 0.87
N ASN A 709 6.76 30.10 0.93
CA ASN A 709 5.78 30.09 -0.15
C ASN A 709 6.10 31.14 -1.22
N ILE A 710 5.79 30.81 -2.48
CA ILE A 710 6.07 31.70 -3.60
C ILE A 710 4.77 32.04 -4.33
N HIS A 711 4.57 33.33 -4.59
CA HIS A 711 3.26 33.81 -5.04
C HIS A 711 3.32 34.67 -6.31
N ILE A 712 2.97 34.09 -7.45
CA ILE A 712 2.81 34.88 -8.65
C ILE A 712 1.62 34.31 -9.41
N ALA A 713 0.71 35.17 -9.84
CA ALA A 713 -0.58 34.74 -10.35
C ALA A 713 -0.59 34.76 -11.88
N GLU A 714 0.40 35.42 -12.44
CA GLU A 714 0.64 35.37 -13.89
C GLU A 714 2.09 35.00 -14.12
N PRO A 715 2.40 33.70 -14.05
CA PRO A 715 3.77 33.21 -13.98
C PRO A 715 4.32 32.70 -15.30
N ASN A 716 5.06 33.53 -16.01
CA ASN A 716 5.86 33.03 -17.11
C ASN A 716 6.96 32.17 -16.51
N TYR A 717 7.43 31.18 -17.27
CA TYR A 717 8.44 30.27 -16.76
C TYR A 717 9.73 31.04 -16.52
N GLY A 718 9.84 32.19 -17.20
CA GLY A 718 10.95 33.10 -16.99
C GLY A 718 10.98 33.66 -15.58
N LYS A 719 9.82 34.04 -15.05
CA LYS A 719 9.74 34.54 -13.68
C LYS A 719 10.13 33.44 -12.70
N LEU A 720 9.61 32.25 -12.95
CA LEU A 720 9.87 31.12 -12.07
C LEU A 720 11.33 30.69 -12.10
N THR A 721 11.92 30.70 -13.29
CA THR A 721 13.33 30.35 -13.44
C THR A 721 14.21 31.31 -12.64
N SER A 722 13.81 32.57 -12.57
CA SER A 722 14.63 33.60 -11.93
C SER A 722 14.37 33.74 -10.42
N MET A 723 13.18 33.34 -9.98
CA MET A 723 12.84 33.40 -8.57
C MET A 723 13.39 32.18 -7.83
N HIS A 724 13.39 31.04 -8.52
CA HIS A 724 13.93 29.80 -7.96
C HIS A 724 15.42 29.92 -7.68
N PHE A 725 16.18 30.34 -8.69
CA PHE A 725 17.62 30.44 -8.58
C PHE A 725 18.06 31.52 -7.61
N TYR A 726 17.25 32.55 -7.42
CA TYR A 726 17.58 33.61 -6.46
C TYR A 726 17.67 32.99 -5.09
N GLY A 727 16.82 31.99 -4.86
CA GLY A 727 16.90 31.18 -3.68
C GLY A 727 18.19 30.40 -3.53
N TRP A 728 18.66 29.67 -4.54
CA TRP A 728 19.74 28.75 -4.18
C TRP A 728 21.09 29.42 -4.35
N LYS A 729 21.16 30.38 -5.27
CA LYS A 729 22.18 31.46 -5.19
C LYS A 729 22.31 32.16 -3.84
N GLN A 730 21.23 32.30 -3.08
CA GLN A 730 21.33 33.02 -1.80
C GLN A 730 21.49 32.02 -0.67
N GLY A 731 21.55 30.74 -1.06
CA GLY A 731 21.93 29.67 -0.15
C GLY A 731 20.84 29.16 0.76
N LEU A 732 19.58 29.35 0.36
CA LEU A 732 18.45 28.87 1.15
C LEU A 732 18.48 27.36 1.37
N LYS A 733 17.87 26.92 2.47
CA LYS A 733 17.65 25.49 2.67
C LYS A 733 16.41 25.08 1.87
N THR A 734 15.29 25.75 2.13
CA THR A 734 14.09 25.55 1.32
C THR A 734 14.02 26.57 0.21
N GLY A 735 14.05 26.09 -1.02
CA GLY A 735 13.93 26.97 -2.17
C GLY A 735 12.51 27.42 -2.37
N MET A 736 11.58 26.50 -2.18
CA MET A 736 10.16 26.80 -2.34
C MET A 736 9.28 25.78 -1.66
N TYR A 737 8.24 26.25 -0.99
CA TYR A 737 7.20 25.38 -0.49
C TYR A 737 6.17 25.21 -1.60
N TYR A 738 5.05 25.92 -1.45
CA TYR A 738 3.99 25.95 -2.44
C TYR A 738 4.22 27.02 -3.50
N LEU A 739 3.72 26.73 -4.70
CA LEU A 739 3.34 27.74 -5.69
C LEU A 739 1.89 28.07 -5.63
N ARG A 740 1.62 29.33 -5.93
CA ARG A 740 0.35 29.95 -5.61
C ARG A 740 0.07 30.92 -6.75
N THR A 741 -1.08 30.72 -7.38
CA THR A 741 -1.53 31.37 -8.61
C THR A 741 -3.01 31.67 -8.47
N ARG A 742 -3.70 31.70 -9.59
CA ARG A 742 -5.16 31.65 -9.62
C ARG A 742 -5.58 30.86 -10.83
N MET B 1 18.62 -24.31 -53.77
CA MET B 1 18.84 -22.90 -53.53
C MET B 1 19.80 -22.48 -52.42
N HIS B 2 19.25 -21.84 -51.39
CA HIS B 2 19.88 -20.77 -50.63
C HIS B 2 19.38 -20.76 -49.18
N VAL B 3 20.00 -21.56 -48.32
CA VAL B 3 19.80 -21.46 -46.88
C VAL B 3 21.17 -21.59 -46.29
N ILE B 4 21.48 -20.79 -45.28
CA ILE B 4 22.84 -20.95 -44.76
C ILE B 4 22.67 -21.94 -43.60
N LYS B 5 23.46 -23.00 -43.55
CA LYS B 5 23.24 -23.95 -42.47
C LYS B 5 23.56 -23.55 -41.06
N ARG B 6 23.88 -24.61 -40.34
CA ARG B 6 23.98 -24.66 -38.93
C ARG B 6 25.46 -24.36 -38.74
N ASP B 7 26.24 -24.87 -39.69
CA ASP B 7 27.56 -24.32 -40.10
C ASP B 7 27.71 -22.82 -40.28
N GLY B 8 27.39 -22.41 -41.50
CA GLY B 8 27.83 -21.14 -42.06
C GLY B 8 27.99 -21.33 -43.57
N ARG B 9 27.90 -22.59 -43.98
CA ARG B 9 27.80 -23.00 -45.38
C ARG B 9 26.40 -22.91 -45.94
N GLN B 10 26.25 -23.29 -47.20
CA GLN B 10 24.98 -23.17 -47.91
C GLN B 10 24.50 -24.56 -48.34
N GLU B 11 23.20 -24.72 -48.43
CA GLU B 11 22.63 -25.93 -49.00
C GLU B 11 21.49 -25.60 -49.94
N ARG B 12 21.56 -26.15 -51.14
CA ARG B 12 20.38 -26.48 -51.91
C ARG B 12 19.16 -26.94 -51.13
N VAL B 13 18.41 -25.97 -50.60
CA VAL B 13 17.00 -26.23 -50.22
C VAL B 13 16.20 -26.93 -51.28
N MET B 14 15.86 -28.15 -50.91
CA MET B 14 15.08 -29.05 -51.73
C MET B 14 13.89 -29.55 -50.93
N PHE B 15 12.78 -29.73 -51.64
CA PHE B 15 11.58 -30.32 -51.07
C PHE B 15 11.89 -31.76 -50.65
N ASP B 16 12.69 -32.44 -51.46
CA ASP B 16 13.06 -33.82 -51.18
C ASP B 16 13.88 -33.89 -49.91
N LYS B 17 14.59 -32.79 -49.61
CA LYS B 17 15.44 -32.72 -48.43
C LYS B 17 14.63 -32.44 -47.15
N ILE B 18 13.76 -31.44 -47.20
CA ILE B 18 13.01 -31.03 -46.02
C ILE B 18 11.94 -32.04 -45.62
N THR B 19 11.18 -32.53 -46.60
CA THR B 19 10.10 -33.47 -46.33
C THR B 19 10.61 -34.79 -45.76
N SER B 20 11.92 -35.00 -45.85
CA SER B 20 12.56 -36.18 -45.28
C SER B 20 13.22 -35.83 -43.95
N ARG B 21 13.53 -34.55 -43.76
CA ARG B 21 14.08 -34.07 -42.50
C ARG B 21 12.96 -33.91 -41.48
N ILE B 22 11.73 -34.00 -41.97
CA ILE B 22 10.55 -33.97 -41.11
C ILE B 22 10.09 -35.42 -40.85
N GLN B 23 9.96 -36.21 -41.91
CA GLN B 23 9.93 -37.70 -41.81
C GLN B 23 10.90 -38.34 -40.81
N LYS B 24 11.83 -37.58 -40.27
CA LYS B 24 12.73 -38.11 -39.27
C LYS B 24 12.08 -38.10 -37.89
N LEU B 25 11.01 -37.31 -37.76
CA LEU B 25 10.41 -37.04 -36.46
C LEU B 25 9.03 -37.67 -36.31
N CYS B 26 8.35 -37.91 -37.42
CA CYS B 26 6.96 -38.32 -37.40
C CYS B 26 6.72 -39.72 -36.83
N TYR B 27 7.19 -40.01 -35.62
CA TYR B 27 7.11 -41.38 -35.19
C TYR B 27 6.15 -41.29 -34.01
N GLY B 28 5.19 -42.20 -33.90
CA GLY B 28 4.14 -42.03 -32.91
C GLY B 28 2.98 -41.19 -33.42
N LEU B 29 2.92 -41.00 -34.74
CA LEU B 29 1.77 -40.36 -35.39
C LEU B 29 1.12 -41.35 -36.38
N ASN B 30 -0.19 -41.55 -36.25
CA ASN B 30 -0.97 -42.32 -37.23
C ASN B 30 -0.89 -41.56 -38.51
N MET B 31 -0.20 -42.09 -39.50
CA MET B 31 0.38 -41.08 -40.31
C MET B 31 -0.45 -41.31 -41.60
N ASP B 32 -1.77 -41.18 -41.45
CA ASP B 32 -2.76 -41.56 -42.46
C ASP B 32 -3.44 -40.28 -42.99
N PHE B 33 -3.74 -39.32 -42.11
CA PHE B 33 -3.83 -37.93 -42.57
C PHE B 33 -2.85 -37.08 -41.75
N VAL B 34 -1.58 -37.50 -41.75
CA VAL B 34 -0.46 -36.77 -41.16
C VAL B 34 0.60 -36.77 -42.21
N ASP B 35 1.04 -35.61 -42.69
CA ASP B 35 1.58 -35.74 -44.01
C ASP B 35 2.61 -34.61 -44.06
N PRO B 36 3.90 -34.97 -44.16
CA PRO B 36 4.97 -33.98 -44.05
C PRO B 36 5.15 -33.22 -45.33
N ALA B 37 4.42 -33.66 -46.34
CA ALA B 37 4.45 -33.02 -47.63
C ALA B 37 4.05 -31.58 -47.53
N GLN B 38 2.96 -31.30 -46.82
CA GLN B 38 2.28 -30.05 -47.12
C GLN B 38 2.62 -29.05 -46.04
N ILE B 39 3.54 -29.48 -45.18
CA ILE B 39 4.33 -28.59 -44.37
C ILE B 39 5.35 -27.86 -45.23
N THR B 40 6.24 -28.66 -45.84
CA THR B 40 7.33 -28.16 -46.68
C THR B 40 6.86 -27.17 -47.74
N MET B 41 5.59 -27.31 -48.16
CA MET B 41 5.08 -26.53 -49.28
C MET B 41 4.98 -25.04 -48.95
N LYS B 42 4.06 -24.67 -48.07
CA LYS B 42 3.89 -23.26 -47.67
C LYS B 42 5.22 -22.67 -47.21
N VAL B 43 6.05 -23.52 -46.61
CA VAL B 43 7.40 -23.14 -46.20
C VAL B 43 8.27 -22.74 -47.39
N ILE B 44 8.40 -23.63 -48.36
CA ILE B 44 9.27 -23.43 -49.52
C ILE B 44 8.69 -22.35 -50.44
N GLN B 45 7.37 -22.28 -50.45
CA GLN B 45 6.54 -21.26 -51.11
C GLN B 45 6.71 -19.87 -50.51
N GLY B 46 7.65 -19.74 -49.58
CA GLY B 46 8.08 -18.45 -49.03
C GLY B 46 9.57 -18.42 -48.73
N LEU B 47 10.28 -19.48 -49.15
CA LEU B 47 11.70 -19.59 -48.90
C LEU B 47 12.54 -18.73 -49.87
N TYR B 48 13.08 -17.60 -49.38
CA TYR B 48 13.82 -16.72 -50.30
C TYR B 48 15.32 -16.92 -50.26
N SER B 49 16.01 -16.38 -51.27
CA SER B 49 17.44 -16.58 -51.41
C SER B 49 18.14 -15.98 -50.19
N GLY B 50 17.96 -16.65 -49.06
CA GLY B 50 18.49 -16.22 -47.78
C GLY B 50 18.01 -17.23 -46.76
N VAL B 51 17.64 -16.76 -45.58
CA VAL B 51 16.97 -17.58 -44.57
C VAL B 51 17.75 -18.88 -44.23
N THR B 52 18.56 -18.75 -43.19
CA THR B 52 19.07 -19.86 -42.38
C THR B 52 18.11 -20.99 -41.97
N THR B 53 18.70 -22.05 -41.40
CA THR B 53 18.05 -23.34 -41.13
C THR B 53 17.16 -23.36 -39.88
N VAL B 54 17.71 -22.90 -38.76
CA VAL B 54 16.95 -22.73 -37.54
C VAL B 54 15.82 -21.74 -37.80
N GLU B 55 16.12 -20.74 -38.61
CA GLU B 55 15.21 -19.64 -38.87
C GLU B 55 14.35 -20.05 -40.06
N LEU B 56 14.51 -21.32 -40.44
CA LEU B 56 13.66 -21.99 -41.40
C LEU B 56 12.77 -22.98 -40.64
N ASP B 57 13.28 -23.49 -39.53
CA ASP B 57 12.47 -24.35 -38.67
C ASP B 57 11.60 -23.48 -37.77
N THR B 58 11.94 -22.20 -37.69
CA THR B 58 11.02 -21.21 -37.14
C THR B 58 9.78 -21.25 -38.01
N LEU B 59 10.00 -21.36 -39.31
CA LEU B 59 8.93 -21.50 -40.28
C LEU B 59 8.34 -22.90 -40.17
N ALA B 60 9.20 -23.92 -40.25
CA ALA B 60 8.78 -25.32 -40.27
C ALA B 60 7.96 -25.73 -39.05
N ALA B 61 8.37 -25.27 -37.86
CA ALA B 61 7.63 -25.59 -36.64
C ALA B 61 6.33 -24.81 -36.56
N GLU B 62 6.41 -23.50 -36.75
CA GLU B 62 5.24 -22.63 -36.63
C GLU B 62 4.25 -22.82 -37.78
N THR B 63 4.61 -23.63 -38.76
CA THR B 63 3.71 -23.92 -39.88
C THR B 63 2.97 -25.23 -39.63
N ALA B 64 3.69 -26.24 -39.15
CA ALA B 64 3.07 -27.50 -38.75
C ALA B 64 2.17 -27.24 -37.55
N ALA B 65 2.45 -26.15 -36.84
CA ALA B 65 1.64 -25.73 -35.70
C ALA B 65 0.27 -25.24 -36.15
N THR B 66 0.26 -24.27 -37.06
CA THR B 66 -0.98 -23.70 -37.58
C THR B 66 -1.85 -24.75 -38.26
N LEU B 67 -1.23 -25.85 -38.69
CA LEU B 67 -1.95 -26.86 -39.44
C LEU B 67 -2.23 -28.01 -38.47
N THR B 68 -2.49 -27.66 -37.21
CA THR B 68 -2.92 -28.61 -36.20
C THR B 68 -4.40 -28.92 -36.40
N THR B 69 -5.11 -27.98 -37.00
CA THR B 69 -6.53 -28.15 -37.29
C THR B 69 -6.76 -29.33 -38.23
N LYS B 70 -5.73 -29.71 -38.98
CA LYS B 70 -5.79 -30.87 -39.86
C LYS B 70 -5.76 -32.16 -39.03
N HIS B 71 -4.98 -32.14 -37.96
CA HIS B 71 -4.87 -33.27 -37.04
C HIS B 71 -4.08 -32.87 -35.79
N PRO B 72 -4.54 -33.30 -34.61
CA PRO B 72 -3.88 -32.94 -33.35
C PRO B 72 -2.48 -33.54 -33.18
N ASP B 73 -2.04 -34.30 -34.18
CA ASP B 73 -0.70 -34.86 -34.17
C ASP B 73 0.31 -33.85 -34.71
N TYR B 74 -0.16 -32.92 -35.52
CA TYR B 74 0.69 -31.89 -36.10
C TYR B 74 1.24 -30.96 -35.03
N ALA B 75 0.49 -30.79 -33.95
CA ALA B 75 0.97 -30.00 -32.81
C ALA B 75 2.12 -30.71 -32.12
N ILE B 76 1.93 -32.01 -31.89
CA ILE B 76 2.96 -32.84 -31.29
C ILE B 76 4.17 -32.91 -32.21
N LEU B 77 3.94 -32.82 -33.51
CA LEU B 77 5.01 -32.79 -34.50
C LEU B 77 5.72 -31.44 -34.55
N ALA B 78 4.93 -30.38 -34.69
CA ALA B 78 5.47 -29.02 -34.72
C ALA B 78 6.32 -28.74 -33.49
N ALA B 79 6.02 -29.45 -32.41
CA ALA B 79 6.83 -29.41 -31.20
C ALA B 79 8.22 -29.95 -31.48
N ARG B 80 8.29 -31.17 -31.98
CA ARG B 80 9.58 -31.83 -32.21
C ARG B 80 10.46 -31.07 -33.18
N ILE B 81 9.84 -30.34 -34.10
CA ILE B 81 10.60 -29.50 -35.04
C ILE B 81 11.29 -28.37 -34.29
N ALA B 82 10.55 -27.74 -33.38
CA ALA B 82 11.10 -26.66 -32.56
C ALA B 82 12.04 -27.21 -31.49
N VAL B 83 11.72 -28.40 -30.97
CA VAL B 83 12.53 -29.04 -29.95
C VAL B 83 13.86 -29.53 -30.51
N SER B 84 13.82 -30.14 -31.70
CA SER B 84 15.05 -30.63 -32.31
C SER B 84 15.96 -29.48 -32.72
N ASN B 85 15.37 -28.38 -33.18
CA ASN B 85 16.15 -27.17 -33.39
C ASN B 85 16.17 -26.33 -32.11
N LEU B 86 16.23 -27.03 -30.99
CA LEU B 86 16.56 -26.46 -29.70
C LEU B 86 17.65 -27.37 -29.13
N HIS B 87 17.53 -28.66 -29.45
CA HIS B 87 18.50 -29.66 -29.06
C HIS B 87 19.87 -29.39 -29.67
N LYS B 88 19.90 -29.14 -30.98
CA LYS B 88 21.15 -28.85 -31.67
C LYS B 88 21.61 -27.44 -31.36
N GLU B 89 20.84 -26.74 -30.52
CA GLU B 89 21.13 -25.38 -30.11
C GLU B 89 21.37 -25.29 -28.60
N THR B 90 21.22 -26.43 -27.92
CA THR B 90 21.39 -26.47 -26.46
C THR B 90 22.46 -27.49 -26.08
N LYS B 91 23.08 -27.27 -24.92
CA LYS B 91 24.15 -28.14 -24.46
C LYS B 91 23.61 -29.56 -24.25
N LYS B 92 24.38 -30.55 -24.69
CA LYS B 92 23.89 -31.89 -24.94
C LYS B 92 23.60 -32.76 -23.72
N VAL B 93 24.34 -32.48 -22.66
CA VAL B 93 24.34 -33.28 -21.42
C VAL B 93 24.03 -32.40 -20.20
N PHE B 94 23.47 -32.99 -19.14
CA PHE B 94 22.88 -32.25 -18.00
C PHE B 94 23.86 -31.49 -17.12
N SER B 95 24.87 -32.19 -16.59
CA SER B 95 25.83 -31.58 -15.67
C SER B 95 26.57 -30.43 -16.33
N ASP B 96 26.58 -30.43 -17.66
CA ASP B 96 27.30 -29.45 -18.43
C ASP B 96 26.43 -28.20 -18.59
N VAL B 97 25.11 -28.41 -18.54
CA VAL B 97 24.15 -27.31 -18.52
C VAL B 97 24.15 -26.61 -17.16
N MET B 98 24.13 -27.42 -16.10
CA MET B 98 24.10 -26.92 -14.73
C MET B 98 25.35 -26.10 -14.38
N GLU B 99 26.51 -26.65 -14.71
CA GLU B 99 27.79 -26.01 -14.44
C GLU B 99 27.93 -24.70 -15.18
N ASP B 100 27.07 -24.51 -16.16
CA ASP B 100 27.25 -23.47 -17.15
C ASP B 100 26.22 -22.41 -16.74
N LEU B 101 25.30 -22.83 -15.88
CA LEU B 101 24.22 -22.01 -15.34
C LEU B 101 24.58 -21.33 -14.03
N TYR B 102 25.55 -21.88 -13.30
CA TYR B 102 25.98 -21.30 -12.03
C TYR B 102 27.12 -20.32 -12.24
N ASN B 103 27.92 -20.61 -13.25
CA ASN B 103 29.00 -19.73 -13.68
C ASN B 103 28.46 -18.64 -14.60
N TYR B 104 27.14 -18.54 -14.65
CA TYR B 104 26.45 -17.47 -15.37
C TYR B 104 26.87 -16.11 -14.86
N ILE B 105 27.03 -15.16 -15.77
CA ILE B 105 27.34 -13.79 -15.38
C ILE B 105 26.38 -12.83 -16.05
N ASN B 106 25.91 -11.87 -15.27
CA ASN B 106 25.02 -10.84 -15.77
C ASN B 106 25.79 -9.74 -16.48
N PRO B 107 25.57 -9.58 -17.79
CA PRO B 107 26.37 -8.60 -18.52
C PRO B 107 25.96 -7.15 -18.25
N HIS B 108 25.26 -6.85 -17.16
CA HIS B 108 24.85 -5.46 -16.98
C HIS B 108 25.81 -4.92 -15.93
N ASN B 109 25.84 -5.66 -14.83
CA ASN B 109 26.65 -5.35 -13.67
C ASN B 109 28.00 -6.04 -13.74
N GLY B 110 28.03 -7.21 -14.36
CA GLY B 110 29.22 -8.05 -14.35
C GLY B 110 29.19 -8.91 -13.11
N LYS B 111 28.19 -8.65 -12.26
CA LYS B 111 28.00 -9.39 -11.02
C LYS B 111 27.71 -10.86 -11.31
N HIS B 112 28.54 -11.72 -10.73
CA HIS B 112 28.34 -13.17 -10.83
C HIS B 112 26.95 -13.53 -10.33
N SER B 113 26.17 -14.21 -11.19
CA SER B 113 24.78 -14.50 -10.88
C SER B 113 24.46 -15.98 -10.97
N PRO B 114 24.25 -16.63 -9.81
CA PRO B 114 23.86 -18.04 -9.79
C PRO B 114 22.41 -18.25 -10.21
N MET B 115 22.19 -18.66 -11.45
CA MET B 115 20.84 -19.01 -11.91
C MET B 115 20.34 -20.18 -11.08
N VAL B 116 21.13 -21.26 -11.07
CA VAL B 116 20.88 -22.38 -10.18
C VAL B 116 21.38 -22.03 -8.78
N ALA B 117 21.74 -23.05 -8.00
CA ALA B 117 22.22 -22.81 -6.65
C ALA B 117 23.45 -23.64 -6.31
N LYS B 118 24.35 -23.08 -5.53
CA LYS B 118 25.46 -23.82 -4.97
C LYS B 118 24.91 -24.91 -4.05
N SER B 119 23.73 -24.64 -3.48
CA SER B 119 23.03 -25.60 -2.62
C SER B 119 22.58 -26.83 -3.39
N THR B 120 22.72 -26.77 -4.71
CA THR B 120 22.17 -27.80 -5.58
C THR B 120 23.20 -28.35 -6.55
N LEU B 121 23.94 -27.45 -7.18
CA LEU B 121 24.81 -27.79 -8.30
C LEU B 121 25.84 -28.78 -7.80
N ASP B 122 26.29 -28.57 -6.56
CA ASP B 122 27.45 -29.28 -6.06
C ASP B 122 26.98 -30.73 -5.73
N ILE B 123 25.67 -30.95 -5.58
CA ILE B 123 25.18 -32.31 -5.44
C ILE B 123 24.96 -32.86 -6.82
N VAL B 124 24.83 -31.95 -7.78
CA VAL B 124 24.53 -32.35 -9.16
C VAL B 124 25.75 -32.99 -9.79
N LEU B 125 26.89 -32.30 -9.78
CA LEU B 125 28.11 -32.89 -10.37
C LEU B 125 28.53 -34.10 -9.55
N ALA B 126 28.12 -34.11 -8.28
CA ALA B 126 28.43 -35.20 -7.37
C ALA B 126 27.98 -36.54 -7.94
N ASN B 127 26.86 -36.53 -8.65
CA ASN B 127 26.37 -37.73 -9.32
C ASN B 127 26.20 -37.52 -10.81
N LYS B 128 26.96 -36.58 -11.35
CA LYS B 128 27.05 -36.33 -12.79
C LYS B 128 27.06 -37.61 -13.63
N ASP B 129 27.77 -38.62 -13.16
CA ASP B 129 27.95 -39.86 -13.92
C ASP B 129 26.62 -40.48 -14.31
N ARG B 130 25.81 -40.84 -13.34
CA ARG B 130 24.55 -41.52 -13.62
C ARG B 130 23.42 -40.55 -13.90
N LEU B 131 23.45 -39.37 -13.29
CA LEU B 131 22.37 -38.41 -13.48
C LEU B 131 22.25 -38.03 -14.94
N ASN B 132 23.37 -37.64 -15.52
CA ASN B 132 23.43 -37.24 -16.92
C ASN B 132 22.86 -38.30 -17.85
N SER B 133 23.23 -39.56 -17.63
CA SER B 133 22.75 -40.64 -18.47
C SER B 133 21.37 -41.13 -18.06
N ALA B 134 20.90 -40.71 -16.88
CA ALA B 134 19.55 -41.08 -16.44
C ALA B 134 18.48 -40.17 -17.05
N ILE B 135 18.85 -39.49 -18.13
CA ILE B 135 17.95 -38.54 -18.78
C ILE B 135 17.60 -38.98 -20.19
N ILE B 136 16.34 -39.29 -20.45
CA ILE B 136 15.99 -39.78 -21.76
C ILE B 136 15.56 -38.49 -22.50
N TYR B 137 16.36 -37.96 -23.40
CA TYR B 137 15.96 -36.70 -24.02
C TYR B 137 14.96 -36.96 -25.12
N ASP B 138 14.56 -38.22 -25.29
CA ASP B 138 13.56 -38.56 -26.26
C ASP B 138 12.17 -38.32 -25.70
N ARG B 139 12.11 -37.90 -24.44
CA ARG B 139 10.84 -37.50 -23.85
C ARG B 139 10.47 -36.03 -23.95
N ASP B 140 11.26 -35.16 -24.58
CA ASP B 140 10.60 -33.88 -24.85
C ASP B 140 10.13 -33.88 -26.34
N PHE B 141 10.04 -35.06 -26.95
CA PHE B 141 9.24 -35.21 -28.18
C PHE B 141 7.82 -35.72 -27.85
N SER B 142 7.47 -35.76 -26.56
CA SER B 142 6.12 -36.20 -26.14
C SER B 142 5.21 -35.01 -25.82
N TYR B 143 5.77 -33.80 -25.83
CA TYR B 143 4.99 -32.59 -25.61
C TYR B 143 4.38 -32.11 -26.91
N ASN B 144 3.27 -31.38 -26.82
CA ASN B 144 2.73 -30.72 -27.99
C ASN B 144 3.25 -29.29 -28.03
N TYR B 145 3.17 -28.67 -29.22
CA TYR B 145 3.75 -27.36 -29.49
C TYR B 145 3.32 -26.29 -28.50
N PHE B 146 2.01 -26.12 -28.37
CA PHE B 146 1.41 -25.05 -27.60
C PHE B 146 1.77 -25.16 -26.12
N GLY B 147 2.18 -26.36 -25.72
CA GLY B 147 2.70 -26.55 -24.39
C GLY B 147 4.17 -26.22 -24.31
N PHE B 148 4.90 -26.60 -25.36
CA PHE B 148 6.33 -26.34 -25.40
C PHE B 148 6.62 -24.86 -25.40
N LYS B 149 5.76 -24.05 -26.02
CA LYS B 149 6.03 -22.62 -26.06
C LYS B 149 5.32 -21.90 -24.95
N THR B 150 4.82 -22.68 -24.02
CA THR B 150 4.63 -22.24 -22.64
C THR B 150 5.89 -22.59 -21.82
N LEU B 151 6.56 -23.66 -22.23
CA LEU B 151 7.76 -24.13 -21.53
C LEU B 151 8.96 -23.22 -21.72
N GLU B 152 9.28 -22.90 -22.96
CA GLU B 152 10.47 -22.12 -23.26
C GLU B 152 10.25 -20.64 -22.91
N ARG B 153 8.99 -20.21 -22.95
CA ARG B 153 8.65 -18.83 -22.65
C ARG B 153 9.12 -18.40 -21.25
N SER B 154 8.96 -19.28 -20.26
CA SER B 154 9.28 -18.92 -18.88
C SER B 154 9.71 -20.10 -17.99
N TYR B 155 9.52 -21.32 -18.45
CA TYR B 155 9.87 -22.50 -17.64
C TYR B 155 11.29 -22.99 -17.92
N LEU B 156 11.77 -22.73 -19.12
CA LEU B 156 13.14 -23.09 -19.49
C LEU B 156 14.06 -21.88 -19.30
N LEU B 157 14.89 -21.92 -18.26
CA LEU B 157 15.80 -20.82 -17.91
C LEU B 157 16.67 -20.41 -19.12
N LYS B 158 16.70 -19.13 -19.53
CA LYS B 158 17.64 -18.79 -20.61
C LYS B 158 18.80 -18.00 -20.13
N ILE B 159 19.90 -18.09 -20.88
CA ILE B 159 21.13 -17.35 -20.60
C ILE B 159 21.32 -16.20 -21.58
N ASN B 160 21.45 -14.97 -21.04
CA ASN B 160 21.60 -13.75 -21.84
C ASN B 160 20.52 -13.52 -22.90
N GLY B 161 19.45 -14.31 -22.85
CA GLY B 161 18.38 -14.18 -23.82
C GLY B 161 17.94 -15.47 -24.51
N LYS B 162 18.89 -16.33 -24.84
CA LYS B 162 18.56 -17.61 -25.47
C LYS B 162 18.56 -18.80 -24.51
N VAL B 163 17.72 -19.78 -24.84
CA VAL B 163 17.47 -20.96 -24.02
C VAL B 163 18.75 -21.65 -23.56
N ALA B 164 18.76 -22.10 -22.31
CA ALA B 164 19.92 -22.73 -21.72
C ALA B 164 19.63 -24.17 -21.29
N GLU B 165 18.36 -24.46 -21.06
CA GLU B 165 17.95 -25.81 -20.69
C GLU B 165 17.16 -26.49 -21.80
N ARG B 166 17.11 -27.81 -21.76
CA ARG B 166 16.12 -28.57 -22.49
C ARG B 166 15.00 -28.86 -21.50
N PRO B 167 13.84 -29.32 -21.98
CA PRO B 167 12.78 -29.60 -20.99
C PRO B 167 13.20 -30.66 -19.98
N GLN B 168 13.95 -31.67 -20.40
CA GLN B 168 14.42 -32.71 -19.47
C GLN B 168 15.46 -32.14 -18.49
N HIS B 169 16.28 -31.22 -18.98
CA HIS B 169 17.25 -30.52 -18.13
C HIS B 169 16.52 -29.75 -17.04
N MET B 170 15.36 -29.20 -17.39
CA MET B 170 14.55 -28.46 -16.44
C MET B 170 13.87 -29.41 -15.47
N LEU B 171 13.38 -30.54 -15.99
CA LEU B 171 12.67 -31.51 -15.16
C LEU B 171 13.58 -32.24 -14.18
N MET B 172 14.82 -32.48 -14.57
CA MET B 172 15.75 -33.17 -13.71
C MET B 172 16.25 -32.25 -12.60
N ARG B 173 16.53 -30.99 -12.95
CA ARG B 173 16.93 -30.01 -11.94
C ARG B 173 15.82 -29.83 -10.91
N VAL B 174 14.58 -29.88 -11.38
CA VAL B 174 13.43 -29.86 -10.49
C VAL B 174 13.49 -31.05 -9.54
N SER B 175 13.68 -32.24 -10.10
CA SER B 175 13.78 -33.46 -9.32
C SER B 175 15.06 -33.47 -8.48
N VAL B 176 16.00 -32.60 -8.83
CA VAL B 176 17.21 -32.43 -8.05
C VAL B 176 17.00 -31.32 -7.01
N GLY B 177 16.23 -30.31 -7.39
CA GLY B 177 15.89 -29.23 -6.48
C GLY B 177 15.08 -29.70 -5.29
N ILE B 178 14.29 -30.75 -5.49
CA ILE B 178 13.40 -31.25 -4.44
C ILE B 178 14.10 -32.17 -3.46
N HIS B 179 14.84 -33.14 -3.97
CA HIS B 179 15.43 -34.17 -3.13
C HIS B 179 16.89 -33.85 -2.78
N LYS B 180 17.46 -32.87 -3.49
CA LYS B 180 18.88 -32.49 -3.42
C LYS B 180 19.81 -33.70 -3.31
N GLU B 181 20.09 -34.05 -2.05
CA GLU B 181 21.04 -35.08 -1.67
C GLU B 181 20.57 -36.48 -2.06
N ASP B 182 19.26 -36.67 -2.09
CA ASP B 182 18.68 -37.96 -2.45
C ASP B 182 18.69 -38.14 -3.97
N ILE B 183 19.02 -39.35 -4.42
CA ILE B 183 19.16 -39.62 -5.85
C ILE B 183 18.28 -40.78 -6.34
N ASP B 184 18.19 -41.86 -5.56
CA ASP B 184 17.36 -43.00 -5.94
C ASP B 184 15.90 -42.62 -6.18
N ALA B 185 15.45 -41.55 -5.52
CA ALA B 185 14.09 -41.07 -5.69
C ALA B 185 14.03 -39.85 -6.60
N ALA B 186 15.15 -39.12 -6.67
CA ALA B 186 15.24 -37.94 -7.53
C ALA B 186 15.04 -38.32 -8.99
N ILE B 187 15.74 -39.37 -9.42
CA ILE B 187 15.61 -39.86 -10.78
C ILE B 187 14.24 -40.51 -10.97
N GLU B 188 13.72 -41.09 -9.89
CA GLU B 188 12.37 -41.63 -9.90
C GLU B 188 11.34 -40.52 -10.11
N THR B 189 11.51 -39.42 -9.38
CA THR B 189 10.66 -38.25 -9.53
C THR B 189 10.71 -37.72 -10.96
N TYR B 190 11.93 -37.62 -11.48
CA TYR B 190 12.15 -37.25 -12.86
C TYR B 190 11.44 -38.21 -13.83
N ASN B 191 11.56 -39.50 -13.53
CA ASN B 191 11.05 -40.55 -14.42
C ASN B 191 9.53 -40.59 -14.50
N LEU B 192 8.87 -39.75 -13.71
CA LEU B 192 7.42 -39.61 -13.76
C LEU B 192 7.07 -38.20 -14.23
N LEU B 193 7.94 -37.24 -13.89
CA LEU B 193 7.80 -35.87 -14.34
C LEU B 193 7.99 -35.77 -15.85
N SER B 194 8.86 -36.61 -16.39
CA SER B 194 9.27 -36.55 -17.79
C SER B 194 8.24 -37.15 -18.73
N GLU B 195 7.78 -38.37 -18.42
CA GLU B 195 6.75 -39.02 -19.22
C GLU B 195 5.38 -38.58 -18.72
N ARG B 196 5.35 -37.42 -18.07
CA ARG B 196 4.13 -36.73 -17.67
C ARG B 196 3.08 -37.57 -16.95
N TRP B 197 3.48 -38.34 -15.93
CA TRP B 197 2.52 -38.99 -15.06
C TRP B 197 1.91 -37.95 -14.14
N PHE B 198 2.64 -36.85 -13.99
CA PHE B 198 2.16 -35.67 -13.27
C PHE B 198 3.06 -34.48 -13.49
N THR B 199 2.83 -33.46 -12.69
CA THR B 199 3.66 -32.27 -12.62
C THR B 199 3.46 -31.52 -11.30
N HIS B 200 4.51 -30.83 -10.88
CA HIS B 200 4.43 -29.87 -9.78
C HIS B 200 3.88 -28.59 -10.35
N ALA B 201 3.14 -27.86 -9.52
CA ALA B 201 2.52 -26.62 -9.99
C ALA B 201 3.58 -25.58 -10.32
N SER B 202 3.14 -24.43 -10.81
CA SER B 202 4.00 -23.45 -11.47
C SER B 202 5.33 -23.16 -10.74
N PRO B 203 5.29 -22.56 -9.52
CA PRO B 203 6.54 -22.09 -8.92
C PRO B 203 7.50 -23.21 -8.52
N THR B 204 6.97 -24.41 -8.27
CA THR B 204 7.82 -25.53 -7.92
C THR B 204 8.72 -25.91 -9.10
N LEU B 205 8.33 -25.48 -10.29
CA LEU B 205 9.09 -25.77 -11.50
C LEU B 205 10.14 -24.70 -11.80
N PHE B 206 9.74 -23.44 -11.64
CA PHE B 206 10.58 -22.30 -11.97
C PHE B 206 11.92 -22.34 -11.24
N ASN B 207 11.83 -22.23 -9.92
CA ASN B 207 13.03 -22.07 -9.12
C ASN B 207 13.29 -23.23 -8.17
N ALA B 208 13.05 -24.45 -8.65
CA ALA B 208 13.52 -25.62 -7.93
C ALA B 208 15.01 -25.74 -8.13
N GLY B 209 15.77 -25.58 -7.05
CA GLY B 209 17.21 -25.69 -7.12
C GLY B 209 17.89 -24.39 -7.52
N THR B 210 17.18 -23.29 -7.43
CA THR B 210 17.83 -21.99 -7.51
C THR B 210 18.16 -21.57 -6.08
N ASN B 211 19.03 -20.59 -5.92
CA ASN B 211 19.37 -20.06 -4.60
C ASN B 211 18.10 -19.45 -3.97
N ARG B 212 17.80 -19.90 -2.75
CA ARG B 212 16.56 -19.57 -1.99
C ARG B 212 15.32 -19.97 -2.81
N PRO B 213 15.17 -21.27 -3.09
CA PRO B 213 14.14 -21.77 -4.00
C PRO B 213 12.76 -21.44 -3.44
N GLN B 214 11.86 -20.94 -4.26
CA GLN B 214 10.71 -20.37 -3.62
C GLN B 214 9.65 -21.38 -4.16
N LEU B 215 9.37 -22.49 -3.49
CA LEU B 215 8.58 -23.55 -4.16
C LEU B 215 7.11 -23.54 -3.83
N SER B 216 6.55 -22.36 -3.57
CA SER B 216 5.16 -22.30 -3.18
C SER B 216 4.39 -21.21 -3.90
N SER B 217 3.18 -21.57 -4.29
CA SER B 217 2.32 -20.77 -5.15
C SER B 217 1.60 -19.69 -4.37
N CYS B 218 0.38 -20.05 -4.00
CA CYS B 218 -0.51 -19.20 -3.23
C CYS B 218 -0.17 -19.27 -1.75
N PHE B 219 -0.50 -18.22 -1.03
CA PHE B 219 -0.32 -18.17 0.42
C PHE B 219 -1.59 -17.62 1.04
N LEU B 220 -1.78 -17.87 2.33
CA LEU B 220 -3.00 -17.45 3.02
C LEU B 220 -2.67 -16.45 4.13
N LEU B 221 -3.50 -15.41 4.27
CA LEU B 221 -3.26 -14.41 5.30
C LEU B 221 -4.54 -14.04 6.05
N SER B 222 -4.56 -14.28 7.35
CA SER B 222 -5.58 -13.67 8.20
C SER B 222 -5.00 -12.35 8.63
N MET B 223 -5.86 -11.35 8.79
CA MET B 223 -5.41 -10.07 9.33
C MET B 223 -4.80 -10.28 10.72
N LYS B 224 -3.50 -10.05 10.81
CA LYS B 224 -2.78 -9.94 12.11
C LYS B 224 -3.62 -9.38 13.27
N ASP B 225 -4.26 -8.24 13.08
CA ASP B 225 -5.01 -7.65 14.18
C ASP B 225 -6.06 -6.71 13.60
N ASP B 226 -6.82 -6.06 14.47
CA ASP B 226 -7.67 -4.98 14.03
C ASP B 226 -6.90 -3.69 14.27
N SER B 227 -5.62 -3.73 13.90
CA SER B 227 -4.74 -2.59 14.11
C SER B 227 -3.97 -2.26 12.84
N ILE B 228 -3.78 -0.97 12.59
CA ILE B 228 -2.89 -0.52 11.52
C ILE B 228 -1.54 -1.24 11.66
N GLU B 229 -0.93 -1.25 12.85
CA GLU B 229 0.29 -2.06 13.11
C GLU B 229 0.08 -3.50 12.70
N GLY B 230 -1.15 -4.00 12.72
CA GLY B 230 -1.38 -5.37 12.39
C GLY B 230 -1.71 -5.44 10.92
N ILE B 231 -2.40 -4.40 10.47
CA ILE B 231 -2.81 -4.30 9.08
C ILE B 231 -1.62 -4.14 8.15
N TYR B 232 -0.70 -3.24 8.49
CA TYR B 232 0.44 -2.98 7.63
C TYR B 232 1.57 -3.97 7.84
N ASP B 233 1.54 -4.68 8.96
CA ASP B 233 2.42 -5.82 9.15
C ASP B 233 1.79 -7.02 8.48
N THR B 234 0.51 -6.91 8.11
CA THR B 234 -0.11 -7.85 7.20
C THR B 234 0.20 -7.42 5.78
N LEU B 235 0.11 -6.11 5.53
CA LEU B 235 0.36 -5.57 4.21
C LEU B 235 1.81 -5.80 3.80
N LYS B 236 2.73 -5.66 4.76
CA LYS B 236 4.11 -5.99 4.51
C LYS B 236 4.22 -7.47 4.17
N GLN B 237 3.62 -8.31 5.01
CA GLN B 237 3.62 -9.76 4.85
C GLN B 237 3.30 -10.21 3.42
N CYS B 238 2.25 -9.63 2.85
CA CYS B 238 1.78 -10.06 1.54
C CYS B 238 2.57 -9.40 0.42
N ALA B 239 3.08 -8.20 0.66
CA ALA B 239 3.93 -7.53 -0.31
C ALA B 239 5.20 -8.33 -0.53
N LEU B 240 5.68 -8.94 0.56
CA LEU B 240 6.85 -9.81 0.53
C LEU B 240 6.57 -11.07 -0.27
N ILE B 241 5.33 -11.56 -0.19
CA ILE B 241 4.97 -12.78 -0.88
C ILE B 241 4.88 -12.54 -2.39
N SER B 242 4.39 -11.38 -2.79
CA SER B 242 4.24 -11.05 -4.20
C SER B 242 5.60 -10.61 -4.78
N LYS B 243 6.52 -10.32 -3.89
CA LYS B 243 7.91 -10.21 -4.25
C LYS B 243 8.35 -11.49 -4.87
N SER B 244 8.23 -12.54 -4.06
CA SER B 244 8.57 -13.90 -4.42
C SER B 244 7.42 -14.55 -5.18
N ALA B 245 6.74 -13.75 -5.99
CA ALA B 245 5.66 -14.22 -6.88
C ALA B 245 4.70 -15.20 -6.21
N GLY B 246 3.91 -14.70 -5.27
CA GLY B 246 3.00 -15.57 -4.54
C GLY B 246 1.56 -15.12 -4.64
N GLY B 247 0.68 -16.07 -4.97
CA GLY B 247 -0.74 -15.83 -4.91
C GLY B 247 -1.15 -15.70 -3.46
N ILE B 248 -2.20 -14.94 -3.18
CA ILE B 248 -2.56 -14.68 -1.79
C ILE B 248 -4.07 -14.63 -1.56
N GLY B 249 -4.52 -15.31 -0.51
CA GLY B 249 -5.87 -15.18 -0.02
C GLY B 249 -5.86 -14.51 1.34
N VAL B 250 -6.61 -13.44 1.51
CA VAL B 250 -6.60 -12.71 2.77
C VAL B 250 -7.98 -12.61 3.42
N ALA B 251 -8.03 -12.94 4.71
CA ALA B 251 -9.22 -12.70 5.52
C ALA B 251 -9.17 -11.28 6.07
N VAL B 252 -10.00 -10.40 5.52
CA VAL B 252 -10.05 -9.03 5.98
C VAL B 252 -11.31 -8.86 6.83
N SER B 253 -11.87 -10.00 7.23
CA SER B 253 -13.05 -10.01 8.10
C SER B 253 -12.77 -9.29 9.41
N CYS B 254 -11.54 -9.38 9.87
CA CYS B 254 -11.13 -8.84 11.16
C CYS B 254 -11.21 -7.32 11.27
N ILE B 255 -11.54 -6.63 10.18
CA ILE B 255 -11.33 -5.18 10.14
C ILE B 255 -12.55 -4.28 10.31
N ARG B 256 -12.44 -3.37 11.28
CA ARG B 256 -13.36 -2.26 11.53
C ARG B 256 -14.09 -1.81 10.27
N ALA B 257 -15.41 -2.00 10.22
CA ALA B 257 -16.15 -1.54 9.07
C ALA B 257 -16.18 -0.02 9.04
N THR B 258 -16.61 0.54 7.90
CA THR B 258 -16.69 1.98 7.71
C THR B 258 -17.64 2.62 8.71
N GLY B 259 -17.16 3.64 9.43
CA GLY B 259 -17.99 4.35 10.38
C GLY B 259 -17.94 3.75 11.78
N SER B 260 -16.89 2.97 12.04
CA SER B 260 -16.71 2.37 13.36
C SER B 260 -15.76 3.19 14.21
N TYR B 261 -16.11 3.34 15.48
CA TYR B 261 -15.37 4.21 16.40
C TYR B 261 -13.90 3.82 16.56
N ILE B 262 -13.04 4.84 16.56
CA ILE B 262 -11.63 4.67 16.90
C ILE B 262 -11.34 5.40 18.20
N ALA B 263 -11.02 4.64 19.24
CA ALA B 263 -10.78 5.23 20.56
C ALA B 263 -9.44 5.96 20.60
N GLY B 264 -8.45 5.38 19.95
CA GLY B 264 -7.10 5.90 20.00
C GLY B 264 -6.91 7.31 19.45
N THR B 265 -7.69 7.68 18.43
CA THR B 265 -7.39 8.92 17.72
C THR B 265 -8.73 9.64 17.44
N ASN B 266 -9.77 9.18 18.13
CA ASN B 266 -11.12 9.76 18.10
C ASN B 266 -11.65 10.18 16.74
N GLY B 267 -11.66 9.22 15.82
CA GLY B 267 -12.34 9.38 14.55
C GLY B 267 -13.02 8.07 14.25
N ASN B 268 -13.82 8.04 13.20
CA ASN B 268 -14.40 6.80 12.69
C ASN B 268 -13.52 6.16 11.62
N SER B 269 -13.53 4.83 11.57
CA SER B 269 -12.71 4.09 10.61
C SER B 269 -13.17 4.37 9.19
N ASN B 270 -12.31 4.07 8.23
CA ASN B 270 -12.64 4.27 6.82
C ASN B 270 -13.22 3.01 6.20
N GLY B 271 -13.08 1.88 6.89
CA GLY B 271 -13.61 0.63 6.41
C GLY B 271 -12.58 -0.15 5.62
N LEU B 272 -13.04 -0.92 4.63
CA LEU B 272 -12.11 -1.75 3.87
C LEU B 272 -11.98 -1.16 2.48
N VAL B 273 -12.99 -0.42 2.06
CA VAL B 273 -13.00 0.23 0.75
C VAL B 273 -11.71 1.05 0.54
N PRO B 274 -11.27 1.82 1.56
CA PRO B 274 -9.96 2.43 1.38
C PRO B 274 -8.79 1.48 1.70
N MET B 275 -8.97 0.63 2.71
CA MET B 275 -7.91 -0.29 3.14
C MET B 275 -7.53 -1.26 2.04
N LEU B 276 -8.49 -1.57 1.18
CA LEU B 276 -8.27 -2.56 0.15
C LEU B 276 -7.65 -1.98 -1.13
N ARG B 277 -7.87 -0.69 -1.40
CA ARG B 277 -7.25 -0.08 -2.57
C ARG B 277 -5.74 -0.04 -2.32
N VAL B 278 -5.39 -0.06 -1.03
CA VAL B 278 -4.00 -0.12 -0.61
C VAL B 278 -3.38 -1.42 -1.08
N TYR B 279 -4.14 -2.50 -0.94
CA TYR B 279 -3.73 -3.81 -1.44
C TYR B 279 -3.81 -3.86 -2.96
N ASN B 280 -4.76 -3.11 -3.51
CA ASN B 280 -4.93 -3.00 -4.96
C ASN B 280 -3.68 -2.47 -5.63
N ASN B 281 -3.16 -1.36 -5.11
CA ASN B 281 -1.98 -0.74 -5.68
C ASN B 281 -0.70 -1.45 -5.26
N THR B 282 -0.76 -2.19 -4.16
CA THR B 282 0.35 -3.05 -3.76
C THR B 282 0.52 -4.14 -4.82
N ALA B 283 -0.59 -4.64 -5.33
CA ALA B 283 -0.60 -5.71 -6.33
C ALA B 283 0.14 -5.32 -7.61
N ARG B 284 -0.36 -4.30 -8.30
CA ARG B 284 0.32 -3.80 -9.50
C ARG B 284 1.51 -2.88 -9.24
N TYR B 285 1.90 -2.76 -7.99
CA TYR B 285 3.25 -2.34 -7.69
C TYR B 285 4.20 -3.51 -7.89
N VAL B 286 4.32 -4.35 -6.88
CA VAL B 286 5.26 -5.46 -6.90
C VAL B 286 4.67 -6.69 -7.59
N ASP B 287 5.07 -6.89 -8.85
CA ASP B 287 4.60 -8.02 -9.64
C ASP B 287 5.48 -9.22 -9.42
N GLN B 288 6.77 -8.91 -9.27
CA GLN B 288 7.94 -9.74 -9.59
C GLN B 288 8.71 -8.84 -10.53
N GLY B 289 7.97 -7.94 -11.16
CA GLY B 289 8.51 -6.97 -12.08
C GLY B 289 8.63 -7.53 -13.48
N GLY B 290 7.58 -7.41 -14.27
CA GLY B 290 7.62 -7.87 -15.64
C GLY B 290 6.66 -9.01 -15.93
N ASN B 291 5.51 -8.66 -16.50
CA ASN B 291 4.49 -9.64 -16.84
C ASN B 291 4.86 -10.45 -18.07
N PRO B 294 0.94 -9.38 -13.63
CA PRO B 294 0.87 -8.59 -12.39
C PRO B 294 0.36 -9.43 -11.22
N GLY B 295 0.90 -9.19 -10.03
CA GLY B 295 0.45 -9.88 -8.83
C GLY B 295 -0.97 -9.48 -8.46
N ALA B 296 -1.60 -10.26 -7.59
CA ALA B 296 -2.98 -10.03 -7.18
C ALA B 296 -3.36 -10.91 -6.00
N PHE B 297 -4.21 -10.41 -5.10
CA PHE B 297 -4.53 -11.17 -3.91
C PHE B 297 -6.03 -11.39 -3.89
N ALA B 298 -6.47 -12.55 -3.40
CA ALA B 298 -7.89 -12.80 -3.24
C ALA B 298 -8.36 -12.43 -1.84
N ILE B 299 -9.21 -11.40 -1.75
CA ILE B 299 -9.71 -10.93 -0.47
C ILE B 299 -10.93 -11.73 -0.03
N TYR B 300 -10.94 -12.16 1.22
CA TYR B 300 -12.04 -12.96 1.75
C TYR B 300 -12.81 -12.23 2.84
N LEU B 301 -13.87 -11.55 2.42
CA LEU B 301 -14.74 -10.82 3.33
C LEU B 301 -16.02 -11.61 3.59
N GLU B 302 -16.36 -11.79 4.86
CA GLU B 302 -17.55 -12.55 5.22
C GLU B 302 -18.78 -11.64 5.22
N PRO B 303 -19.90 -12.13 4.67
CA PRO B 303 -21.09 -11.32 4.36
C PRO B 303 -21.76 -10.62 5.55
N TRP B 304 -21.40 -10.98 6.78
CA TRP B 304 -21.96 -10.31 7.94
C TRP B 304 -21.30 -8.96 8.17
N HIS B 305 -20.23 -8.70 7.44
CA HIS B 305 -19.48 -7.45 7.55
C HIS B 305 -20.28 -6.31 6.93
N LEU B 306 -20.34 -5.19 7.65
CA LEU B 306 -21.12 -4.02 7.25
C LEU B 306 -20.78 -3.50 5.85
N ASP B 307 -19.56 -3.73 5.39
CA ASP B 307 -19.10 -3.22 4.11
C ASP B 307 -19.29 -4.19 2.94
N ILE B 308 -20.12 -5.21 3.13
CA ILE B 308 -20.25 -6.30 2.16
C ILE B 308 -20.82 -5.83 0.81
N PHE B 309 -21.75 -4.88 0.84
CA PHE B 309 -22.33 -4.35 -0.39
C PHE B 309 -21.28 -3.59 -1.20
N GLU B 310 -20.52 -2.75 -0.50
CA GLU B 310 -19.46 -1.96 -1.11
C GLU B 310 -18.25 -2.82 -1.48
N PHE B 311 -18.22 -4.03 -0.95
CA PHE B 311 -17.23 -5.04 -1.30
C PHE B 311 -17.53 -5.62 -2.69
N LEU B 312 -18.74 -5.34 -3.14
CA LEU B 312 -19.34 -6.03 -4.27
C LEU B 312 -19.41 -5.07 -5.44
N ASP B 313 -19.44 -3.79 -5.11
CA ASP B 313 -19.38 -2.71 -6.08
C ASP B 313 -17.96 -2.56 -6.61
N LEU B 314 -17.02 -3.30 -6.02
CA LEU B 314 -15.61 -3.08 -6.28
C LEU B 314 -15.13 -3.63 -7.65
N LYS B 315 -15.67 -4.73 -8.19
CA LYS B 315 -15.48 -4.98 -9.66
C LYS B 315 -16.54 -4.81 -10.76
N LYS B 316 -17.75 -4.27 -10.49
CA LYS B 316 -18.43 -3.43 -11.54
C LYS B 316 -17.45 -2.68 -12.44
N ASN B 317 -17.40 -3.20 -13.67
CA ASN B 317 -16.56 -2.79 -14.79
C ASN B 317 -15.92 -1.42 -14.70
N THR B 318 -16.74 -0.40 -14.85
CA THR B 318 -16.29 0.99 -14.74
C THR B 318 -17.23 1.78 -13.83
N GLY B 319 -16.70 2.32 -12.73
CA GLY B 319 -17.54 2.89 -11.68
C GLY B 319 -17.29 4.30 -11.18
N LYS B 320 -16.54 4.43 -10.08
CA LYS B 320 -16.45 5.70 -9.36
C LYS B 320 -15.02 6.20 -9.10
N GLU B 321 -14.05 5.66 -9.84
CA GLU B 321 -12.67 6.18 -9.88
C GLU B 321 -11.83 6.06 -8.59
N GLU B 322 -11.98 7.02 -7.67
CA GLU B 322 -11.05 7.24 -6.55
C GLU B 322 -11.24 6.37 -5.32
N GLN B 323 -12.01 5.33 -5.56
CA GLN B 323 -12.99 4.71 -4.69
C GLN B 323 -13.18 3.31 -5.21
N ARG B 324 -12.25 2.77 -5.98
CA ARG B 324 -12.59 1.49 -6.59
C ARG B 324 -11.35 0.78 -7.06
N ALA B 325 -11.44 -0.53 -7.01
CA ALA B 325 -10.30 -1.37 -7.17
C ALA B 325 -10.54 -2.42 -8.21
N ARG B 326 -9.43 -2.89 -8.73
CA ARG B 326 -9.50 -3.63 -9.95
C ARG B 326 -8.67 -4.90 -9.80
N ASP B 327 -7.36 -4.78 -9.61
CA ASP B 327 -6.47 -5.96 -9.71
C ASP B 327 -6.65 -6.99 -8.60
N LEU B 328 -7.39 -6.61 -7.56
CA LEU B 328 -7.68 -7.54 -6.48
C LEU B 328 -8.80 -8.44 -6.90
N PHE B 329 -8.75 -9.71 -6.52
CA PHE B 329 -9.86 -10.61 -6.78
C PHE B 329 -10.64 -10.80 -5.48
N PHE B 330 -11.96 -10.91 -5.57
CA PHE B 330 -12.79 -10.90 -4.37
C PHE B 330 -13.47 -12.24 -4.12
N ALA B 331 -13.67 -12.57 -2.85
CA ALA B 331 -14.20 -13.86 -2.46
C ALA B 331 -15.10 -13.78 -1.24
N LEU B 332 -16.14 -14.59 -1.22
CA LEU B 332 -17.05 -14.64 -0.08
C LEU B 332 -16.79 -15.87 0.79
N TRP B 333 -16.52 -15.62 2.07
CA TRP B 333 -16.31 -16.68 3.05
C TRP B 333 -17.60 -16.90 3.83
N ILE B 334 -18.55 -17.56 3.19
CA ILE B 334 -19.94 -17.58 3.66
C ILE B 334 -20.25 -18.61 4.74
N PRO B 335 -20.87 -18.17 5.84
CA PRO B 335 -21.41 -19.07 6.86
C PRO B 335 -22.83 -19.55 6.49
N ASP B 336 -23.18 -20.78 6.85
CA ASP B 336 -24.46 -21.39 6.49
C ASP B 336 -25.66 -20.47 6.68
N LEU B 337 -25.67 -19.76 7.81
CA LEU B 337 -26.79 -18.93 8.23
C LEU B 337 -27.30 -17.99 7.13
N PHE B 338 -26.37 -17.36 6.42
CA PHE B 338 -26.73 -16.43 5.35
C PHE B 338 -27.54 -17.11 4.25
N MET B 339 -27.04 -18.25 3.79
CA MET B 339 -27.76 -19.04 2.78
C MET B 339 -29.14 -19.36 3.29
N LYS B 340 -29.22 -19.71 4.57
CA LYS B 340 -30.46 -20.14 5.17
C LYS B 340 -31.54 -19.06 5.08
N ARG B 341 -31.25 -17.86 5.61
CA ARG B 341 -32.31 -16.89 5.67
C ARG B 341 -32.36 -15.98 4.48
N VAL B 342 -31.54 -16.26 3.46
CA VAL B 342 -31.85 -15.83 2.09
C VAL B 342 -32.97 -16.71 1.59
N GLU B 343 -32.89 -18.02 1.83
CA GLU B 343 -33.81 -18.95 1.18
C GLU B 343 -35.11 -19.03 1.99
N THR B 344 -35.07 -18.60 3.24
CA THR B 344 -36.26 -18.45 4.05
C THR B 344 -36.82 -17.04 3.89
N ASN B 345 -36.05 -16.18 3.22
CA ASN B 345 -36.42 -14.79 2.96
C ASN B 345 -36.70 -13.98 4.22
N GLN B 346 -35.90 -14.24 5.25
CA GLN B 346 -35.99 -13.49 6.49
C GLN B 346 -34.81 -12.51 6.49
N ASP B 347 -34.88 -11.43 7.25
CA ASP B 347 -33.88 -10.35 7.19
C ASP B 347 -32.48 -10.80 7.55
N TRP B 348 -31.50 -9.91 7.46
CA TRP B 348 -30.10 -10.25 7.70
C TRP B 348 -29.36 -9.08 8.32
N SER B 349 -28.56 -9.35 9.35
CA SER B 349 -27.85 -8.29 10.05
C SER B 349 -26.41 -8.12 9.55
N LEU B 350 -26.05 -6.88 9.25
CA LEU B 350 -24.67 -6.54 8.90
C LEU B 350 -23.97 -5.96 10.13
N MET B 351 -22.79 -6.47 10.43
CA MET B 351 -22.11 -6.13 11.67
C MET B 351 -20.67 -5.69 11.48
N CYS B 352 -20.18 -4.89 12.41
CA CYS B 352 -18.77 -4.53 12.47
C CYS B 352 -18.04 -5.54 13.36
N PRO B 353 -16.88 -6.03 12.92
CA PRO B 353 -16.13 -7.03 13.68
C PRO B 353 -15.52 -6.48 14.96
N ASN B 354 -15.81 -5.22 15.27
CA ASN B 354 -15.35 -4.61 16.51
C ASN B 354 -16.51 -4.39 17.47
N GLU B 355 -17.66 -4.02 16.90
CA GLU B 355 -18.87 -3.84 17.68
C GLU B 355 -19.22 -5.25 18.14
N CYS B 356 -19.11 -6.17 17.18
CA CYS B 356 -19.33 -7.59 17.37
C CYS B 356 -18.02 -8.34 17.22
N PRO B 357 -17.19 -8.35 18.27
CA PRO B 357 -15.84 -8.91 18.19
C PRO B 357 -15.82 -10.44 18.07
N GLY B 358 -14.71 -10.98 17.57
CA GLY B 358 -14.53 -12.41 17.45
C GLY B 358 -15.62 -13.11 16.65
N LEU B 359 -16.05 -12.45 15.58
CA LEU B 359 -17.16 -12.93 14.77
C LEU B 359 -16.64 -13.72 13.57
N ASP B 360 -15.38 -13.46 13.23
CA ASP B 360 -14.72 -14.18 12.15
C ASP B 360 -13.98 -15.42 12.66
N GLU B 361 -13.77 -15.51 13.97
CA GLU B 361 -13.02 -16.64 14.49
C GLU B 361 -13.96 -17.69 15.10
N VAL B 362 -15.05 -17.98 14.38
CA VAL B 362 -16.06 -18.90 14.84
C VAL B 362 -16.98 -19.30 13.69
N TRP B 363 -17.37 -20.56 13.64
CA TRP B 363 -18.10 -21.10 12.49
C TRP B 363 -19.22 -22.06 12.90
N GLY B 364 -20.08 -22.39 11.95
CA GLY B 364 -21.04 -23.46 12.11
C GLY B 364 -22.01 -23.26 13.23
N GLU B 365 -22.37 -24.33 13.94
CA GLU B 365 -23.31 -24.14 15.03
C GLU B 365 -22.93 -23.23 16.11
N GLU B 366 -21.66 -22.86 16.11
CA GLU B 366 -21.08 -22.16 17.23
C GLU B 366 -21.40 -20.71 16.79
N PHE B 367 -21.20 -20.45 15.49
CA PHE B 367 -21.52 -19.18 14.84
C PHE B 367 -23.00 -18.86 14.71
N GLU B 368 -23.86 -19.87 14.65
CA GLU B 368 -25.29 -19.59 14.58
C GLU B 368 -25.66 -18.70 15.75
N LYS B 369 -25.19 -19.03 16.95
CA LYS B 369 -25.72 -18.30 18.10
C LYS B 369 -24.95 -17.02 18.40
N LEU B 370 -23.62 -17.05 18.31
CA LEU B 370 -22.82 -15.84 18.55
C LEU B 370 -23.29 -14.68 17.68
N TYR B 371 -23.70 -14.99 16.45
CA TYR B 371 -24.25 -14.00 15.54
C TYR B 371 -25.62 -13.51 16.01
N ALA B 372 -26.48 -14.46 16.38
CA ALA B 372 -27.83 -14.14 16.83
C ALA B 372 -27.83 -13.50 18.21
N SER B 373 -26.71 -13.62 18.91
CA SER B 373 -26.55 -13.00 20.23
C SER B 373 -26.43 -11.49 20.09
N TYR B 374 -25.70 -11.04 19.07
CA TYR B 374 -25.56 -9.62 18.80
C TYR B 374 -26.87 -9.03 18.31
N GLU B 375 -27.61 -9.83 17.55
CA GLU B 375 -28.90 -9.40 17.01
C GLU B 375 -29.90 -9.11 18.14
N LYS B 376 -29.88 -9.94 19.17
CA LYS B 376 -30.76 -9.76 20.31
C LYS B 376 -30.34 -8.57 21.16
N GLN B 377 -29.02 -8.39 21.29
CA GLN B 377 -28.45 -7.28 22.06
C GLN B 377 -28.78 -5.96 21.37
N GLY B 378 -28.95 -6.04 20.06
CA GLY B 378 -29.29 -4.92 19.22
C GLY B 378 -28.02 -4.30 18.70
N ARG B 379 -26.93 -5.07 18.66
CA ARG B 379 -25.66 -4.38 18.53
C ARG B 379 -25.17 -4.79 17.12
N VAL B 380 -25.80 -4.16 16.12
CA VAL B 380 -25.56 -4.34 14.69
C VAL B 380 -25.66 -2.95 14.02
N ARG B 381 -25.06 -2.77 12.84
CA ARG B 381 -25.07 -1.48 12.15
C ARG B 381 -26.17 -1.32 11.10
N LYS B 382 -26.26 -2.30 10.20
CA LYS B 382 -27.25 -2.38 9.09
C LYS B 382 -28.10 -3.62 9.19
N VAL B 383 -29.41 -3.45 9.03
CA VAL B 383 -30.27 -4.61 8.89
C VAL B 383 -30.91 -4.61 7.49
N VAL B 384 -30.67 -5.67 6.75
CA VAL B 384 -31.19 -5.75 5.38
C VAL B 384 -31.76 -7.14 5.11
N LYS B 385 -32.83 -7.19 4.32
CA LYS B 385 -33.43 -8.46 3.94
C LYS B 385 -32.36 -9.33 3.29
N ALA B 386 -32.26 -10.58 3.71
CA ALA B 386 -31.14 -11.42 3.32
C ALA B 386 -31.06 -11.59 1.81
N GLN B 387 -32.20 -11.52 1.14
CA GLN B 387 -32.19 -11.65 -0.31
C GLN B 387 -31.61 -10.40 -1.01
N GLN B 388 -31.74 -9.20 -0.43
CA GLN B 388 -30.92 -8.07 -0.88
C GLN B 388 -29.48 -8.37 -1.18
N LEU B 389 -28.76 -8.84 -0.16
CA LEU B 389 -27.34 -9.03 -0.27
C LEU B 389 -27.17 -10.10 -1.34
N TRP B 390 -28.15 -11.01 -1.40
CA TRP B 390 -28.07 -12.11 -2.36
C TRP B 390 -28.17 -11.67 -3.83
N TYR B 391 -29.23 -11.01 -4.30
CA TYR B 391 -29.15 -10.74 -5.73
C TYR B 391 -28.09 -9.67 -6.00
N ALA B 392 -27.71 -8.91 -4.97
CA ALA B 392 -26.65 -7.92 -5.13
C ALA B 392 -25.32 -8.62 -5.39
N ILE B 393 -25.15 -9.82 -4.83
CA ILE B 393 -23.97 -10.63 -5.09
C ILE B 393 -24.01 -11.14 -6.51
N ILE B 394 -25.16 -11.71 -6.89
CA ILE B 394 -25.38 -12.18 -8.24
C ILE B 394 -25.26 -11.03 -9.24
N GLU B 395 -25.74 -9.86 -8.85
CA GLU B 395 -25.62 -8.66 -9.68
C GLU B 395 -24.15 -8.31 -9.90
N SER B 396 -23.31 -8.63 -8.90
CA SER B 396 -21.88 -8.43 -9.03
C SER B 396 -21.26 -9.51 -9.90
N GLN B 397 -21.72 -10.75 -9.71
CA GLN B 397 -21.19 -11.89 -10.44
C GLN B 397 -21.59 -11.89 -11.91
N THR B 398 -22.85 -11.57 -12.19
CA THR B 398 -23.32 -11.50 -13.57
C THR B 398 -22.59 -10.37 -14.30
N GLU B 399 -22.15 -9.39 -13.54
CA GLU B 399 -21.37 -8.27 -14.09
C GLU B 399 -19.94 -8.69 -14.36
N THR B 400 -19.37 -9.49 -13.47
CA THR B 400 -17.96 -9.84 -13.55
C THR B 400 -17.72 -11.35 -13.67
N GLY B 401 -17.93 -12.04 -12.56
CA GLY B 401 -17.61 -13.44 -12.42
C GLY B 401 -17.24 -13.65 -10.97
N THR B 402 -16.87 -12.56 -10.33
CA THR B 402 -16.59 -12.51 -8.91
C THR B 402 -17.80 -11.85 -8.22
N PRO B 403 -17.96 -12.06 -6.90
CA PRO B 403 -17.09 -12.73 -5.93
C PRO B 403 -17.08 -14.25 -6.01
N TYR B 404 -16.00 -14.84 -5.52
CA TYR B 404 -15.91 -16.28 -5.33
C TYR B 404 -16.93 -16.70 -4.27
N MET B 405 -17.20 -17.99 -4.17
CA MET B 405 -18.21 -18.46 -3.24
C MET B 405 -17.71 -19.64 -2.40
N LEU B 406 -17.18 -19.33 -1.22
CA LEU B 406 -16.79 -20.38 -0.29
C LEU B 406 -17.74 -20.41 0.89
N TYR B 407 -17.92 -21.59 1.47
CA TYR B 407 -18.89 -21.79 2.53
C TYR B 407 -18.23 -22.18 3.84
N LYS B 408 -17.84 -21.16 4.59
CA LYS B 408 -17.15 -21.27 5.87
C LYS B 408 -17.65 -22.41 6.75
N ASP B 409 -18.95 -22.47 6.99
CA ASP B 409 -19.52 -23.52 7.83
C ASP B 409 -19.77 -24.80 7.05
N SER B 410 -19.02 -24.98 5.97
CA SER B 410 -18.97 -26.23 5.22
C SER B 410 -17.50 -26.45 4.94
N CYS B 411 -16.76 -25.34 5.02
CA CYS B 411 -15.36 -25.29 4.68
C CYS B 411 -14.56 -25.55 5.95
N ASN B 412 -15.22 -25.36 7.09
CA ASN B 412 -14.64 -25.64 8.40
C ASN B 412 -15.13 -26.96 8.97
N ARG B 413 -16.39 -27.29 8.71
CA ARG B 413 -16.95 -28.57 9.15
C ARG B 413 -16.13 -29.74 8.66
N LYS B 414 -15.59 -29.59 7.46
CA LYS B 414 -14.92 -30.69 6.77
C LYS B 414 -13.49 -30.34 6.44
N SER B 415 -12.71 -30.01 7.46
CA SER B 415 -11.28 -29.75 7.30
C SER B 415 -10.54 -30.50 8.38
N ASN B 416 -9.30 -30.89 8.13
CA ASN B 416 -8.53 -31.56 9.20
C ASN B 416 -7.85 -30.55 10.12
N GLN B 417 -8.03 -29.26 9.86
CA GLN B 417 -7.35 -28.23 10.62
C GLN B 417 -8.32 -27.57 11.55
N GLN B 418 -9.15 -28.35 12.22
CA GLN B 418 -10.29 -27.64 12.78
C GLN B 418 -9.79 -27.27 14.16
N ASN B 419 -9.07 -28.21 14.76
CA ASN B 419 -8.50 -28.12 16.09
C ASN B 419 -7.63 -26.88 16.29
N LEU B 420 -7.02 -26.41 15.22
CA LEU B 420 -6.22 -25.20 15.30
C LEU B 420 -7.12 -23.97 15.39
N GLY B 421 -8.38 -24.14 14.99
CA GLY B 421 -9.37 -23.09 15.10
C GLY B 421 -10.21 -22.90 13.86
N THR B 422 -10.77 -21.70 13.73
CA THR B 422 -11.46 -21.26 12.53
C THR B 422 -10.60 -20.77 11.38
N ILE B 423 -10.76 -21.44 10.24
CA ILE B 423 -10.28 -20.95 8.98
C ILE B 423 -11.08 -19.71 8.58
N LYS B 424 -10.42 -18.58 8.50
CA LYS B 424 -11.12 -17.33 8.17
C LYS B 424 -11.11 -17.01 6.69
N CYS B 425 -10.39 -17.81 5.90
CA CYS B 425 -10.28 -17.55 4.47
C CYS B 425 -9.71 -18.70 3.67
N SER B 426 -9.68 -18.52 2.35
CA SER B 426 -9.05 -19.46 1.45
C SER B 426 -7.99 -18.76 0.61
N ASN B 427 -7.57 -19.39 -0.50
CA ASN B 427 -6.46 -18.86 -1.29
C ASN B 427 -6.90 -18.02 -2.49
N LEU B 428 -5.94 -17.71 -3.35
CA LEU B 428 -6.17 -16.89 -4.53
C LEU B 428 -7.19 -17.52 -5.48
N CYS B 429 -7.07 -18.82 -5.66
CA CYS B 429 -7.92 -19.55 -6.58
C CYS B 429 -8.88 -20.51 -5.85
N THR B 430 -9.15 -20.20 -4.59
CA THR B 430 -10.23 -20.80 -3.79
C THR B 430 -10.29 -22.32 -3.76
N GLU B 431 -9.17 -22.97 -3.47
CA GLU B 431 -9.17 -24.41 -3.29
C GLU B 431 -8.52 -24.78 -1.97
N ILE B 432 -7.66 -23.89 -1.48
CA ILE B 432 -6.87 -24.16 -0.30
C ILE B 432 -7.55 -23.61 0.95
N VAL B 433 -7.81 -24.49 1.91
CA VAL B 433 -8.52 -24.12 3.12
C VAL B 433 -7.71 -24.49 4.36
N GLU B 434 -6.74 -23.65 4.70
CA GLU B 434 -5.86 -23.94 5.83
C GLU B 434 -5.99 -22.85 6.89
N TYR B 435 -5.44 -23.12 8.07
CA TYR B 435 -5.58 -22.20 9.19
C TYR B 435 -4.61 -21.03 9.09
N THR B 436 -5.07 -19.85 9.48
CA THR B 436 -4.26 -18.64 9.41
C THR B 436 -4.48 -17.81 10.67
N SER B 437 -3.45 -17.07 11.08
CA SER B 437 -3.55 -16.27 12.31
C SER B 437 -2.49 -15.16 12.36
N LYS B 438 -2.24 -14.67 13.57
CA LYS B 438 -1.28 -13.59 13.80
C LYS B 438 0.16 -14.04 13.52
N ASP B 439 0.51 -15.21 14.02
CA ASP B 439 1.86 -15.73 13.85
C ASP B 439 1.90 -16.90 12.87
N GLU B 440 0.82 -17.07 12.13
CA GLU B 440 0.71 -18.19 11.20
C GLU B 440 0.04 -17.84 9.87
N VAL B 441 0.74 -18.13 8.78
CA VAL B 441 0.18 -17.96 7.44
C VAL B 441 0.47 -19.19 6.58
N ALA B 442 -0.39 -20.20 6.71
CA ALA B 442 -0.21 -21.49 6.06
C ALA B 442 -0.08 -21.35 4.55
N VAL B 443 0.60 -22.31 3.90
CA VAL B 443 0.97 -22.14 2.51
C VAL B 443 0.44 -23.27 1.64
N CYS B 444 0.52 -23.10 0.32
CA CYS B 444 0.09 -24.13 -0.61
C CYS B 444 1.29 -24.88 -1.20
N ASN B 445 1.34 -26.18 -0.98
CA ASN B 445 2.32 -27.04 -1.64
C ASN B 445 1.63 -27.80 -2.76
N LEU B 446 1.89 -27.39 -4.00
CA LEU B 446 1.03 -27.77 -5.11
C LEU B 446 1.69 -28.64 -6.17
N ALA B 447 0.93 -29.64 -6.64
CA ALA B 447 1.40 -30.53 -7.70
C ALA B 447 0.22 -31.09 -8.48
N SER B 448 0.08 -30.67 -9.73
CA SER B 448 -0.99 -31.12 -10.60
C SER B 448 -0.88 -32.62 -10.89
N LEU B 449 -2.00 -33.24 -11.22
CA LEU B 449 -1.99 -34.62 -11.72
C LEU B 449 -2.63 -34.69 -13.10
N ALA B 450 -1.90 -35.24 -14.06
CA ALA B 450 -2.43 -35.46 -15.40
C ALA B 450 -3.30 -36.71 -15.39
N LEU B 451 -4.61 -36.53 -15.20
CA LEU B 451 -5.52 -37.64 -14.95
C LEU B 451 -5.76 -38.53 -16.17
N ASN B 452 -5.41 -38.02 -17.35
CA ASN B 452 -5.65 -38.77 -18.59
C ASN B 452 -4.63 -39.87 -18.80
N MET B 453 -3.48 -39.78 -18.13
CA MET B 453 -2.38 -40.72 -18.35
C MET B 453 -2.65 -42.10 -17.77
N TYR B 454 -3.48 -42.17 -16.72
CA TYR B 454 -3.78 -43.45 -16.07
C TYR B 454 -4.93 -44.17 -16.74
N VAL B 455 -4.83 -44.34 -18.05
CA VAL B 455 -5.83 -45.08 -18.81
C VAL B 455 -5.13 -46.11 -19.66
N THR B 456 -5.74 -47.28 -19.82
CA THR B 456 -5.20 -48.29 -20.70
C THR B 456 -5.67 -48.04 -22.13
N SER B 457 -4.87 -48.50 -23.10
CA SER B 457 -5.24 -48.56 -24.50
C SER B 457 -6.47 -49.45 -24.72
N GLU B 458 -6.96 -50.02 -23.62
CA GLU B 458 -8.21 -50.74 -23.61
C GLU B 458 -9.25 -50.02 -22.76
N HIS B 459 -9.10 -48.72 -22.53
CA HIS B 459 -10.13 -47.97 -21.84
C HIS B 459 -10.55 -48.57 -20.48
N THR B 460 -9.55 -49.04 -19.75
CA THR B 460 -9.74 -49.38 -18.34
C THR B 460 -8.74 -48.60 -17.51
N TYR B 461 -9.12 -48.22 -16.29
CA TYR B 461 -8.31 -47.27 -15.55
C TYR B 461 -7.24 -47.94 -14.70
N ASP B 462 -6.08 -47.30 -14.63
CA ASP B 462 -4.95 -47.87 -13.91
C ASP B 462 -4.90 -47.25 -12.52
N PHE B 463 -5.93 -47.55 -11.70
CA PHE B 463 -6.08 -46.99 -10.34
C PHE B 463 -4.87 -47.26 -9.42
N LYS B 464 -4.49 -48.52 -9.20
CA LYS B 464 -3.31 -48.81 -8.41
C LYS B 464 -2.01 -48.16 -8.88
N LYS B 465 -1.99 -47.46 -10.00
CA LYS B 465 -0.78 -46.68 -10.31
C LYS B 465 -1.01 -45.21 -10.02
N LEU B 466 -2.24 -44.75 -10.19
CA LEU B 466 -2.60 -43.40 -9.79
C LEU B 466 -2.38 -43.25 -8.29
N ALA B 467 -2.77 -44.29 -7.54
CA ALA B 467 -2.67 -44.27 -6.09
C ALA B 467 -1.24 -44.42 -5.56
N GLU B 468 -0.30 -44.87 -6.40
CA GLU B 468 1.10 -44.88 -5.96
C GLU B 468 1.91 -43.78 -6.67
N VAL B 469 1.39 -43.17 -7.73
CA VAL B 469 2.11 -42.00 -8.22
C VAL B 469 1.97 -40.92 -7.15
N THR B 470 0.76 -40.76 -6.64
CA THR B 470 0.46 -39.87 -5.53
C THR B 470 1.37 -40.16 -4.36
N LYS B 471 1.60 -41.45 -4.16
CA LYS B 471 2.57 -41.92 -3.19
C LYS B 471 3.91 -41.21 -3.26
N VAL B 472 4.32 -40.89 -4.48
CA VAL B 472 5.54 -40.15 -4.75
C VAL B 472 5.27 -38.66 -4.64
N VAL B 473 4.11 -38.22 -5.13
CA VAL B 473 3.73 -36.81 -5.12
C VAL B 473 3.71 -36.25 -3.70
N VAL B 474 3.28 -37.07 -2.74
CA VAL B 474 3.17 -36.63 -1.36
C VAL B 474 4.54 -36.39 -0.70
N ARG B 475 5.48 -37.30 -0.91
CA ARG B 475 6.82 -37.13 -0.34
C ARG B 475 7.56 -35.99 -0.99
N ASN B 476 7.31 -35.74 -2.27
CA ASN B 476 7.88 -34.57 -2.93
C ASN B 476 7.43 -33.32 -2.20
N LEU B 477 6.11 -33.18 -2.08
CA LEU B 477 5.55 -32.03 -1.40
C LEU B 477 5.94 -32.00 0.09
N ASN B 478 6.31 -33.13 0.67
CA ASN B 478 6.71 -33.05 2.04
C ASN B 478 8.09 -32.35 2.11
N LYS B 479 9.14 -33.06 1.66
CA LYS B 479 10.39 -32.39 1.38
C LYS B 479 10.34 -30.97 0.85
N ILE B 480 9.40 -30.65 -0.04
CA ILE B 480 9.28 -29.27 -0.49
C ILE B 480 9.01 -28.33 0.70
N ILE B 481 8.18 -28.76 1.66
CA ILE B 481 7.88 -27.94 2.84
C ILE B 481 9.13 -27.44 3.57
N ASP B 482 10.10 -28.33 3.78
CA ASP B 482 11.30 -27.98 4.54
C ASP B 482 12.24 -27.05 3.78
N ILE B 483 12.63 -27.45 2.57
CA ILE B 483 13.64 -26.74 1.81
C ILE B 483 13.13 -25.50 1.09
N ASN B 484 11.82 -25.41 0.88
CA ASN B 484 11.23 -24.23 0.26
C ASN B 484 11.60 -22.98 1.02
N TYR B 485 11.96 -21.93 0.31
CA TYR B 485 12.18 -20.67 0.98
C TYR B 485 10.82 -20.09 1.35
N TYR B 486 10.65 -19.75 2.62
CA TYR B 486 9.46 -19.04 3.03
C TYR B 486 9.82 -17.57 3.19
N PRO B 487 9.16 -16.70 2.41
CA PRO B 487 9.51 -15.28 2.37
C PRO B 487 9.17 -14.57 3.68
N VAL B 488 8.24 -15.16 4.42
CA VAL B 488 7.87 -14.64 5.73
C VAL B 488 8.01 -15.73 6.80
N PRO B 489 8.58 -15.36 7.96
CA PRO B 489 8.86 -16.30 9.05
C PRO B 489 7.63 -17.06 9.53
N GLU B 490 6.46 -16.45 9.43
CA GLU B 490 5.23 -17.11 9.85
C GLU B 490 4.85 -18.23 8.89
N ALA B 491 5.13 -18.03 7.61
CA ALA B 491 4.81 -19.03 6.58
C ALA B 491 5.55 -20.31 6.86
N CYS B 492 6.83 -20.18 7.17
CA CYS B 492 7.63 -21.33 7.56
C CYS B 492 6.96 -21.95 8.76
N LEU B 493 6.90 -21.21 9.85
CA LEU B 493 6.57 -21.79 11.15
C LEU B 493 5.07 -22.13 11.16
N SER B 494 4.39 -21.89 10.04
CA SER B 494 3.09 -22.50 9.80
C SER B 494 3.20 -23.86 9.19
N ASN B 495 3.86 -23.93 8.06
CA ASN B 495 3.58 -25.04 7.17
C ASN B 495 4.56 -26.10 7.68
N LYS B 496 5.34 -25.69 8.67
CA LYS B 496 6.43 -26.45 9.28
C LYS B 496 5.81 -27.25 10.41
N ARG B 497 4.70 -26.65 10.89
CA ARG B 497 3.76 -27.04 11.96
C ARG B 497 2.74 -28.05 11.40
N HIS B 498 1.77 -27.50 10.70
CA HIS B 498 0.65 -28.18 10.07
C HIS B 498 1.08 -29.12 8.98
N ARG B 499 2.00 -28.63 8.15
CA ARG B 499 2.45 -29.32 6.95
C ARG B 499 1.35 -29.64 5.93
N PRO B 500 0.49 -28.66 5.60
CA PRO B 500 -0.52 -28.99 4.58
C PRO B 500 0.05 -28.92 3.17
N ILE B 501 -0.11 -30.01 2.43
CA ILE B 501 0.27 -30.01 1.02
C ILE B 501 -0.99 -30.11 0.17
N GLY B 502 -0.96 -29.52 -1.02
CA GLY B 502 -2.13 -29.51 -1.87
C GLY B 502 -1.91 -30.22 -3.19
N ILE B 503 -2.33 -31.49 -3.25
CA ILE B 503 -2.20 -32.27 -4.46
C ILE B 503 -3.39 -31.99 -5.38
N GLY B 504 -3.13 -31.29 -6.48
CA GLY B 504 -4.18 -30.94 -7.41
C GLY B 504 -4.25 -31.88 -8.60
N VAL B 505 -5.30 -31.72 -9.41
CA VAL B 505 -5.48 -32.55 -10.59
C VAL B 505 -5.85 -31.72 -11.81
N GLN B 506 -5.57 -32.28 -12.99
CA GLN B 506 -5.84 -31.58 -14.24
C GLN B 506 -6.18 -32.55 -15.36
N GLY B 507 -6.93 -32.06 -16.33
CA GLY B 507 -7.31 -32.84 -17.49
C GLY B 507 -8.31 -33.94 -17.19
N LEU B 508 -9.24 -33.69 -16.28
CA LEU B 508 -10.24 -34.71 -15.98
C LEU B 508 -11.33 -34.48 -17.02
N ALA B 509 -11.20 -33.34 -17.70
CA ALA B 509 -11.85 -33.11 -18.97
C ALA B 509 -11.42 -34.20 -19.94
N ASP B 510 -10.10 -34.26 -20.15
CA ASP B 510 -9.49 -35.24 -21.04
C ASP B 510 -9.70 -36.66 -20.52
N ALA B 511 -9.61 -36.83 -19.20
CA ALA B 511 -9.70 -38.15 -18.58
C ALA B 511 -11.00 -38.86 -18.92
N PHE B 512 -12.12 -38.17 -18.69
CA PHE B 512 -13.44 -38.73 -19.01
C PHE B 512 -13.55 -39.10 -20.48
N ILE B 513 -12.97 -38.26 -21.33
CA ILE B 513 -13.06 -38.44 -22.77
C ILE B 513 -12.25 -39.65 -23.25
N LEU B 514 -11.09 -39.87 -22.66
CA LEU B 514 -10.18 -40.85 -23.23
C LEU B 514 -10.52 -42.20 -22.60
N MET B 515 -11.23 -42.15 -21.47
CA MET B 515 -11.88 -43.34 -20.94
C MET B 515 -13.22 -43.55 -21.68
N ARG B 516 -13.50 -42.76 -22.73
CA ARG B 516 -14.76 -42.93 -23.49
C ARG B 516 -16.04 -42.59 -22.69
N TYR B 517 -15.97 -41.57 -21.82
CA TYR B 517 -17.17 -41.16 -21.08
C TYR B 517 -17.62 -39.76 -21.47
N PRO B 518 -18.93 -39.60 -21.71
CA PRO B 518 -19.50 -38.25 -21.74
C PRO B 518 -19.31 -37.64 -20.37
N PHE B 519 -19.03 -36.35 -20.27
CA PHE B 519 -18.67 -35.74 -19.00
C PHE B 519 -19.77 -35.87 -17.94
N GLU B 520 -21.00 -36.10 -18.39
CA GLU B 520 -22.14 -36.06 -17.48
C GLU B 520 -22.56 -37.47 -17.06
N SER B 521 -22.14 -38.46 -17.84
CA SER B 521 -22.64 -39.83 -17.74
C SER B 521 -22.60 -40.41 -16.34
N ALA B 522 -23.47 -41.39 -16.11
CA ALA B 522 -23.51 -42.07 -14.82
C ALA B 522 -22.33 -43.02 -14.67
N GLU B 523 -21.44 -43.05 -15.67
CA GLU B 523 -20.17 -43.77 -15.53
C GLU B 523 -19.05 -42.82 -15.06
N ALA B 524 -19.22 -41.53 -15.33
CA ALA B 524 -18.21 -40.50 -15.07
C ALA B 524 -18.20 -40.17 -13.59
N GLN B 525 -19.31 -39.54 -13.19
CA GLN B 525 -20.08 -39.77 -11.94
C GLN B 525 -19.52 -40.91 -11.10
N LEU B 526 -19.54 -42.09 -11.73
CA LEU B 526 -19.21 -43.36 -11.09
C LEU B 526 -17.71 -43.49 -10.98
N LEU B 527 -17.03 -42.76 -11.84
CA LEU B 527 -15.58 -42.75 -11.84
C LEU B 527 -15.09 -41.60 -10.96
N ASN B 528 -15.86 -40.51 -10.96
CA ASN B 528 -15.48 -39.29 -10.24
C ASN B 528 -15.24 -39.54 -8.76
N LYS B 529 -16.13 -40.26 -8.08
CA LYS B 529 -15.72 -40.89 -6.84
C LYS B 529 -14.29 -41.41 -6.82
N GLN B 530 -14.19 -42.57 -7.45
CA GLN B 530 -13.05 -43.41 -7.28
C GLN B 530 -11.77 -42.77 -7.72
N ILE B 531 -11.84 -41.87 -8.70
CA ILE B 531 -10.66 -41.13 -9.12
C ILE B 531 -10.11 -40.36 -7.93
N PHE B 532 -11.01 -39.75 -7.17
CA PHE B 532 -10.61 -38.95 -6.01
C PHE B 532 -10.53 -39.79 -4.74
N GLU B 533 -11.12 -40.98 -4.77
CA GLU B 533 -10.85 -41.97 -3.74
C GLU B 533 -9.39 -42.37 -3.85
N THR B 534 -8.96 -42.60 -5.09
CA THR B 534 -7.63 -43.06 -5.41
C THR B 534 -6.55 -42.12 -4.90
N ILE B 535 -6.65 -40.85 -5.29
CA ILE B 535 -5.68 -39.82 -4.90
C ILE B 535 -5.57 -39.72 -3.39
N TYR B 536 -6.71 -39.52 -2.75
CA TYR B 536 -6.78 -39.36 -1.30
C TYR B 536 -6.18 -40.57 -0.58
N TYR B 537 -6.52 -41.75 -1.06
CA TYR B 537 -6.00 -42.99 -0.50
C TYR B 537 -4.48 -43.02 -0.62
N GLY B 538 -3.99 -42.79 -1.83
CA GLY B 538 -2.56 -42.75 -2.08
C GLY B 538 -1.89 -41.64 -1.29
N ALA B 539 -2.63 -40.57 -1.03
CA ALA B 539 -2.12 -39.45 -0.25
C ALA B 539 -2.01 -39.82 1.22
N LEU B 540 -3.11 -40.32 1.78
CA LEU B 540 -3.13 -40.74 3.18
C LEU B 540 -2.18 -41.90 3.43
N GLU B 541 -2.11 -42.82 2.47
CA GLU B 541 -1.17 -43.93 2.57
C GLU B 541 0.25 -43.39 2.60
N ALA B 542 0.54 -42.42 1.75
CA ALA B 542 1.87 -41.85 1.67
C ALA B 542 2.20 -40.99 2.88
N SER B 543 1.23 -40.21 3.35
CA SER B 543 1.44 -39.35 4.52
C SER B 543 1.58 -40.19 5.79
N CYS B 544 1.06 -41.41 5.75
CA CYS B 544 1.15 -42.32 6.89
C CYS B 544 2.53 -42.94 7.03
N ASP B 545 3.07 -43.41 5.91
CA ASP B 545 4.45 -43.94 5.81
C ASP B 545 5.47 -42.90 6.20
N LEU B 546 5.04 -41.65 6.18
CA LEU B 546 5.91 -40.53 6.47
C LEU B 546 5.84 -40.16 7.93
N ALA B 547 4.69 -40.42 8.55
CA ALA B 547 4.54 -40.18 9.98
C ALA B 547 5.35 -41.20 10.77
N LYS B 548 5.38 -42.43 10.30
CA LYS B 548 6.11 -43.49 10.97
C LYS B 548 7.62 -43.34 10.79
N GLU B 549 8.03 -42.37 9.99
CA GLU B 549 9.44 -42.17 9.68
C GLU B 549 10.00 -40.87 10.25
N GLN B 550 9.19 -39.82 10.25
CA GLN B 550 9.66 -38.51 10.70
C GLN B 550 8.79 -37.92 11.80
N GLY B 551 7.73 -38.63 12.16
CA GLY B 551 6.83 -38.17 13.21
C GLY B 551 5.77 -37.23 12.68
N PRO B 552 4.50 -37.50 13.03
CA PRO B 552 3.35 -36.67 12.66
C PRO B 552 3.60 -35.17 12.89
N TYR B 553 3.06 -34.32 12.03
CA TYR B 553 3.28 -32.86 12.04
C TYR B 553 2.96 -32.17 13.39
N GLU B 554 3.77 -31.20 13.85
CA GLU B 554 3.57 -30.48 15.16
C GLU B 554 2.38 -30.96 15.96
N THR B 555 1.27 -30.59 15.34
CA THR B 555 -0.05 -30.39 15.89
C THR B 555 -0.98 -31.39 15.27
N TYR B 556 -0.49 -32.63 15.16
CA TYR B 556 -1.25 -33.68 14.54
C TYR B 556 -2.48 -34.04 15.36
N GLU B 557 -2.30 -34.66 16.53
CA GLU B 557 -3.47 -34.99 17.34
C GLU B 557 -4.12 -33.82 18.08
N GLY B 558 -5.44 -33.90 18.04
CA GLY B 558 -6.35 -32.77 18.11
C GLY B 558 -7.17 -32.80 16.82
N SER B 559 -6.54 -33.28 15.74
CA SER B 559 -7.14 -33.31 14.41
C SER B 559 -8.18 -34.43 14.23
N PRO B 560 -9.19 -34.19 13.38
CA PRO B 560 -10.24 -35.15 13.03
C PRO B 560 -9.74 -36.56 12.76
N VAL B 561 -8.58 -36.68 12.12
CA VAL B 561 -8.02 -37.99 11.81
C VAL B 561 -7.42 -38.64 13.05
N SER B 562 -6.89 -37.81 13.95
CA SER B 562 -6.30 -38.31 15.18
C SER B 562 -7.39 -38.78 16.13
N LYS B 563 -8.59 -38.30 15.90
CA LYS B 563 -9.71 -38.67 16.75
C LYS B 563 -10.46 -39.78 16.04
N GLY B 564 -10.00 -40.08 14.82
CA GLY B 564 -10.35 -41.31 14.14
C GLY B 564 -11.43 -41.27 13.08
N ILE B 565 -11.84 -40.09 12.65
CA ILE B 565 -12.90 -39.97 11.65
C ILE B 565 -12.43 -39.10 10.49
N LEU B 566 -12.58 -39.59 9.27
CA LEU B 566 -11.87 -39.02 8.13
C LEU B 566 -12.71 -38.02 7.34
N GLN B 567 -12.16 -37.55 6.22
CA GLN B 567 -12.78 -36.50 5.39
C GLN B 567 -14.14 -36.89 4.83
N TYR B 568 -14.21 -38.05 4.17
CA TYR B 568 -15.49 -38.50 3.61
C TYR B 568 -16.51 -38.75 4.72
N ASP B 569 -16.03 -39.15 5.89
CA ASP B 569 -16.89 -39.40 7.02
C ASP B 569 -17.55 -38.10 7.49
N MET B 570 -16.87 -36.98 7.24
CA MET B 570 -17.42 -35.67 7.52
C MET B 570 -18.55 -35.36 6.53
N TRP B 571 -18.44 -35.93 5.34
CA TRP B 571 -19.44 -35.72 4.29
C TRP B 571 -20.58 -36.71 4.40
N ASN B 572 -20.42 -37.70 5.27
CA ASN B 572 -21.37 -38.81 5.43
C ASN B 572 -21.50 -39.63 4.16
N VAL B 573 -20.67 -39.33 3.16
CA VAL B 573 -20.62 -40.09 1.93
C VAL B 573 -19.73 -41.30 2.12
N THR B 574 -20.34 -42.43 2.49
CA THR B 574 -19.63 -43.68 2.61
C THR B 574 -19.03 -44.05 1.25
N PRO B 575 -17.77 -44.52 1.25
CA PRO B 575 -16.99 -44.65 0.01
C PRO B 575 -17.35 -45.85 -0.86
N THR B 576 -16.49 -46.15 -1.82
CA THR B 576 -16.62 -47.36 -2.64
C THR B 576 -15.47 -48.31 -2.30
N ASP B 577 -15.72 -49.60 -2.45
CA ASP B 577 -14.81 -50.64 -1.94
C ASP B 577 -13.68 -51.03 -2.91
N LEU B 578 -13.04 -50.04 -3.55
CA LEU B 578 -11.83 -50.28 -4.35
C LEU B 578 -10.95 -50.74 -3.23
N TRP B 579 -11.02 -49.82 -2.29
CA TRP B 579 -10.02 -49.48 -1.33
C TRP B 579 -10.56 -49.90 0.01
N ASP B 580 -9.76 -50.71 0.67
CA ASP B 580 -10.08 -51.15 2.00
C ASP B 580 -9.73 -50.02 2.96
N TRP B 581 -10.74 -49.24 3.34
CA TRP B 581 -10.52 -48.05 4.15
C TRP B 581 -10.32 -48.39 5.62
N LYS B 582 -10.88 -49.52 6.05
CA LYS B 582 -10.72 -49.97 7.42
C LYS B 582 -9.25 -50.12 7.79
N VAL B 583 -8.49 -50.78 6.92
CA VAL B 583 -7.09 -51.02 7.20
C VAL B 583 -6.24 -49.78 6.94
N LEU B 584 -6.81 -48.79 6.26
CA LEU B 584 -6.09 -47.53 6.10
C LEU B 584 -6.26 -46.69 7.36
N LYS B 585 -7.48 -46.71 7.91
CA LYS B 585 -7.83 -45.93 9.08
C LYS B 585 -6.91 -46.44 10.22
N GLU B 586 -6.93 -47.76 10.37
CA GLU B 586 -6.14 -48.49 11.37
C GLU B 586 -4.64 -48.26 11.20
N LYS B 587 -4.19 -48.25 9.96
CA LYS B 587 -2.79 -47.94 9.65
C LYS B 587 -2.47 -46.49 10.02
N ILE B 588 -3.41 -45.59 9.73
CA ILE B 588 -3.27 -44.19 10.10
C ILE B 588 -3.30 -44.12 11.60
N ALA B 589 -4.11 -44.98 12.21
CA ALA B 589 -4.22 -44.96 13.64
C ALA B 589 -2.96 -45.29 14.49
N LYS B 590 -2.04 -46.22 14.15
CA LYS B 590 -0.99 -46.43 15.18
C LYS B 590 -0.14 -45.18 14.98
N TYR B 591 0.29 -45.00 13.74
CA TYR B 591 1.41 -44.08 13.44
C TYR B 591 1.00 -42.61 13.32
N GLY B 592 0.01 -42.32 12.48
CA GLY B 592 -0.45 -40.96 12.25
C GLY B 592 -0.23 -40.53 10.82
N ILE B 593 -0.24 -39.22 10.58
CA ILE B 593 0.05 -38.64 9.26
C ILE B 593 0.95 -37.42 9.41
N ARG B 594 1.62 -37.05 8.32
CA ARG B 594 2.70 -36.05 8.35
C ARG B 594 2.19 -34.69 7.93
N ASN B 595 0.94 -34.71 7.50
CA ASN B 595 0.31 -33.71 6.61
C ASN B 595 -1.07 -33.36 7.12
N SER B 596 -1.32 -32.07 7.28
CA SER B 596 -2.58 -31.68 7.88
C SER B 596 -3.65 -31.86 6.82
N LEU B 597 -3.40 -31.31 5.63
CA LEU B 597 -4.31 -31.46 4.51
C LEU B 597 -3.56 -31.97 3.28
N LEU B 598 -4.25 -32.70 2.41
CA LEU B 598 -3.60 -33.38 1.29
C LEU B 598 -4.16 -32.97 -0.07
N ILE B 599 -5.45 -33.18 -0.27
CA ILE B 599 -6.07 -32.97 -1.58
C ILE B 599 -6.58 -31.54 -1.75
N ALA B 600 -6.27 -30.94 -2.89
CA ALA B 600 -6.76 -29.60 -3.21
C ALA B 600 -6.72 -29.38 -4.73
N PRO B 601 -7.80 -29.78 -5.43
CA PRO B 601 -7.92 -29.66 -6.89
C PRO B 601 -7.89 -28.22 -7.46
N MET B 602 -7.11 -27.35 -6.83
CA MET B 602 -6.33 -26.35 -7.55
C MET B 602 -6.34 -26.36 -9.10
N PRO B 603 -6.59 -25.17 -9.70
CA PRO B 603 -6.64 -25.00 -11.15
C PRO B 603 -5.26 -24.79 -11.73
N THR B 604 -5.03 -25.38 -12.91
CA THR B 604 -3.72 -25.35 -13.53
C THR B 604 -3.91 -24.90 -14.97
N ALA B 605 -3.25 -23.81 -15.36
CA ALA B 605 -3.43 -23.27 -16.71
C ALA B 605 -2.18 -23.46 -17.55
N SER B 606 -1.10 -22.75 -17.18
CA SER B 606 0.18 -22.90 -17.86
C SER B 606 0.68 -24.32 -17.69
N THR B 607 0.76 -24.75 -16.43
CA THR B 607 1.11 -26.12 -16.08
C THR B 607 0.06 -27.17 -16.53
N ALA B 608 -0.89 -26.76 -17.36
CA ALA B 608 -1.79 -27.67 -18.05
C ALA B 608 -1.65 -27.51 -19.55
N GLN B 609 -1.52 -26.27 -19.97
CA GLN B 609 -1.21 -25.94 -21.35
C GLN B 609 0.02 -26.70 -21.79
N ILE B 610 0.95 -26.84 -20.85
CA ILE B 610 2.25 -27.48 -21.09
C ILE B 610 2.15 -28.93 -21.53
N LEU B 611 1.37 -29.75 -20.83
CA LEU B 611 1.24 -31.14 -21.27
C LEU B 611 -0.18 -31.48 -21.76
N GLY B 612 -0.75 -30.55 -22.52
CA GLY B 612 -1.91 -30.81 -23.36
C GLY B 612 -3.21 -31.23 -22.71
N ASN B 613 -3.18 -31.40 -21.40
CA ASN B 613 -4.40 -31.55 -20.60
C ASN B 613 -5.13 -30.29 -20.26
N ASN B 614 -6.45 -30.44 -20.27
CA ASN B 614 -7.37 -29.34 -20.18
C ASN B 614 -7.64 -28.92 -18.76
N GLU B 615 -6.66 -28.22 -18.21
CA GLU B 615 -6.93 -27.09 -17.36
C GLU B 615 -7.86 -27.43 -16.20
N SER B 616 -7.27 -27.95 -15.13
CA SER B 616 -7.97 -28.22 -13.87
C SER B 616 -9.03 -29.30 -13.99
N ILE B 617 -9.98 -29.25 -13.08
CA ILE B 617 -11.08 -30.21 -13.05
C ILE B 617 -12.16 -29.90 -14.08
N GLU B 618 -12.27 -28.65 -14.51
CA GLU B 618 -13.31 -28.31 -15.48
C GLU B 618 -13.18 -29.12 -16.81
N PRO B 619 -14.34 -29.49 -17.39
CA PRO B 619 -14.44 -30.12 -18.71
C PRO B 619 -14.06 -29.14 -19.82
N TYR B 620 -14.01 -29.63 -21.06
CA TYR B 620 -13.73 -28.77 -22.19
C TYR B 620 -14.79 -27.69 -22.32
N THR B 621 -14.34 -26.46 -22.52
CA THR B 621 -15.21 -25.29 -22.57
C THR B 621 -15.67 -25.03 -23.98
N SER B 622 -14.70 -25.04 -24.89
CA SER B 622 -14.96 -24.86 -26.31
C SER B 622 -14.20 -25.94 -27.06
N ASN B 623 -14.93 -26.75 -27.84
CA ASN B 623 -14.30 -27.82 -28.61
C ASN B 623 -13.21 -27.28 -29.53
N ILE B 624 -13.35 -26.01 -29.90
CA ILE B 624 -12.34 -25.34 -30.70
C ILE B 624 -11.93 -24.03 -30.01
N TYR B 625 -10.65 -23.91 -29.69
CA TYR B 625 -10.14 -22.82 -28.86
C TYR B 625 -8.80 -22.32 -29.43
N THR B 626 -8.16 -21.34 -28.79
CA THR B 626 -6.93 -20.76 -29.34
C THR B 626 -5.84 -20.35 -28.34
N ARG B 627 -4.56 -20.51 -28.71
CA ARG B 627 -3.48 -19.90 -27.94
C ARG B 627 -2.65 -18.93 -28.80
N ARG B 628 -1.98 -17.99 -28.14
CA ARG B 628 -1.07 -17.08 -28.84
C ARG B 628 0.33 -17.06 -28.24
N VAL B 629 1.33 -17.41 -29.07
CA VAL B 629 2.73 -17.11 -28.78
C VAL B 629 3.42 -16.55 -30.02
N GLY B 632 2.35 -15.46 -34.49
CA GLY B 632 0.98 -15.70 -34.93
C GLY B 632 0.02 -15.97 -33.79
N GLU B 633 -1.17 -16.49 -34.15
CA GLU B 633 -2.24 -16.71 -33.18
C GLU B 633 -3.13 -17.84 -33.76
N PHE B 634 -2.91 -19.04 -33.24
CA PHE B 634 -3.13 -20.36 -33.89
C PHE B 634 -4.47 -20.96 -33.50
N GLN B 635 -5.19 -21.54 -34.44
CA GLN B 635 -6.42 -22.24 -34.10
C GLN B 635 -6.15 -23.67 -33.60
N ILE B 636 -6.74 -24.05 -32.46
CA ILE B 636 -6.63 -25.43 -32.01
C ILE B 636 -7.96 -26.08 -31.60
N VAL B 637 -8.29 -27.18 -32.28
CA VAL B 637 -9.49 -27.93 -31.95
C VAL B 637 -9.15 -29.05 -30.96
N ASN B 638 -10.17 -29.56 -30.28
CA ASN B 638 -10.01 -30.65 -29.33
C ASN B 638 -9.33 -31.85 -29.97
N PRO B 639 -8.20 -32.29 -29.39
CA PRO B 639 -7.43 -33.44 -29.87
C PRO B 639 -8.33 -34.66 -30.07
N HIS B 640 -8.56 -35.38 -28.98
CA HIS B 640 -9.65 -36.34 -28.79
C HIS B 640 -10.77 -36.31 -29.82
N LEU B 641 -11.26 -35.12 -30.10
CA LEU B 641 -12.40 -34.93 -30.99
C LEU B 641 -12.04 -35.24 -32.45
N LEU B 642 -10.94 -34.66 -32.90
CA LEU B 642 -10.45 -34.88 -34.26
C LEU B 642 -9.87 -36.28 -34.40
N LYS B 643 -9.72 -36.95 -33.27
CA LYS B 643 -9.03 -38.22 -33.18
C LYS B 643 -10.01 -39.17 -33.85
N ASP B 644 -11.28 -38.88 -33.55
CA ASP B 644 -12.47 -39.66 -33.92
C ASP B 644 -13.22 -39.15 -35.13
N LEU B 645 -13.01 -37.88 -35.49
CA LEU B 645 -13.63 -37.31 -36.68
C LEU B 645 -12.95 -37.87 -37.92
N THR B 646 -11.69 -38.25 -37.74
CA THR B 646 -10.86 -38.74 -38.82
C THR B 646 -10.94 -40.26 -38.95
N GLU B 647 -11.29 -40.93 -37.87
CA GLU B 647 -11.31 -42.36 -37.84
C GLU B 647 -12.43 -43.01 -38.68
N ARG B 648 -13.03 -42.26 -39.61
CA ARG B 648 -14.43 -42.47 -40.07
C ARG B 648 -14.98 -41.15 -40.64
N GLY B 649 -14.01 -40.29 -40.90
CA GLY B 649 -13.97 -39.48 -42.14
C GLY B 649 -14.99 -38.40 -42.30
N LEU B 650 -15.28 -37.73 -41.19
CA LEU B 650 -16.35 -36.75 -41.15
C LEU B 650 -15.76 -35.42 -40.72
N TRP B 651 -14.60 -35.10 -41.27
CA TRP B 651 -13.92 -33.85 -40.96
C TRP B 651 -13.37 -33.19 -42.22
N HIS B 652 -14.00 -32.10 -42.63
CA HIS B 652 -13.57 -31.34 -43.80
C HIS B 652 -13.57 -29.85 -43.49
N GLU B 653 -13.08 -29.05 -44.43
CA GLU B 653 -13.07 -27.60 -44.27
C GLU B 653 -14.50 -27.06 -44.22
N GLU B 654 -15.43 -27.80 -44.81
CA GLU B 654 -16.84 -27.45 -44.76
C GLU B 654 -17.48 -28.00 -43.48
N MET B 655 -16.63 -28.32 -42.51
CA MET B 655 -17.06 -28.82 -41.21
C MET B 655 -16.42 -27.98 -40.12
N LYS B 656 -15.14 -27.66 -40.30
CA LYS B 656 -14.38 -26.86 -39.36
C LYS B 656 -15.07 -25.52 -39.10
N ASN B 657 -15.43 -24.82 -40.16
CA ASN B 657 -16.08 -23.52 -40.05
C ASN B 657 -17.45 -23.61 -39.39
N GLN B 658 -18.11 -24.76 -39.54
CA GLN B 658 -19.42 -24.96 -38.93
C GLN B 658 -19.30 -25.03 -37.41
N ILE B 659 -18.27 -25.72 -36.93
CA ILE B 659 -18.05 -25.90 -35.50
C ILE B 659 -17.62 -24.60 -34.82
N ILE B 660 -16.85 -23.77 -35.53
CA ILE B 660 -16.43 -22.48 -35.01
C ILE B 660 -17.63 -21.58 -34.70
N ALA B 661 -18.63 -21.62 -35.58
CA ALA B 661 -19.84 -20.82 -35.43
C ALA B 661 -20.77 -21.49 -34.43
N CYS B 662 -20.26 -22.54 -33.79
CA CYS B 662 -21.01 -23.21 -32.75
C CYS B 662 -20.46 -23.00 -31.35
N ASN B 663 -19.29 -22.35 -31.23
CA ASN B 663 -18.64 -22.25 -29.91
C ASN B 663 -18.28 -23.63 -29.41
N GLY B 664 -18.01 -24.48 -30.40
CA GLY B 664 -17.66 -25.85 -30.17
C GLY B 664 -18.88 -26.75 -30.10
N SER B 665 -20.06 -26.15 -30.15
CA SER B 665 -21.30 -26.92 -30.07
C SER B 665 -21.42 -27.89 -31.24
N ILE B 666 -20.69 -28.99 -31.15
CA ILE B 666 -20.73 -30.04 -32.17
C ILE B 666 -22.03 -30.83 -32.11
N GLN B 667 -23.04 -30.24 -31.47
CA GLN B 667 -24.32 -30.88 -31.27
C GLN B 667 -25.32 -30.61 -32.39
N SER B 668 -25.21 -29.42 -32.98
CA SER B 668 -26.11 -29.01 -34.05
C SER B 668 -25.87 -29.83 -35.30
N ILE B 669 -24.63 -29.87 -35.75
CA ILE B 669 -24.33 -30.45 -37.06
C ILE B 669 -24.46 -31.99 -36.96
N PRO B 670 -25.40 -32.56 -37.75
CA PRO B 670 -25.84 -33.96 -37.60
C PRO B 670 -25.13 -34.98 -38.49
N GLU B 671 -23.93 -34.65 -38.93
CA GLU B 671 -23.10 -35.60 -39.68
C GLU B 671 -22.09 -36.24 -38.74
N ILE B 672 -22.23 -35.93 -37.45
CA ILE B 672 -21.37 -36.46 -36.42
C ILE B 672 -22.15 -37.37 -35.47
N PRO B 673 -21.68 -38.61 -35.27
CA PRO B 673 -22.34 -39.63 -34.43
C PRO B 673 -22.63 -39.12 -33.01
N ASP B 674 -23.78 -39.52 -32.45
CA ASP B 674 -24.30 -38.86 -31.25
C ASP B 674 -23.58 -39.45 -30.04
N ASP B 675 -22.82 -40.48 -30.33
CA ASP B 675 -21.82 -41.04 -29.44
C ASP B 675 -20.75 -39.98 -29.14
N LEU B 676 -20.44 -39.16 -30.13
CA LEU B 676 -19.44 -38.12 -29.93
C LEU B 676 -20.06 -36.80 -29.44
N LYS B 677 -21.31 -36.54 -29.82
CA LYS B 677 -22.01 -35.32 -29.42
C LYS B 677 -22.18 -35.24 -27.91
N GLN B 678 -22.64 -36.34 -27.33
CA GLN B 678 -22.76 -36.47 -25.89
C GLN B 678 -21.40 -36.33 -25.23
N LEU B 679 -20.40 -36.99 -25.80
CA LEU B 679 -19.08 -37.12 -25.20
C LEU B 679 -18.29 -35.81 -25.13
N TYR B 680 -18.18 -35.13 -26.27
CA TYR B 680 -17.55 -33.81 -26.33
C TYR B 680 -18.55 -32.69 -26.27
N LYS B 681 -19.28 -32.62 -25.17
CA LYS B 681 -20.32 -31.59 -24.97
C LYS B 681 -19.64 -30.42 -24.25
N THR B 682 -19.69 -29.23 -24.85
CA THR B 682 -19.01 -28.05 -24.29
C THR B 682 -19.64 -27.78 -22.93
N VAL B 683 -18.86 -27.26 -22.00
CA VAL B 683 -19.33 -27.15 -20.63
C VAL B 683 -20.59 -26.29 -20.51
N TRP B 684 -20.79 -25.37 -21.46
CA TRP B 684 -21.94 -24.48 -21.46
C TRP B 684 -23.26 -25.23 -21.51
N GLU B 685 -23.21 -26.32 -22.25
CA GLU B 685 -24.36 -27.08 -22.70
C GLU B 685 -24.83 -27.89 -21.53
N ILE B 686 -23.83 -28.29 -20.75
CA ILE B 686 -23.99 -29.00 -19.50
C ILE B 686 -24.69 -28.16 -18.45
N SER B 687 -25.94 -28.49 -18.13
CA SER B 687 -26.62 -27.87 -17.00
C SER B 687 -25.80 -28.15 -15.75
N GLN B 688 -25.20 -27.11 -15.19
CA GLN B 688 -24.10 -27.26 -14.23
C GLN B 688 -24.49 -27.85 -12.89
N LYS B 689 -25.67 -28.44 -12.78
CA LYS B 689 -26.19 -28.84 -11.49
C LYS B 689 -25.29 -30.02 -11.15
N THR B 690 -25.06 -30.78 -12.22
CA THR B 690 -24.29 -32.01 -12.23
C THR B 690 -22.80 -31.78 -11.96
N VAL B 691 -22.26 -30.63 -12.35
CA VAL B 691 -20.84 -30.38 -12.12
C VAL B 691 -20.56 -30.23 -10.61
N LEU B 692 -21.43 -29.51 -9.91
CA LEU B 692 -21.32 -29.25 -8.48
C LEU B 692 -21.75 -30.50 -7.72
N LYS B 693 -22.83 -31.14 -8.23
CA LYS B 693 -23.15 -32.54 -7.90
C LYS B 693 -21.85 -33.44 -7.73
N MET B 694 -21.18 -33.54 -8.86
CA MET B 694 -19.96 -34.27 -9.06
C MET B 694 -18.90 -33.82 -8.12
N ALA B 695 -18.83 -32.51 -7.93
CA ALA B 695 -17.84 -31.86 -7.03
C ALA B 695 -18.05 -32.32 -5.60
N ALA B 696 -19.29 -32.27 -5.16
CA ALA B 696 -19.66 -32.74 -3.84
C ALA B 696 -19.34 -34.22 -3.70
N GLU B 697 -19.50 -34.99 -4.77
CA GLU B 697 -19.25 -36.42 -4.68
C GLU B 697 -17.76 -36.64 -4.45
N ARG B 698 -16.96 -35.87 -5.19
CA ARG B 698 -15.51 -35.99 -5.16
C ARG B 698 -14.93 -35.16 -4.03
N GLY B 699 -15.68 -34.18 -3.57
CA GLY B 699 -15.24 -33.30 -2.51
C GLY B 699 -15.10 -34.02 -1.18
N ALA B 700 -15.81 -35.13 -1.05
CA ALA B 700 -15.77 -35.95 0.16
C ALA B 700 -14.37 -36.49 0.40
N PHE B 701 -13.61 -36.65 -0.68
CA PHE B 701 -12.26 -37.19 -0.60
C PHE B 701 -11.25 -36.10 -0.87
N ILE B 702 -11.69 -34.86 -0.71
CA ILE B 702 -10.82 -33.70 -0.84
C ILE B 702 -10.65 -33.05 0.53
N ASP B 703 -9.45 -33.16 1.08
CA ASP B 703 -9.11 -32.56 2.37
C ASP B 703 -9.51 -31.10 2.43
N GLN B 704 -9.00 -30.33 1.47
CA GLN B 704 -9.32 -28.92 1.37
C GLN B 704 -10.49 -28.76 0.41
N SER B 705 -10.41 -27.80 -0.49
CA SER B 705 -11.51 -27.55 -1.42
C SER B 705 -11.08 -27.74 -2.87
N GLN B 706 -12.00 -27.46 -3.79
CA GLN B 706 -11.72 -27.60 -5.21
C GLN B 706 -12.17 -26.37 -5.99
N SER B 707 -11.26 -25.79 -6.75
CA SER B 707 -11.57 -24.63 -7.60
C SER B 707 -12.46 -25.03 -8.77
N LEU B 708 -13.76 -24.80 -8.63
CA LEU B 708 -14.71 -25.17 -9.67
C LEU B 708 -15.20 -23.95 -10.47
N ASN B 709 -15.03 -23.90 -11.79
CA ASN B 709 -15.68 -22.78 -12.45
C ASN B 709 -17.03 -23.22 -12.96
N ILE B 710 -17.88 -22.21 -13.13
CA ILE B 710 -19.25 -22.36 -13.52
C ILE B 710 -19.49 -21.66 -14.85
N HIS B 711 -20.01 -22.40 -15.82
CA HIS B 711 -20.25 -21.85 -17.14
C HIS B 711 -21.73 -21.92 -17.53
N ILE B 712 -22.34 -20.76 -17.67
CA ILE B 712 -23.64 -20.63 -18.30
C ILE B 712 -23.67 -19.37 -19.15
N ALA B 713 -23.68 -19.54 -20.46
CA ALA B 713 -23.62 -18.42 -21.37
C ALA B 713 -24.84 -17.52 -21.24
N GLU B 714 -25.84 -17.97 -20.50
CA GLU B 714 -27.10 -17.25 -20.49
C GLU B 714 -27.65 -17.24 -19.06
N PRO B 715 -27.00 -16.44 -18.20
CA PRO B 715 -27.16 -16.45 -16.75
C PRO B 715 -28.30 -15.55 -16.27
N ASN B 716 -29.33 -16.19 -15.73
CA ASN B 716 -30.49 -15.49 -15.24
C ASN B 716 -30.20 -15.10 -13.79
N TYR B 717 -31.19 -14.73 -13.01
CA TYR B 717 -30.90 -14.50 -11.60
C TYR B 717 -31.23 -15.76 -10.78
N GLY B 718 -32.38 -16.39 -11.03
CA GLY B 718 -32.79 -17.56 -10.27
C GLY B 718 -31.97 -18.77 -10.70
N LYS B 719 -31.78 -18.86 -12.03
CA LYS B 719 -30.79 -19.69 -12.80
C LYS B 719 -29.34 -19.54 -12.39
N LEU B 720 -29.03 -18.46 -11.67
CA LEU B 720 -27.81 -18.34 -10.88
C LEU B 720 -28.09 -18.59 -9.40
N THR B 721 -29.26 -18.15 -8.92
CA THR B 721 -29.68 -18.36 -7.53
C THR B 721 -29.75 -19.85 -7.20
N SER B 722 -30.44 -20.59 -8.06
CA SER B 722 -30.61 -22.03 -7.86
C SER B 722 -29.34 -22.80 -8.15
N MET B 723 -28.29 -22.09 -8.55
CA MET B 723 -27.01 -22.71 -8.81
C MET B 723 -26.20 -22.84 -7.51
N HIS B 724 -25.97 -21.70 -6.86
CA HIS B 724 -25.24 -21.67 -5.60
C HIS B 724 -25.93 -22.53 -4.54
N PHE B 725 -27.23 -22.35 -4.42
CA PHE B 725 -27.99 -23.05 -3.41
C PHE B 725 -28.03 -24.55 -3.65
N TYR B 726 -27.67 -24.99 -4.85
CA TYR B 726 -27.48 -26.42 -5.06
C TYR B 726 -26.17 -26.82 -4.42
N GLY B 727 -25.12 -26.10 -4.79
CA GLY B 727 -23.77 -26.37 -4.32
C GLY B 727 -23.63 -26.26 -2.83
N TRP B 728 -24.21 -25.22 -2.24
CA TRP B 728 -24.16 -25.04 -0.80
C TRP B 728 -24.98 -26.09 -0.08
N LYS B 729 -26.24 -26.22 -0.50
CA LYS B 729 -27.12 -27.25 0.03
C LYS B 729 -26.50 -28.64 0.04
N GLN B 730 -25.74 -29.02 -1.00
CA GLN B 730 -25.33 -30.42 -0.96
C GLN B 730 -23.79 -30.36 -0.68
N GLY B 731 -23.40 -29.47 0.23
CA GLY B 731 -22.14 -29.71 0.93
C GLY B 731 -20.82 -29.08 0.53
N LEU B 732 -20.76 -28.37 -0.59
CA LEU B 732 -19.47 -27.90 -1.10
C LEU B 732 -18.73 -26.90 -0.19
N LYS B 733 -17.40 -26.95 -0.23
CA LYS B 733 -16.57 -25.98 0.48
C LYS B 733 -16.34 -24.76 -0.42
N THR B 734 -16.00 -25.03 -1.68
CA THR B 734 -15.96 -23.99 -2.70
C THR B 734 -17.13 -24.17 -3.65
N GLY B 735 -18.02 -23.18 -3.68
CA GLY B 735 -19.21 -23.25 -4.50
C GLY B 735 -18.98 -22.84 -5.94
N MET B 736 -18.13 -21.83 -6.15
CA MET B 736 -17.87 -21.32 -7.48
C MET B 736 -16.60 -20.48 -7.57
N TYR B 737 -15.77 -20.78 -8.55
CA TYR B 737 -14.61 -19.96 -8.86
C TYR B 737 -15.05 -18.75 -9.66
N TYR B 738 -14.88 -18.81 -10.98
CA TYR B 738 -15.32 -17.74 -11.87
C TYR B 738 -16.69 -18.04 -12.48
N LEU B 739 -17.34 -16.99 -12.98
CA LEU B 739 -18.53 -17.13 -13.80
C LEU B 739 -18.17 -16.84 -15.24
N ARG B 740 -18.47 -17.76 -16.15
CA ARG B 740 -18.21 -17.47 -17.54
C ARG B 740 -19.50 -17.44 -18.35
N THR B 741 -19.57 -16.43 -19.21
CA THR B 741 -20.74 -16.15 -20.02
C THR B 741 -20.27 -15.96 -21.45
N ARG B 742 -20.42 -14.73 -21.95
CA ARG B 742 -19.82 -14.29 -23.21
C ARG B 742 -20.10 -12.81 -23.44
#